data_7W3Y
#
_entry.id   7W3Y
#
_cell.length_a   1.00
_cell.length_b   1.00
_cell.length_c   1.00
_cell.angle_alpha   90.00
_cell.angle_beta   90.00
_cell.angle_gamma   90.00
#
_symmetry.space_group_name_H-M   'P 1'
#
_entity_poly.entity_id   1
_entity_poly.type   'polypeptide(L)'
_entity_poly.pdbx_seq_one_letter_code
;MAAGVAAWLPFARAAAIGWMPVANCPMPLAPADKNKRQDELIVLNVSGRRFQTWRTTLERYPDTLLGSTEKEFFFNEDTK
EYFFDRDPEVFRCVLNFYRTGKLHYPRYECISAYDDELAFYGILPEIIGDCCYEEYKDRKRENAERLMDDNDSENNQESM
PSLSFRQTMWRAFENPHTSTLALVFYYVTGFFIAVSVITNVVETVPCGTVPGSKELPCGERYSVAFFCLDTACVMIFTVE
YLLRLFAAPSRYRFIRSVMSIIDVVAIMPYYIGLVMTNNEDVSGAFVTLRVFRVFRIFKFSRHSQGLRILGYTLKSCASE
LGFLLFSLTMAIIIFATVMFYAEKGSSASKFTSIPASFWYTIVTMTTLGYGDMVPKTIAGKIFGSICSLSGVLVIALPVP
VIVSNFSRIYHQNQRADKRRAQKKARLARIRVAKTGSSNAYLHSKRNGLLNEALELTGTPEEEHMGKTTSLIESQHHHLL
HCLEKTTNHEFIDEQMFEQNCMESSMQNYPSTRSPSLSSHPGLTTTCCSRRSKKTTHLPNSNLPATRLRSMQELSTIHIQ
GSEQPSLTTSRSSLNLKADDGLRPNCKTSQITTAIISIPTPPALTPEGESRPPPASPGPNTNIPSIASNVVKVSALLEGG
SSGGWSHPQFEK
;
_entity_poly.pdbx_strand_id   A,B,C,D
#
# COMPACT_ATOMS: atom_id res chain seq x y z
N GLU A 40 7.24 33.80 48.71
CA GLU A 40 6.23 34.69 48.14
C GLU A 40 5.76 34.20 46.79
N LEU A 41 4.47 34.40 46.50
CA LEU A 41 3.86 33.96 45.26
C LEU A 41 4.31 34.89 44.14
N ILE A 42 5.48 34.61 43.58
CA ILE A 42 5.99 35.44 42.50
C ILE A 42 5.12 35.25 41.27
N VAL A 43 4.67 36.36 40.69
CA VAL A 43 3.72 36.36 39.58
C VAL A 43 4.47 36.74 38.31
N LEU A 44 4.11 36.07 37.22
CA LEU A 44 4.74 36.23 35.92
C LEU A 44 3.65 36.61 34.92
N ASN A 45 3.49 37.89 34.66
CA ASN A 45 2.59 38.35 33.59
C ASN A 45 3.39 38.39 32.29
N VAL A 46 3.73 37.20 31.82
CA VAL A 46 4.46 37.06 30.57
C VAL A 46 3.56 37.51 29.43
N SER A 47 3.88 38.66 28.84
CA SER A 47 3.10 39.24 27.76
C SER A 47 1.62 39.31 28.12
N GLY A 48 1.33 39.64 29.38
CA GLY A 48 -0.02 39.77 29.86
C GLY A 48 -0.65 38.52 30.42
N ARG A 49 -0.18 37.34 30.02
CA ARG A 49 -0.70 36.11 30.59
C ARG A 49 -0.05 35.89 31.96
N ARG A 50 -0.89 35.78 32.98
CA ARG A 50 -0.44 35.80 34.37
C ARG A 50 -0.35 34.38 34.90
N PHE A 51 0.87 33.89 35.07
CA PHE A 51 1.16 32.70 35.87
C PHE A 51 1.65 33.14 37.24
N GLN A 52 1.85 32.16 38.12
CA GLN A 52 2.20 32.48 39.50
C GLN A 52 2.72 31.23 40.19
N THR A 53 3.86 31.36 40.88
CA THR A 53 4.52 30.20 41.47
C THR A 53 5.37 30.68 42.63
N TRP A 54 5.66 29.76 43.56
CA TRP A 54 6.61 30.01 44.63
C TRP A 54 8.02 30.07 44.08
N ARG A 55 8.84 30.96 44.64
CA ARG A 55 10.24 31.03 44.26
C ARG A 55 11.00 29.78 44.68
N THR A 56 10.54 29.09 45.72
CA THR A 56 11.20 27.86 46.15
C THR A 56 11.35 26.89 44.99
N THR A 57 10.28 26.66 44.23
CA THR A 57 10.38 25.80 43.06
C THR A 57 10.99 26.54 41.88
N LEU A 58 10.87 27.87 41.83
CA LEU A 58 11.49 28.64 40.75
C LEU A 58 13.01 28.58 40.80
N GLU A 59 13.57 28.34 41.99
CA GLU A 59 15.01 28.24 42.16
C GLU A 59 15.52 26.81 42.04
N ARG A 60 14.67 25.87 41.61
CA ARG A 60 15.06 24.47 41.53
C ARG A 60 16.25 24.25 40.61
N TYR A 61 16.39 25.07 39.58
CA TYR A 61 17.47 24.93 38.61
C TYR A 61 17.89 26.31 38.13
N PRO A 62 18.69 27.02 38.93
CA PRO A 62 19.00 28.42 38.61
C PRO A 62 20.09 28.59 37.57
N ASP A 63 20.40 27.54 36.81
CA ASP A 63 21.40 27.63 35.76
C ASP A 63 20.80 28.03 34.41
N THR A 64 19.68 28.77 34.42
CA THR A 64 19.09 29.31 33.19
C THR A 64 18.59 30.73 33.43
N LEU A 65 17.76 31.24 32.53
CA LEU A 65 17.33 32.64 32.61
C LEU A 65 16.45 32.89 33.84
N LEU A 66 15.38 32.11 33.99
CA LEU A 66 14.41 32.43 35.03
C LEU A 66 14.84 31.92 36.40
N GLY A 67 15.57 30.80 36.44
CA GLY A 67 16.03 30.29 37.72
C GLY A 67 17.07 31.19 38.37
N SER A 68 17.97 31.75 37.57
CA SER A 68 19.04 32.59 38.08
C SER A 68 18.51 33.99 38.39
N THR A 69 19.41 34.95 38.59
CA THR A 69 19.02 36.30 38.97
C THR A 69 19.32 37.32 37.88
N GLU A 70 19.61 36.91 36.65
CA GLU A 70 19.76 37.88 35.58
C GLU A 70 18.44 38.23 34.91
N LYS A 71 17.36 37.51 35.24
CA LYS A 71 16.03 37.93 34.81
C LYS A 71 15.60 39.23 35.48
N GLU A 72 16.27 39.62 36.55
CA GLU A 72 15.95 40.86 37.25
C GLU A 72 16.06 42.09 36.36
N PHE A 73 16.69 41.96 35.19
CA PHE A 73 16.69 43.07 34.24
C PHE A 73 15.29 43.42 33.79
N PHE A 74 14.46 42.42 33.51
CA PHE A 74 13.08 42.63 33.11
C PHE A 74 12.15 42.78 34.31
N PHE A 75 12.70 42.97 35.50
CA PHE A 75 11.93 42.94 36.74
C PHE A 75 11.60 44.37 37.16
N ASN A 76 10.59 44.95 36.50
CA ASN A 76 10.11 46.28 36.88
C ASN A 76 9.26 46.15 38.14
N GLU A 77 9.88 46.40 39.30
CA GLU A 77 9.15 46.30 40.55
C GLU A 77 8.08 47.36 40.70
N ASP A 78 7.89 48.22 39.69
CA ASP A 78 6.65 48.99 39.58
C ASP A 78 5.43 48.06 39.67
N THR A 79 5.60 46.80 39.30
CA THR A 79 4.59 45.77 39.45
C THR A 79 5.07 44.58 40.29
N LYS A 80 6.37 44.52 40.60
CA LYS A 80 6.98 43.39 41.32
C LYS A 80 6.70 42.08 40.59
N GLU A 81 6.57 42.15 39.28
CA GLU A 81 6.32 41.00 38.44
C GLU A 81 7.26 41.05 37.25
N TYR A 82 7.85 39.91 36.93
CA TYR A 82 8.84 39.84 35.85
C TYR A 82 8.09 39.90 34.53
N PHE A 83 7.76 41.11 34.11
CA PHE A 83 7.01 41.34 32.88
C PHE A 83 7.86 40.94 31.69
N PHE A 84 7.42 39.92 30.95
CA PHE A 84 8.17 39.34 29.86
C PHE A 84 7.40 39.51 28.56
N ASP A 85 8.07 40.02 27.53
CA ASP A 85 7.46 40.14 26.20
C ASP A 85 7.88 38.96 25.33
N ARG A 86 7.47 37.77 25.77
CA ARG A 86 7.66 36.55 25.00
C ARG A 86 6.31 35.89 24.73
N ASP A 87 6.31 34.75 24.08
CA ASP A 87 5.05 34.07 23.80
C ASP A 87 4.42 33.61 25.11
N PRO A 88 3.11 33.79 25.28
CA PRO A 88 2.45 33.34 26.52
C PRO A 88 2.06 31.87 26.53
N GLU A 89 2.42 31.09 25.52
CA GLU A 89 2.05 29.68 25.50
C GLU A 89 3.25 28.75 25.38
N VAL A 90 4.46 29.28 25.32
CA VAL A 90 5.65 28.46 25.44
C VAL A 90 6.19 28.49 26.86
N PHE A 91 5.91 29.57 27.60
CA PHE A 91 6.27 29.65 29.01
C PHE A 91 5.57 28.58 29.82
N ARG A 92 4.42 28.09 29.33
CA ARG A 92 3.71 27.02 30.03
C ARG A 92 4.60 25.81 30.22
N CYS A 93 5.25 25.35 29.14
CA CYS A 93 6.18 24.22 29.27
C CYS A 93 7.34 24.56 30.20
N VAL A 94 7.72 25.84 30.26
CA VAL A 94 8.82 26.23 31.13
C VAL A 94 8.46 26.00 32.59
N LEU A 95 7.35 26.57 33.04
CA LEU A 95 7.03 26.41 34.45
C LEU A 95 6.52 25.00 34.74
N ASN A 96 6.05 24.28 33.71
CA ASN A 96 5.78 22.87 33.92
C ASN A 96 7.05 22.06 34.11
N PHE A 97 8.14 22.41 33.44
CA PHE A 97 9.44 21.84 33.76
C PHE A 97 9.83 22.16 35.20
N TYR A 98 9.70 23.43 35.60
CA TYR A 98 10.06 23.81 36.96
C TYR A 98 9.16 23.15 38.00
N ARG A 99 7.99 22.68 37.59
CA ARG A 99 7.15 21.89 38.50
C ARG A 99 7.60 20.44 38.55
N THR A 100 7.56 19.75 37.42
CA THR A 100 7.80 18.32 37.38
C THR A 100 9.28 17.98 37.51
N GLY A 101 10.15 18.76 36.88
CA GLY A 101 11.55 18.42 36.73
C GLY A 101 11.94 18.11 35.30
N LYS A 102 10.98 18.00 34.40
CA LYS A 102 11.25 17.79 32.98
C LYS A 102 10.18 18.53 32.18
N LEU A 103 10.56 18.98 30.99
CA LEU A 103 9.67 19.71 30.11
C LEU A 103 9.16 18.81 29.00
N HIS A 104 7.89 18.99 28.66
CA HIS A 104 7.26 18.24 27.58
C HIS A 104 7.32 19.04 26.29
N TYR A 105 6.83 18.43 25.22
CA TYR A 105 6.82 19.05 23.89
C TYR A 105 5.45 18.89 23.26
N PRO A 106 4.65 19.93 23.19
CA PRO A 106 3.35 19.82 22.50
C PRO A 106 3.53 19.76 21.00
N ARG A 107 2.47 19.28 20.33
CA ARG A 107 2.59 18.94 18.91
C ARG A 107 2.45 20.16 18.01
N TYR A 108 1.31 20.85 18.09
CA TYR A 108 0.81 21.66 16.99
C TYR A 108 1.71 22.84 16.61
N GLU A 109 2.27 23.56 17.57
CA GLU A 109 2.93 24.81 17.23
C GLU A 109 4.24 24.55 16.48
N CYS A 110 4.61 25.52 15.64
CA CYS A 110 5.81 25.39 14.83
C CYS A 110 7.04 25.22 15.71
N ILE A 111 7.80 24.15 15.47
CA ILE A 111 8.95 23.87 16.30
C ILE A 111 10.03 24.93 16.16
N SER A 112 9.94 25.76 15.12
CA SER A 112 10.88 26.86 14.98
C SER A 112 10.75 27.84 16.14
N ALA A 113 9.53 28.31 16.39
CA ALA A 113 9.29 29.19 17.53
C ALA A 113 9.59 28.49 18.85
N TYR A 114 9.31 27.19 18.93
CA TYR A 114 9.64 26.41 20.12
C TYR A 114 11.13 26.49 20.41
N ASP A 115 11.95 26.18 19.41
CA ASP A 115 13.39 26.23 19.58
C ASP A 115 13.86 27.66 19.90
N ASP A 116 13.30 28.65 19.22
CA ASP A 116 13.66 30.04 19.50
C ASP A 116 13.43 30.38 20.96
N GLU A 117 12.25 30.04 21.48
CA GLU A 117 11.90 30.46 22.84
C GLU A 117 12.60 29.62 23.89
N LEU A 118 12.90 28.35 23.62
CA LEU A 118 13.69 27.58 24.56
C LEU A 118 15.14 28.05 24.57
N ALA A 119 15.64 28.55 23.44
CA ALA A 119 16.97 29.14 23.43
C ALA A 119 16.97 30.48 24.13
N PHE A 120 15.86 31.21 24.06
CA PHE A 120 15.80 32.50 24.73
C PHE A 120 15.93 32.34 26.24
N TYR A 121 15.36 31.27 26.81
CA TYR A 121 15.50 31.00 28.23
C TYR A 121 16.77 30.23 28.56
N GLY A 122 17.59 29.93 27.57
CA GLY A 122 18.82 29.21 27.82
C GLY A 122 18.64 27.77 28.23
N ILE A 123 17.51 27.16 27.91
CA ILE A 123 17.27 25.75 28.23
C ILE A 123 17.60 24.92 27.00
N LEU A 124 18.06 23.68 27.22
CA LEU A 124 18.64 22.90 26.14
C LEU A 124 17.66 21.83 25.66
N PRO A 125 17.55 21.62 24.35
CA PRO A 125 16.72 20.51 23.85
C PRO A 125 17.19 19.14 24.32
N GLU A 126 18.45 19.01 24.72
CA GLU A 126 18.93 17.74 25.26
C GLU A 126 18.14 17.33 26.50
N ILE A 127 17.79 18.30 27.35
CA ILE A 127 17.11 18.00 28.62
C ILE A 127 15.69 17.50 28.40
N ILE A 128 15.19 17.54 27.16
CA ILE A 128 13.81 17.17 26.89
C ILE A 128 13.58 15.72 27.31
N GLY A 129 12.62 15.51 28.21
CA GLY A 129 12.34 14.19 28.70
C GLY A 129 11.91 13.25 27.59
N ASP A 130 12.17 11.96 27.81
CA ASP A 130 11.80 10.95 26.84
C ASP A 130 10.29 10.77 26.72
N CYS A 131 9.51 11.44 27.56
CA CYS A 131 8.06 11.42 27.43
C CYS A 131 7.64 11.82 26.01
N CYS A 132 8.29 12.85 25.46
CA CYS A 132 8.09 13.28 24.08
C CYS A 132 9.44 13.74 23.56
N TYR A 133 10.18 12.83 22.95
CA TYR A 133 11.51 13.14 22.44
C TYR A 133 11.71 12.74 20.99
N GLU A 134 11.13 11.61 20.57
CA GLU A 134 11.41 11.09 19.24
C GLU A 134 10.72 11.92 18.16
N GLU A 135 9.48 12.36 18.41
CA GLU A 135 8.84 13.23 17.45
C GLU A 135 9.48 14.61 17.42
N TYR A 136 10.15 15.00 18.50
CA TYR A 136 10.96 16.22 18.45
C TYR A 136 12.06 16.09 17.41
N LYS A 137 12.84 15.02 17.48
CA LYS A 137 13.87 14.75 16.49
C LYS A 137 13.27 14.65 15.08
N ASP A 138 12.11 14.00 14.98
CA ASP A 138 11.39 13.92 13.71
C ASP A 138 11.15 15.30 13.11
N ARG A 139 10.52 16.18 13.89
CA ARG A 139 10.19 17.52 13.41
C ARG A 139 11.44 18.30 13.05
N LYS A 140 12.48 18.23 13.88
CA LYS A 140 13.72 18.92 13.54
C LYS A 140 14.30 18.40 12.24
N ARG A 141 14.29 17.08 12.04
CA ARG A 141 14.82 16.50 10.82
C ARG A 141 14.07 17.03 9.59
N GLU A 142 12.75 16.93 9.61
CA GLU A 142 12.01 17.35 8.42
C GLU A 142 12.03 18.86 8.23
N ASN A 143 12.17 19.63 9.31
CA ASN A 143 12.36 21.06 9.17
C ASN A 143 13.68 21.36 8.50
N ALA A 144 14.73 20.60 8.84
CA ALA A 144 16.02 20.78 8.18
C ALA A 144 15.94 20.40 6.71
N GLU A 145 15.22 19.32 6.38
CA GLU A 145 15.05 18.96 4.98
C GLU A 145 14.25 20.02 4.22
N ARG A 146 13.29 20.66 4.89
CA ARG A 146 12.56 21.74 4.24
C ARG A 146 13.48 22.92 3.97
N LEU A 147 14.10 23.46 5.02
CA LEU A 147 14.99 24.60 4.84
C LEU A 147 16.34 24.20 4.25
N MET A 148 16.49 22.96 3.81
CA MET A 148 17.72 22.50 3.16
C MET A 148 17.98 23.27 1.86
N LEU A 163 37.90 30.80 -13.57
CA LEU A 163 36.52 31.07 -13.91
C LEU A 163 36.43 31.73 -15.28
N SER A 164 37.60 31.99 -15.87
CA SER A 164 37.63 32.56 -17.22
C SER A 164 37.32 31.51 -18.27
N PHE A 165 37.92 30.33 -18.13
CA PHE A 165 37.67 29.24 -19.06
C PHE A 165 37.29 27.94 -18.37
N ARG A 166 37.91 27.63 -17.22
CA ARG A 166 37.68 26.35 -16.57
C ARG A 166 36.28 26.29 -15.95
N GLN A 167 35.99 27.20 -15.04
CA GLN A 167 34.69 27.17 -14.37
C GLN A 167 33.54 27.48 -15.31
N THR A 168 33.79 28.18 -16.40
CA THR A 168 32.77 28.31 -17.44
C THR A 168 32.30 26.94 -17.90
N MET A 169 33.25 26.08 -18.28
CA MET A 169 32.90 24.73 -18.70
C MET A 169 32.30 23.93 -17.54
N TRP A 170 32.85 24.07 -16.34
CA TRP A 170 32.38 23.24 -15.25
C TRP A 170 31.01 23.68 -14.74
N ARG A 171 30.55 24.87 -15.11
CA ARG A 171 29.18 25.25 -14.83
C ARG A 171 28.26 25.01 -16.00
N ALA A 172 28.81 24.97 -17.23
CA ALA A 172 27.99 24.60 -18.37
C ALA A 172 27.63 23.12 -18.33
N PHE A 173 28.57 22.28 -17.90
CA PHE A 173 28.35 20.84 -17.92
C PHE A 173 27.22 20.43 -16.98
N GLU A 174 27.32 20.81 -15.71
CA GLU A 174 26.34 20.35 -14.72
C GLU A 174 24.95 20.91 -14.99
N ASN A 175 24.85 22.20 -15.28
CA ASN A 175 23.56 22.83 -15.49
C ASN A 175 23.40 23.13 -16.96
N PRO A 176 22.74 22.25 -17.73
CA PRO A 176 22.63 22.49 -19.17
C PRO A 176 21.68 23.61 -19.52
N HIS A 177 20.67 23.88 -18.71
CA HIS A 177 19.64 24.84 -19.08
C HIS A 177 20.07 26.29 -18.90
N THR A 178 21.14 26.54 -18.15
CA THR A 178 21.56 27.92 -17.92
C THR A 178 22.04 28.57 -19.21
N SER A 179 23.10 28.03 -19.80
CA SER A 179 23.58 28.55 -21.07
C SER A 179 22.71 28.01 -22.21
N THR A 180 23.06 28.40 -23.43
CA THR A 180 22.47 27.78 -24.61
C THR A 180 23.47 26.91 -25.36
N LEU A 181 24.76 27.27 -25.32
CA LEU A 181 25.78 26.32 -25.75
C LEU A 181 25.74 25.06 -24.89
N ALA A 182 25.32 25.19 -23.64
CA ALA A 182 25.19 24.02 -22.78
C ALA A 182 24.15 23.05 -23.34
N LEU A 183 23.04 23.56 -23.86
CA LEU A 183 22.08 22.66 -24.51
C LEU A 183 22.65 22.06 -25.78
N VAL A 184 23.32 22.88 -26.60
CA VAL A 184 23.82 22.33 -27.86
C VAL A 184 24.93 21.33 -27.62
N PHE A 185 25.47 21.27 -26.41
CA PHE A 185 26.40 20.20 -26.04
C PHE A 185 25.67 19.02 -25.43
N TYR A 186 24.75 19.29 -24.51
CA TYR A 186 23.98 18.25 -23.83
C TYR A 186 23.20 17.39 -24.82
N TYR A 187 22.40 18.01 -25.68
CA TYR A 187 21.62 17.26 -26.64
C TYR A 187 22.50 16.57 -27.68
N VAL A 188 23.57 17.20 -28.14
CA VAL A 188 24.40 16.57 -29.15
C VAL A 188 25.18 15.39 -28.57
N THR A 189 25.48 15.41 -27.28
CA THR A 189 26.15 14.26 -26.69
C THR A 189 25.18 13.21 -26.20
N GLY A 190 23.90 13.57 -26.03
CA GLY A 190 22.90 12.58 -25.76
C GLY A 190 22.32 11.94 -27.00
N PHE A 191 22.50 12.55 -28.15
CA PHE A 191 22.09 11.95 -29.41
C PHE A 191 23.04 10.84 -29.84
N PHE A 192 24.34 11.01 -29.62
CA PHE A 192 25.28 9.99 -30.05
C PHE A 192 25.23 8.76 -29.15
N ILE A 193 24.83 8.93 -27.89
CA ILE A 193 24.57 7.77 -27.05
C ILE A 193 23.49 6.90 -27.68
N ALA A 194 22.39 7.52 -28.09
CA ALA A 194 21.31 6.77 -28.72
C ALA A 194 21.79 6.15 -30.02
N VAL A 195 22.61 6.87 -30.78
CA VAL A 195 23.13 6.31 -32.03
C VAL A 195 23.92 5.04 -31.75
N SER A 196 24.81 5.09 -30.76
CA SER A 196 25.65 3.92 -30.48
C SER A 196 24.80 2.77 -29.95
N VAL A 197 23.83 3.05 -29.09
CA VAL A 197 22.94 2.00 -28.61
C VAL A 197 22.24 1.32 -29.78
N ILE A 198 21.68 2.12 -30.68
CA ILE A 198 20.90 1.56 -31.77
C ILE A 198 21.80 0.76 -32.71
N THR A 199 22.99 1.27 -33.00
CA THR A 199 23.84 0.50 -33.92
C THR A 199 24.36 -0.77 -33.27
N ASN A 200 24.62 -0.77 -31.97
CA ASN A 200 25.01 -2.01 -31.32
C ASN A 200 23.88 -3.03 -31.34
N VAL A 201 22.64 -2.58 -31.15
CA VAL A 201 21.51 -3.49 -31.24
C VAL A 201 21.36 -4.04 -32.65
N VAL A 202 21.52 -3.19 -33.65
CA VAL A 202 21.22 -3.58 -35.01
C VAL A 202 22.33 -4.39 -35.66
N GLU A 203 23.57 -4.26 -35.21
CA GLU A 203 24.65 -5.01 -35.85
C GLU A 203 24.49 -6.52 -35.71
N THR A 204 23.48 -6.95 -34.96
CA THR A 204 23.23 -8.37 -34.75
C THR A 204 22.05 -8.89 -35.55
N VAL A 205 21.28 -8.01 -36.19
CA VAL A 205 20.12 -8.47 -36.94
C VAL A 205 20.59 -9.19 -38.19
N PRO A 206 20.18 -10.43 -38.42
CA PRO A 206 20.52 -11.08 -39.69
C PRO A 206 19.64 -10.54 -40.79
N CYS A 207 20.20 -9.71 -41.66
CA CYS A 207 19.44 -9.07 -42.71
C CYS A 207 20.24 -9.11 -44.01
N GLY A 208 19.55 -9.44 -45.09
CA GLY A 208 20.21 -9.61 -46.37
C GLY A 208 20.31 -11.08 -46.72
N THR A 209 19.43 -11.55 -47.60
CA THR A 209 19.44 -12.97 -47.96
C THR A 209 20.68 -13.33 -48.78
N VAL A 210 21.14 -12.40 -49.63
CA VAL A 210 22.36 -12.52 -50.44
C VAL A 210 22.52 -13.92 -51.00
N PRO A 211 21.71 -14.29 -52.01
CA PRO A 211 21.70 -15.68 -52.50
C PRO A 211 23.07 -16.24 -52.87
N GLY A 212 24.01 -15.37 -53.25
CA GLY A 212 25.32 -15.85 -53.66
C GLY A 212 26.14 -16.44 -52.53
N SER A 213 25.90 -15.99 -51.29
CA SER A 213 26.64 -16.44 -50.13
C SER A 213 25.66 -16.86 -49.04
N LYS A 214 26.20 -17.21 -47.88
CA LYS A 214 25.37 -17.70 -46.78
C LYS A 214 24.66 -16.53 -46.09
N GLU A 215 23.96 -16.84 -45.00
CA GLU A 215 23.19 -15.85 -44.26
C GLU A 215 24.10 -15.19 -43.25
N LEU A 216 24.08 -13.86 -43.22
CA LEU A 216 25.00 -13.08 -42.41
C LEU A 216 24.24 -12.00 -41.62
N PRO A 217 24.72 -11.71 -40.41
CA PRO A 217 24.23 -10.52 -39.73
C PRO A 217 24.83 -9.27 -40.33
N CYS A 218 24.13 -8.14 -40.17
CA CYS A 218 24.59 -6.89 -40.77
C CYS A 218 25.96 -6.51 -40.26
N GLY A 219 26.18 -6.63 -38.94
CA GLY A 219 27.40 -6.13 -38.36
C GLY A 219 28.67 -6.71 -38.95
N GLU A 220 28.58 -7.89 -39.54
CA GLU A 220 29.74 -8.49 -40.19
C GLU A 220 29.63 -8.51 -41.70
N ARG A 221 28.52 -8.04 -42.26
CA ARG A 221 28.42 -7.86 -43.70
C ARG A 221 28.92 -6.49 -44.12
N TYR A 222 28.38 -5.44 -43.50
CA TYR A 222 28.84 -4.07 -43.71
C TYR A 222 29.82 -3.73 -42.60
N SER A 223 31.01 -4.33 -42.68
CA SER A 223 31.96 -4.24 -41.58
C SER A 223 32.38 -2.80 -41.32
N VAL A 224 32.94 -2.14 -42.35
CA VAL A 224 33.51 -0.82 -42.15
C VAL A 224 32.42 0.22 -41.93
N ALA A 225 31.24 0.02 -42.52
CA ALA A 225 30.16 0.98 -42.32
C ALA A 225 29.73 1.03 -40.87
N PHE A 226 29.88 -0.07 -40.13
CA PHE A 226 29.60 -0.08 -38.70
C PHE A 226 30.82 0.30 -37.89
N PHE A 227 32.01 -0.04 -38.37
CA PHE A 227 33.23 0.38 -37.70
C PHE A 227 33.32 1.90 -37.62
N CYS A 228 32.92 2.59 -38.69
CA CYS A 228 32.99 4.04 -38.69
C CYS A 228 32.01 4.65 -37.69
N LEU A 229 30.79 4.12 -37.63
CA LEU A 229 29.83 4.58 -36.64
C LEU A 229 30.37 4.39 -35.24
N ASP A 230 30.91 3.20 -34.95
CA ASP A 230 31.44 2.93 -33.63
C ASP A 230 32.59 3.87 -33.30
N THR A 231 33.49 4.08 -34.26
CA THR A 231 34.63 4.96 -34.02
C THR A 231 34.19 6.39 -33.78
N ALA A 232 33.23 6.88 -34.57
CA ALA A 232 32.76 8.25 -34.38
C ALA A 232 32.15 8.43 -32.99
N CYS A 233 31.24 7.54 -32.61
CA CYS A 233 30.62 7.71 -31.30
C CYS A 233 31.61 7.55 -30.16
N VAL A 234 32.58 6.65 -30.27
CA VAL A 234 33.57 6.50 -29.22
C VAL A 234 34.50 7.69 -29.16
N MET A 235 34.85 8.29 -30.30
CA MET A 235 35.69 9.47 -30.27
C MET A 235 34.97 10.65 -29.63
N ILE A 236 33.69 10.84 -29.96
CA ILE A 236 32.94 11.90 -29.28
C ILE A 236 32.87 11.62 -27.78
N PHE A 237 32.66 10.35 -27.41
CA PHE A 237 32.61 10.01 -25.99
C PHE A 237 33.91 10.38 -25.29
N THR A 238 35.04 9.98 -25.87
CA THR A 238 36.32 10.21 -25.19
C THR A 238 36.64 11.70 -25.15
N VAL A 239 36.29 12.46 -26.19
CA VAL A 239 36.57 13.88 -26.17
C VAL A 239 35.75 14.57 -25.09
N GLU A 240 34.46 14.28 -25.03
CA GLU A 240 33.66 14.93 -23.99
C GLU A 240 34.07 14.47 -22.61
N TYR A 241 34.57 13.24 -22.48
CA TYR A 241 35.07 12.80 -21.18
C TYR A 241 36.32 13.55 -20.78
N LEU A 242 37.22 13.78 -21.73
CA LEU A 242 38.42 14.54 -21.41
C LEU A 242 38.06 15.98 -21.05
N LEU A 243 37.03 16.54 -21.67
CA LEU A 243 36.57 17.85 -21.25
C LEU A 243 35.91 17.83 -19.87
N ARG A 244 35.23 16.74 -19.52
CA ARG A 244 34.78 16.58 -18.13
C ARG A 244 35.98 16.61 -17.19
N LEU A 245 37.05 15.93 -17.57
CA LEU A 245 38.21 15.81 -16.69
C LEU A 245 38.91 17.14 -16.53
N PHE A 246 39.33 17.74 -17.65
CA PHE A 246 40.11 18.97 -17.58
C PHE A 246 39.37 20.08 -16.84
N ALA A 247 38.04 20.08 -16.90
CA ALA A 247 37.24 21.09 -16.25
C ALA A 247 36.82 20.74 -14.84
N ALA A 248 37.19 19.57 -14.34
CA ALA A 248 36.78 19.17 -13.01
C ALA A 248 37.67 19.83 -11.97
N PRO A 249 37.13 20.64 -11.05
CA PRO A 249 38.00 21.26 -10.04
C PRO A 249 38.70 20.25 -9.16
N SER A 250 37.96 19.30 -8.63
CA SER A 250 38.51 18.24 -7.78
C SER A 250 38.75 17.01 -8.66
N ARG A 251 39.84 17.04 -9.40
CA ARG A 251 40.12 15.98 -10.37
C ARG A 251 40.23 14.61 -9.73
N TYR A 252 40.49 14.54 -8.43
CA TYR A 252 40.51 13.23 -7.78
C TYR A 252 39.10 12.80 -7.38
N ARG A 253 38.24 13.73 -6.97
CA ARG A 253 36.86 13.37 -6.68
C ARG A 253 36.13 12.94 -7.95
N PHE A 254 36.60 13.37 -9.12
CA PHE A 254 35.96 12.96 -10.36
C PHE A 254 36.26 11.51 -10.68
N ILE A 255 37.54 11.17 -10.81
CA ILE A 255 37.94 9.80 -11.13
C ILE A 255 37.33 8.81 -10.15
N ARG A 256 37.14 9.21 -8.90
CA ARG A 256 36.55 8.35 -7.91
C ARG A 256 35.03 8.22 -8.06
N SER A 257 34.39 9.13 -8.79
CA SER A 257 32.95 9.13 -8.90
C SER A 257 32.46 7.95 -9.73
N VAL A 258 31.15 7.71 -9.69
CA VAL A 258 30.57 6.58 -10.40
C VAL A 258 30.44 6.88 -11.88
N MET A 259 30.09 8.13 -12.23
CA MET A 259 29.90 8.47 -13.63
C MET A 259 31.18 8.32 -14.41
N SER A 260 32.32 8.69 -13.82
CA SER A 260 33.58 8.52 -14.52
C SER A 260 33.88 7.05 -14.74
N ILE A 261 33.56 6.21 -13.77
CA ILE A 261 33.76 4.77 -13.93
C ILE A 261 32.91 4.26 -15.08
N ILE A 262 31.64 4.67 -15.12
CA ILE A 262 30.75 4.23 -16.19
C ILE A 262 31.30 4.67 -17.53
N ASP A 263 31.76 5.91 -17.64
CA ASP A 263 32.26 6.41 -18.91
C ASP A 263 33.49 5.65 -19.35
N VAL A 264 34.42 5.39 -18.44
CA VAL A 264 35.64 4.73 -18.86
C VAL A 264 35.38 3.26 -19.19
N VAL A 265 34.46 2.61 -18.48
CA VAL A 265 34.17 1.22 -18.82
C VAL A 265 33.30 1.13 -20.06
N ALA A 266 32.64 2.22 -20.44
CA ALA A 266 31.93 2.22 -21.71
C ALA A 266 32.85 2.55 -22.87
N ILE A 267 33.99 3.20 -22.60
CA ILE A 267 34.91 3.54 -23.67
C ILE A 267 35.91 2.43 -23.93
N MET A 268 36.52 1.89 -22.87
CA MET A 268 37.63 0.95 -23.05
C MET A 268 37.35 -0.22 -23.98
N PRO A 269 36.16 -0.86 -23.99
CA PRO A 269 35.94 -1.97 -24.91
C PRO A 269 36.16 -1.66 -26.38
N TYR A 270 36.45 -0.40 -26.71
CA TYR A 270 36.80 -0.07 -28.08
C TYR A 270 38.31 -0.14 -28.29
N TYR A 271 39.09 0.48 -27.40
CA TYR A 271 40.55 0.44 -27.55
C TYR A 271 41.08 -0.96 -27.28
N ILE A 272 40.59 -1.62 -26.22
CA ILE A 272 40.98 -2.99 -25.97
C ILE A 272 40.66 -3.86 -27.16
N GLY A 273 39.60 -3.52 -27.90
CA GLY A 273 39.30 -4.23 -29.12
C GLY A 273 40.36 -4.02 -30.19
N LEU A 274 41.03 -2.87 -30.16
CA LEU A 274 42.07 -2.61 -31.14
C LEU A 274 43.36 -3.32 -30.78
N VAL A 275 43.70 -3.37 -29.49
CA VAL A 275 44.94 -4.05 -29.11
C VAL A 275 44.82 -5.55 -29.32
N MET A 276 43.62 -6.10 -29.27
CA MET A 276 43.39 -7.53 -29.37
C MET A 276 42.86 -7.94 -30.74
N THR A 277 43.41 -7.37 -31.81
CA THR A 277 43.01 -7.67 -33.18
C THR A 277 42.93 -9.17 -33.44
N ASN A 278 42.13 -9.56 -34.44
CA ASN A 278 41.78 -10.96 -34.70
C ASN A 278 42.99 -11.86 -34.95
N ASN A 279 44.19 -11.28 -35.06
CA ASN A 279 45.39 -12.10 -35.21
C ASN A 279 45.62 -12.91 -33.93
N GLU A 280 45.60 -12.26 -32.77
CA GLU A 280 45.84 -12.91 -31.49
C GLU A 280 44.58 -12.78 -30.64
N ASP A 281 43.67 -13.74 -30.80
CA ASP A 281 42.44 -13.74 -30.02
C ASP A 281 41.74 -15.09 -30.15
N VAL A 282 40.86 -15.38 -29.20
CA VAL A 282 39.96 -16.52 -29.27
C VAL A 282 38.54 -15.98 -29.19
N SER A 283 37.68 -16.47 -30.08
CA SER A 283 36.34 -15.89 -30.24
C SER A 283 35.47 -16.04 -29.01
N GLY A 284 35.97 -16.62 -27.93
CA GLY A 284 35.23 -16.67 -26.69
C GLY A 284 35.65 -15.64 -25.67
N ALA A 285 36.67 -14.85 -25.97
CA ALA A 285 37.14 -13.81 -25.06
C ALA A 285 36.78 -12.41 -25.53
N PHE A 286 36.22 -12.27 -26.73
CA PHE A 286 35.76 -10.98 -27.22
C PHE A 286 34.27 -10.79 -27.06
N VAL A 287 33.51 -11.87 -26.89
CA VAL A 287 32.09 -11.74 -26.59
C VAL A 287 31.89 -10.88 -25.36
N THR A 288 32.77 -11.02 -24.37
CA THR A 288 32.70 -10.15 -23.19
C THR A 288 32.82 -8.68 -23.58
N LEU A 289 33.63 -8.36 -24.59
CA LEU A 289 33.78 -6.98 -25.00
C LEU A 289 32.47 -6.44 -25.58
N ARG A 290 31.85 -7.18 -26.50
CA ARG A 290 30.59 -6.73 -27.05
C ARG A 290 29.50 -6.65 -25.99
N VAL A 291 29.57 -7.51 -24.98
CA VAL A 291 28.60 -7.41 -23.90
C VAL A 291 28.84 -6.13 -23.10
N PHE A 292 30.08 -5.84 -22.74
CA PHE A 292 30.38 -4.62 -22.02
C PHE A 292 30.04 -3.39 -22.83
N ARG A 293 29.98 -3.51 -24.13
CA ARG A 293 29.59 -2.38 -24.95
C ARG A 293 28.15 -1.98 -24.76
N VAL A 294 27.39 -2.60 -23.85
CA VAL A 294 26.05 -2.14 -23.53
C VAL A 294 26.04 -1.23 -22.32
N PHE A 295 27.18 -1.04 -21.67
CA PHE A 295 27.25 -0.12 -20.55
C PHE A 295 27.16 1.33 -20.99
N ARG A 296 27.34 1.61 -22.28
CA ARG A 296 27.18 2.96 -22.77
C ARG A 296 25.73 3.32 -22.99
N ILE A 297 24.82 2.54 -22.40
CA ILE A 297 23.44 2.96 -22.26
C ILE A 297 23.20 3.59 -20.90
N PHE A 298 24.11 3.42 -19.95
CA PHE A 298 23.96 4.05 -18.65
C PHE A 298 24.34 5.51 -18.67
N LYS A 299 25.02 5.98 -19.72
CA LYS A 299 25.33 7.38 -19.83
C LYS A 299 24.09 8.25 -19.89
N PHE A 300 22.93 7.67 -20.15
CA PHE A 300 21.68 8.39 -20.03
C PHE A 300 21.40 8.87 -18.62
N SER A 301 22.22 8.46 -17.65
CA SER A 301 22.04 8.93 -16.28
C SER A 301 22.19 10.44 -16.18
N ARG A 302 22.98 11.04 -17.09
CA ARG A 302 23.11 12.48 -17.08
C ARG A 302 21.86 13.16 -17.59
N HIS A 303 21.20 12.58 -18.59
CA HIS A 303 20.03 13.20 -19.20
C HIS A 303 18.74 12.86 -18.47
N SER A 304 18.70 11.75 -17.74
CA SER A 304 17.49 11.34 -17.04
C SER A 304 17.63 11.62 -15.56
N GLN A 305 16.54 12.07 -14.95
CA GLN A 305 16.51 12.26 -13.51
C GLN A 305 16.00 11.02 -12.79
N GLY A 306 15.11 10.28 -13.44
CA GLY A 306 14.60 9.06 -12.84
C GLY A 306 15.67 8.04 -12.58
N LEU A 307 16.64 7.91 -13.49
CA LEU A 307 17.71 6.95 -13.29
C LEU A 307 18.57 7.30 -12.07
N ARG A 308 18.91 8.57 -11.92
CA ARG A 308 19.70 8.97 -10.76
C ARG A 308 18.90 8.80 -9.48
N ILE A 309 17.60 9.11 -9.50
CA ILE A 309 16.78 8.88 -8.33
C ILE A 309 16.73 7.39 -8.00
N LEU A 310 16.68 6.54 -9.02
CA LEU A 310 16.63 5.11 -8.80
C LEU A 310 17.94 4.62 -8.20
N GLY A 311 19.06 5.14 -8.67
CA GLY A 311 20.33 4.78 -8.05
C GLY A 311 20.40 5.22 -6.61
N TYR A 312 19.94 6.44 -6.32
CA TYR A 312 19.92 6.93 -4.95
C TYR A 312 19.09 6.01 -4.06
N THR A 313 17.91 5.63 -4.51
CA THR A 313 17.04 4.81 -3.68
C THR A 313 17.48 3.35 -3.64
N LEU A 314 18.33 2.93 -4.58
CA LEU A 314 18.87 1.58 -4.48
C LEU A 314 20.01 1.52 -3.49
N LYS A 315 20.87 2.54 -3.49
CA LYS A 315 21.91 2.59 -2.47
C LYS A 315 21.38 2.97 -1.10
N SER A 316 20.18 3.57 -1.05
CA SER A 316 19.59 3.92 0.23
C SER A 316 18.97 2.70 0.92
N CYS A 317 18.74 1.63 0.18
CA CYS A 317 18.08 0.44 0.68
C CYS A 317 18.97 -0.78 0.56
N ALA A 318 20.25 -0.62 0.90
CA ALA A 318 21.18 -1.73 0.74
C ALA A 318 20.93 -2.86 1.73
N SER A 319 20.46 -2.55 2.94
CA SER A 319 20.30 -3.59 3.95
C SER A 319 19.12 -4.50 3.63
N GLU A 320 17.96 -3.91 3.28
CA GLU A 320 16.83 -4.72 2.87
C GLU A 320 17.17 -5.54 1.63
N LEU A 321 17.94 -4.98 0.70
CA LEU A 321 18.30 -5.74 -0.50
C LEU A 321 19.23 -6.90 -0.15
N GLY A 322 20.19 -6.67 0.74
CA GLY A 322 21.04 -7.76 1.17
C GLY A 322 20.24 -8.86 1.85
N PHE A 323 19.28 -8.48 2.69
CA PHE A 323 18.47 -9.49 3.33
C PHE A 323 17.57 -10.22 2.34
N LEU A 324 17.08 -9.51 1.32
CA LEU A 324 16.33 -10.18 0.27
C LEU A 324 17.18 -11.22 -0.42
N LEU A 325 18.40 -10.86 -0.78
CA LEU A 325 19.29 -11.83 -1.42
C LEU A 325 19.53 -13.03 -0.51
N PHE A 326 19.77 -12.78 0.77
CA PHE A 326 20.06 -13.88 1.69
C PHE A 326 18.86 -14.80 1.86
N SER A 327 17.69 -14.22 2.15
CA SER A 327 16.51 -15.04 2.36
C SER A 327 16.12 -15.79 1.10
N LEU A 328 16.24 -15.13 -0.05
CA LEU A 328 15.96 -15.80 -1.31
C LEU A 328 16.90 -16.98 -1.52
N THR A 329 18.19 -16.79 -1.21
CA THR A 329 19.15 -17.87 -1.37
C THR A 329 18.77 -19.07 -0.51
N MET A 330 18.44 -18.82 0.76
CA MET A 330 18.17 -19.95 1.63
C MET A 330 16.84 -20.61 1.29
N ALA A 331 15.84 -19.84 0.88
CA ALA A 331 14.59 -20.44 0.44
C ALA A 331 14.83 -21.30 -0.79
N ILE A 332 15.63 -20.82 -1.73
CA ILE A 332 15.94 -21.59 -2.92
C ILE A 332 16.62 -22.89 -2.56
N ILE A 333 17.57 -22.85 -1.62
CA ILE A 333 18.27 -24.07 -1.25
C ILE A 333 17.32 -25.07 -0.60
N ILE A 334 16.48 -24.59 0.32
CA ILE A 334 15.56 -25.50 1.01
C ILE A 334 14.61 -26.16 0.02
N PHE A 335 13.94 -25.35 -0.79
CA PHE A 335 12.95 -25.91 -1.69
C PHE A 335 13.59 -26.73 -2.78
N ALA A 336 14.83 -26.41 -3.16
CA ALA A 336 15.51 -27.23 -4.15
C ALA A 336 15.87 -28.59 -3.60
N THR A 337 16.30 -28.65 -2.34
CA THR A 337 16.58 -29.95 -1.74
C THR A 337 15.32 -30.78 -1.65
N VAL A 338 14.22 -30.18 -1.19
CA VAL A 338 12.97 -30.92 -1.07
C VAL A 338 12.52 -31.42 -2.43
N MET A 339 12.48 -30.54 -3.43
CA MET A 339 12.01 -30.93 -4.74
C MET A 339 12.93 -31.93 -5.40
N PHE A 340 14.22 -31.90 -5.10
CA PHE A 340 15.12 -32.87 -5.70
C PHE A 340 14.90 -34.24 -5.12
N TYR A 341 14.79 -34.33 -3.80
CA TYR A 341 14.59 -35.65 -3.21
C TYR A 341 13.19 -36.19 -3.47
N ALA A 342 12.22 -35.32 -3.73
CA ALA A 342 10.89 -35.81 -4.07
C ALA A 342 10.84 -36.31 -5.51
N GLU A 343 11.43 -35.56 -6.43
CA GLU A 343 11.37 -35.85 -7.86
C GLU A 343 12.61 -36.57 -8.36
N LYS A 344 13.40 -37.13 -7.45
CA LYS A 344 14.67 -37.75 -7.83
C LYS A 344 14.45 -38.88 -8.82
N GLY A 345 13.65 -39.88 -8.45
CA GLY A 345 13.41 -41.01 -9.31
C GLY A 345 12.14 -40.94 -10.11
N SER A 346 12.25 -40.57 -11.39
CA SER A 346 11.11 -40.52 -12.27
C SER A 346 11.56 -40.89 -13.68
N SER A 347 10.62 -40.87 -14.61
CA SER A 347 10.85 -41.36 -15.96
C SER A 347 12.03 -40.64 -16.61
N ALA A 348 11.87 -39.35 -16.85
CA ALA A 348 12.92 -38.51 -17.41
C ALA A 348 13.09 -37.27 -16.55
N SER A 349 13.14 -37.49 -15.23
CA SER A 349 13.18 -36.42 -14.26
C SER A 349 14.33 -35.47 -14.57
N LYS A 350 14.02 -34.23 -14.88
CA LYS A 350 15.03 -33.22 -15.09
C LYS A 350 15.56 -32.66 -13.79
N PHE A 351 15.14 -33.20 -12.64
CA PHE A 351 15.73 -32.87 -11.37
C PHE A 351 16.92 -33.80 -11.13
N THR A 352 17.90 -33.68 -12.00
CA THR A 352 19.07 -34.54 -11.90
C THR A 352 19.97 -34.17 -10.74
N SER A 353 19.84 -32.97 -10.21
CA SER A 353 20.71 -32.51 -9.13
C SER A 353 20.10 -31.29 -8.49
N ILE A 354 20.56 -30.99 -7.28
CA ILE A 354 20.01 -29.86 -6.54
C ILE A 354 20.37 -28.56 -7.25
N PRO A 355 21.61 -28.39 -7.75
CA PRO A 355 21.84 -27.28 -8.67
C PRO A 355 20.89 -27.25 -9.85
N ALA A 356 20.57 -28.42 -10.43
CA ALA A 356 19.60 -28.44 -11.50
C ALA A 356 18.19 -28.14 -11.03
N SER A 357 17.93 -28.21 -9.74
CA SER A 357 16.62 -27.87 -9.20
C SER A 357 16.52 -26.40 -8.82
N PHE A 358 17.66 -25.72 -8.67
CA PHE A 358 17.65 -24.28 -8.49
C PHE A 358 16.81 -23.60 -9.56
N TRP A 359 16.87 -24.10 -10.80
CA TRP A 359 16.15 -23.50 -11.89
C TRP A 359 14.64 -23.59 -11.67
N TYR A 360 14.15 -24.80 -11.37
CA TYR A 360 12.73 -24.96 -11.08
C TYR A 360 12.32 -24.07 -9.93
N THR A 361 13.12 -24.03 -8.88
CA THR A 361 12.70 -23.27 -7.70
C THR A 361 12.62 -21.78 -7.99
N ILE A 362 13.60 -21.23 -8.69
CA ILE A 362 13.58 -19.80 -8.96
C ILE A 362 12.51 -19.47 -10.00
N VAL A 363 12.16 -20.40 -10.87
CA VAL A 363 11.09 -20.12 -11.81
C VAL A 363 9.73 -20.18 -11.11
N THR A 364 9.56 -21.05 -10.14
CA THR A 364 8.28 -21.16 -9.46
C THR A 364 8.08 -20.06 -8.44
N MET A 365 9.11 -19.71 -7.68
CA MET A 365 8.96 -18.71 -6.63
C MET A 365 8.54 -17.36 -7.17
N THR A 366 8.90 -17.05 -8.41
CA THR A 366 8.56 -15.77 -9.01
C THR A 366 7.24 -15.78 -9.75
N THR A 367 6.49 -16.88 -9.66
CA THR A 367 5.27 -17.08 -10.44
C THR A 367 5.52 -16.94 -11.93
N LEU A 368 6.74 -17.21 -12.37
CA LEU A 368 7.04 -17.19 -13.79
C LEU A 368 6.39 -18.38 -14.47
N GLY A 369 6.77 -19.59 -14.09
CA GLY A 369 6.14 -20.79 -14.59
C GLY A 369 6.34 -21.00 -16.07
N TYR A 370 7.56 -21.28 -16.49
CA TYR A 370 7.80 -21.60 -17.88
C TYR A 370 7.11 -22.90 -18.25
N GLY A 371 7.29 -23.93 -17.44
CA GLY A 371 6.66 -25.20 -17.67
C GLY A 371 7.55 -26.25 -18.29
N ASP A 372 8.85 -26.01 -18.37
CA ASP A 372 9.77 -27.02 -18.90
C ASP A 372 10.18 -28.02 -17.84
N MET A 373 10.22 -27.59 -16.57
CA MET A 373 10.46 -28.48 -15.44
C MET A 373 9.24 -28.42 -14.55
N VAL A 374 8.48 -29.51 -14.50
CA VAL A 374 7.30 -29.57 -13.65
C VAL A 374 7.36 -30.86 -12.84
N PRO A 375 6.86 -30.87 -11.62
CA PRO A 375 6.83 -32.11 -10.84
C PRO A 375 5.83 -33.09 -11.41
N LYS A 376 6.03 -34.36 -11.07
CA LYS A 376 5.15 -35.42 -11.53
C LYS A 376 4.70 -36.37 -10.45
N THR A 377 5.20 -36.24 -9.23
CA THR A 377 4.77 -37.06 -8.12
C THR A 377 3.87 -36.25 -7.20
N ILE A 378 3.31 -36.92 -6.19
CA ILE A 378 2.41 -36.23 -5.27
C ILE A 378 3.19 -35.28 -4.39
N ALA A 379 4.31 -35.72 -3.85
CA ALA A 379 5.11 -34.87 -2.99
C ALA A 379 5.69 -33.68 -3.76
N GLY A 380 6.15 -33.93 -4.98
CA GLY A 380 6.63 -32.84 -5.81
C GLY A 380 5.57 -31.78 -6.03
N LYS A 381 4.33 -32.21 -6.26
CA LYS A 381 3.25 -31.25 -6.49
C LYS A 381 2.94 -30.49 -5.22
N ILE A 382 2.82 -31.17 -4.08
CA ILE A 382 2.54 -30.47 -2.83
C ILE A 382 3.60 -29.42 -2.55
N PHE A 383 4.86 -29.77 -2.74
CA PHE A 383 5.91 -28.84 -2.38
C PHE A 383 6.14 -27.76 -3.42
N GLY A 384 5.82 -28.00 -4.69
CA GLY A 384 5.84 -26.91 -5.64
C GLY A 384 4.74 -25.91 -5.34
N SER A 385 3.59 -26.44 -4.94
CA SER A 385 2.49 -25.58 -4.50
C SER A 385 2.93 -24.69 -3.34
N ILE A 386 3.53 -25.30 -2.30
CA ILE A 386 4.00 -24.51 -1.17
C ILE A 386 5.07 -23.52 -1.61
N CYS A 387 5.92 -23.93 -2.56
CA CYS A 387 7.03 -23.10 -2.99
C CYS A 387 6.55 -21.81 -3.65
N SER A 388 5.50 -21.91 -4.47
CA SER A 388 4.99 -20.71 -5.14
C SER A 388 4.55 -19.67 -4.12
N LEU A 389 3.75 -20.09 -3.15
CA LEU A 389 3.26 -19.17 -2.13
C LEU A 389 4.42 -18.59 -1.31
N SER A 390 5.34 -19.45 -0.90
CA SER A 390 6.47 -18.98 -0.10
C SER A 390 7.30 -17.96 -0.86
N GLY A 391 7.47 -18.16 -2.16
CA GLY A 391 8.20 -17.17 -2.95
C GLY A 391 7.45 -15.86 -3.07
N VAL A 392 6.14 -15.93 -3.33
CA VAL A 392 5.34 -14.73 -3.36
C VAL A 392 5.50 -13.95 -2.06
N LEU A 393 5.54 -14.65 -0.95
CA LEU A 393 5.71 -13.99 0.34
C LEU A 393 7.09 -13.35 0.47
N VAL A 394 8.15 -14.13 0.23
CA VAL A 394 9.49 -13.65 0.49
C VAL A 394 9.92 -12.58 -0.50
N ILE A 395 9.30 -12.49 -1.66
CA ILE A 395 9.66 -11.45 -2.62
C ILE A 395 8.90 -10.16 -2.35
N ALA A 396 7.74 -10.24 -1.73
CA ALA A 396 6.94 -9.06 -1.43
C ALA A 396 7.42 -8.30 -0.21
N LEU A 397 8.57 -8.64 0.34
CA LEU A 397 9.07 -7.89 1.49
C LEU A 397 9.80 -6.60 1.11
N PRO A 398 10.72 -6.62 0.13
CA PRO A 398 11.44 -5.38 -0.19
C PRO A 398 10.63 -4.39 -1.00
N VAL A 399 9.79 -4.89 -1.88
CA VAL A 399 9.02 -4.09 -2.82
C VAL A 399 8.33 -2.89 -2.15
N PRO A 400 7.63 -3.07 -1.02
CA PRO A 400 6.97 -1.91 -0.41
C PRO A 400 7.93 -0.78 -0.07
N VAL A 401 8.97 -1.08 0.71
CA VAL A 401 9.88 -0.03 1.14
C VAL A 401 10.62 0.55 -0.05
N ILE A 402 10.93 -0.27 -1.06
CA ILE A 402 11.64 0.24 -2.23
C ILE A 402 10.79 1.27 -2.96
N VAL A 403 9.55 0.92 -3.29
CA VAL A 403 8.73 1.85 -4.04
C VAL A 403 8.37 3.05 -3.19
N SER A 404 8.23 2.87 -1.87
CA SER A 404 7.96 4.01 -1.01
C SER A 404 9.11 4.99 -1.03
N ASN A 405 10.35 4.49 -0.86
CA ASN A 405 11.51 5.36 -0.90
C ASN A 405 11.65 6.03 -2.26
N PHE A 406 11.35 5.31 -3.33
CA PHE A 406 11.46 5.91 -4.66
C PHE A 406 10.48 7.08 -4.80
N SER A 407 9.21 6.85 -4.48
CA SER A 407 8.24 7.92 -4.57
C SER A 407 8.62 9.07 -3.65
N ARG A 408 9.16 8.77 -2.47
CA ARG A 408 9.51 9.81 -1.53
C ARG A 408 10.62 10.69 -2.07
N ILE A 409 11.68 10.08 -2.59
CA ILE A 409 12.79 10.86 -3.14
C ILE A 409 12.32 11.65 -4.35
N TYR A 410 11.52 11.03 -5.21
CA TYR A 410 10.96 11.71 -6.37
C TYR A 410 10.24 12.99 -5.95
N HIS A 411 9.24 12.86 -5.08
CA HIS A 411 8.46 14.01 -4.69
C HIS A 411 9.26 14.98 -3.84
N GLN A 412 10.27 14.50 -3.12
CA GLN A 412 11.13 15.39 -2.36
C GLN A 412 11.90 16.31 -3.29
N ASN A 413 12.49 15.76 -4.33
CA ASN A 413 13.16 16.61 -5.31
C ASN A 413 12.17 17.52 -6.01
N GLN A 414 10.96 17.03 -6.27
CA GLN A 414 9.93 17.88 -6.86
C GLN A 414 9.67 19.10 -6.00
N ARG A 415 9.22 18.89 -4.77
CA ARG A 415 8.94 20.01 -3.87
C ARG A 415 10.18 20.84 -3.58
N ALA A 416 11.37 20.24 -3.65
CA ALA A 416 12.59 20.99 -3.38
C ALA A 416 12.84 22.01 -4.48
N ASP A 417 12.76 21.60 -5.74
CA ASP A 417 12.98 22.57 -6.80
C ASP A 417 11.83 23.56 -6.89
N LYS A 418 10.61 23.14 -6.57
CA LYS A 418 9.49 24.09 -6.46
C LYS A 418 9.80 25.18 -5.44
N ARG A 419 10.14 24.80 -4.22
CA ARG A 419 10.41 25.79 -3.18
C ARG A 419 11.64 26.62 -3.52
N ARG A 420 12.62 26.04 -4.21
CA ARG A 420 13.80 26.81 -4.59
C ARG A 420 13.43 27.90 -5.59
N ALA A 421 12.65 27.55 -6.62
CA ALA A 421 12.20 28.55 -7.57
C ALA A 421 11.32 29.59 -6.90
N GLN A 422 10.48 29.17 -5.95
CA GLN A 422 9.64 30.11 -5.24
C GLN A 422 10.46 31.09 -4.42
N LYS A 423 11.51 30.60 -3.76
CA LYS A 423 12.35 31.46 -2.93
C LYS A 423 13.21 32.39 -3.79
N LYS A 424 13.67 31.92 -4.94
CA LYS A 424 14.43 32.78 -5.83
C LYS A 424 13.56 33.79 -6.56
N ALA A 425 12.25 33.52 -6.67
CA ALA A 425 11.34 34.50 -7.25
C ALA A 425 10.90 35.55 -6.23
N ARG A 426 11.19 35.34 -4.95
CA ARG A 426 10.79 36.28 -3.90
C ARG A 426 11.41 37.66 -4.12
N GLU B 40 6.26 52.96 27.06
CA GLU B 40 5.20 52.54 27.96
C GLU B 40 4.69 51.15 27.59
N LEU B 41 4.32 50.38 28.61
CA LEU B 41 3.85 49.00 28.42
C LEU B 41 2.42 49.08 27.89
N ILE B 42 2.28 49.22 26.58
CA ILE B 42 0.95 49.30 25.98
C ILE B 42 0.29 47.93 26.10
N VAL B 43 -0.94 47.93 26.62
CA VAL B 43 -1.68 46.71 26.93
C VAL B 43 -2.77 46.53 25.90
N LEU B 44 -2.98 45.29 25.47
CA LEU B 44 -3.95 44.93 24.45
C LEU B 44 -4.90 43.89 25.05
N ASN B 45 -6.05 44.35 25.53
CA ASN B 45 -7.10 43.43 25.97
C ASN B 45 -7.98 43.08 24.76
N VAL B 46 -7.36 42.32 23.86
CA VAL B 46 -8.06 41.88 22.65
C VAL B 46 -9.15 40.91 23.07
N SER B 47 -10.41 41.35 22.96
CA SER B 47 -11.57 40.56 23.34
C SER B 47 -11.42 40.00 24.75
N GLY B 48 -10.84 40.80 25.64
CA GLY B 48 -10.67 40.42 27.02
C GLY B 48 -9.35 39.73 27.34
N ARG B 49 -8.71 39.09 26.37
CA ARG B 49 -7.41 38.49 26.61
C ARG B 49 -6.34 39.58 26.59
N ARG B 50 -5.60 39.70 27.68
CA ARG B 50 -4.71 40.83 27.92
C ARG B 50 -3.28 40.43 27.58
N PHE B 51 -2.78 40.95 26.46
CA PHE B 51 -1.37 40.96 26.15
C PHE B 51 -0.79 42.33 26.49
N GLN B 52 0.53 42.46 26.36
CA GLN B 52 1.18 43.69 26.78
C GLN B 52 2.59 43.72 26.20
N THR B 53 2.96 44.85 25.61
CA THR B 53 4.23 44.96 24.90
C THR B 53 4.65 46.43 24.87
N TRP B 54 5.94 46.66 24.71
CA TRP B 54 6.47 48.00 24.47
C TRP B 54 6.09 48.47 23.08
N ARG B 55 5.79 49.77 22.97
CA ARG B 55 5.51 50.36 21.66
C ARG B 55 6.74 50.36 20.78
N THR B 56 7.94 50.37 21.36
CA THR B 56 9.17 50.34 20.57
C THR B 56 9.15 49.17 19.59
N THR B 57 8.82 47.97 20.07
CA THR B 57 8.70 46.83 19.17
C THR B 57 7.38 46.84 18.42
N LEU B 58 6.35 47.47 18.97
CA LEU B 58 5.06 47.55 18.26
C LEU B 58 5.17 48.42 17.01
N GLU B 59 6.13 49.33 16.98
CA GLU B 59 6.34 50.18 15.81
C GLU B 59 7.36 49.61 14.83
N ARG B 60 7.78 48.36 15.02
CA ARG B 60 8.80 47.76 14.17
C ARG B 60 8.38 47.74 12.70
N TYR B 61 7.08 47.62 12.42
CA TYR B 61 6.58 47.54 11.05
C TYR B 61 5.23 48.23 11.01
N PRO B 62 5.23 49.56 10.92
CA PRO B 62 3.96 50.31 11.03
C PRO B 62 3.16 50.35 9.74
N ASP B 63 3.48 49.48 8.78
CA ASP B 63 2.74 49.44 7.53
C ASP B 63 1.54 48.48 7.58
N THR B 64 0.98 48.26 8.77
CA THR B 64 -0.24 47.46 8.92
C THR B 64 -1.17 48.11 9.94
N LEU B 65 -2.17 47.36 10.42
CA LEU B 65 -3.18 47.93 11.31
C LEU B 65 -2.57 48.35 12.65
N LEU B 66 -1.91 47.42 13.34
CA LEU B 66 -1.49 47.70 14.71
C LEU B 66 -0.20 48.51 14.76
N GLY B 67 0.69 48.33 13.79
CA GLY B 67 1.91 49.11 13.77
C GLY B 67 1.67 50.59 13.51
N SER B 68 0.73 50.90 12.62
CA SER B 68 0.45 52.28 12.24
C SER B 68 -0.42 52.93 13.32
N THR B 69 -1.00 54.08 12.99
CA THR B 69 -1.79 54.84 13.95
C THR B 69 -3.27 54.90 13.60
N GLU B 70 -3.75 54.06 12.69
CA GLU B 70 -5.18 54.01 12.43
C GLU B 70 -5.90 53.05 13.38
N LYS B 71 -5.16 52.26 14.15
CA LYS B 71 -5.77 51.47 15.21
C LYS B 71 -6.35 52.35 16.32
N GLU B 72 -5.93 53.62 16.37
CA GLU B 72 -6.42 54.55 17.38
C GLU B 72 -7.93 54.74 17.33
N PHE B 73 -8.59 54.28 16.26
CA PHE B 73 -10.04 54.30 16.24
C PHE B 73 -10.62 53.42 17.33
N PHE B 74 -10.06 52.23 17.54
CA PHE B 74 -10.50 51.33 18.59
C PHE B 74 -9.85 51.64 19.94
N PHE B 75 -9.21 52.80 20.06
CA PHE B 75 -8.39 53.12 21.23
C PHE B 75 -9.21 53.97 22.19
N ASN B 76 -10.10 53.32 22.94
CA ASN B 76 -10.87 54.01 23.97
C ASN B 76 -9.96 54.25 25.17
N GLU B 77 -9.38 55.45 25.26
CA GLU B 77 -8.50 55.78 26.37
C GLU B 77 -9.24 55.86 27.70
N ASP B 78 -10.55 55.58 27.72
CA ASP B 78 -11.21 55.24 28.97
C ASP B 78 -10.48 54.11 29.69
N THR B 79 -9.75 53.29 28.94
CA THR B 79 -8.88 52.26 29.49
C THR B 79 -7.44 52.40 29.03
N LYS B 80 -7.16 53.28 28.06
CA LYS B 80 -5.83 53.46 27.46
C LYS B 80 -5.31 52.12 26.92
N GLU B 81 -6.23 51.27 26.49
CA GLU B 81 -5.89 49.98 25.92
C GLU B 81 -6.70 49.79 24.64
N TYR B 82 -6.04 49.29 23.61
CA TYR B 82 -6.67 49.14 22.31
C TYR B 82 -7.58 47.94 22.37
N PHE B 83 -8.79 48.15 22.89
CA PHE B 83 -9.77 47.09 23.06
C PHE B 83 -10.23 46.59 21.70
N PHE B 84 -9.93 45.34 21.38
CA PHE B 84 -10.20 44.76 20.08
C PHE B 84 -11.18 43.60 20.22
N ASP B 85 -12.23 43.62 19.40
CA ASP B 85 -13.19 42.51 19.37
C ASP B 85 -12.86 41.56 18.22
N ARG B 86 -11.68 40.96 18.33
CA ARG B 86 -11.24 39.92 17.41
C ARG B 86 -10.95 38.65 18.18
N ASP B 87 -10.50 37.61 17.50
CA ASP B 87 -10.18 36.35 18.18
C ASP B 87 -9.00 36.56 19.10
N PRO B 88 -9.04 36.04 20.34
CA PRO B 88 -7.91 36.20 21.25
C PRO B 88 -6.80 35.19 21.07
N GLU B 89 -6.86 34.33 20.05
CA GLU B 89 -5.81 33.34 19.85
C GLU B 89 -5.15 33.43 18.48
N VAL B 90 -5.59 34.35 17.63
CA VAL B 90 -4.86 34.64 16.41
C VAL B 90 -3.94 35.85 16.59
N PHE B 91 -4.29 36.75 17.51
CA PHE B 91 -3.43 37.87 17.86
C PHE B 91 -2.10 37.40 18.42
N ARG B 92 -2.06 36.18 18.98
CA ARG B 92 -0.81 35.64 19.50
C ARG B 92 0.25 35.59 18.40
N CYS B 93 -0.09 35.04 17.24
CA CYS B 93 0.86 35.02 16.14
C CYS B 93 1.22 36.43 15.70
N VAL B 94 0.31 37.38 15.85
CA VAL B 94 0.58 38.75 15.46
C VAL B 94 1.71 39.34 16.30
N LEU B 95 1.55 39.30 17.63
CA LEU B 95 2.59 39.91 18.45
C LEU B 95 3.83 39.04 18.48
N ASN B 96 3.71 37.75 18.18
CA ASN B 96 4.90 36.95 17.99
C ASN B 96 5.67 37.34 16.74
N PHE B 97 4.98 37.73 15.67
CA PHE B 97 5.64 38.34 14.53
C PHE B 97 6.34 39.63 14.94
N TYR B 98 5.64 40.50 15.67
CA TYR B 98 6.24 41.76 16.10
C TYR B 98 7.40 41.55 17.05
N ARG B 99 7.49 40.37 17.69
CA ARG B 99 8.64 40.04 18.49
C ARG B 99 9.80 39.54 17.63
N THR B 100 9.57 38.43 16.92
CA THR B 100 10.65 37.75 16.20
C THR B 100 11.01 38.47 14.91
N GLY B 101 10.02 38.99 14.19
CA GLY B 101 10.20 39.50 12.86
C GLY B 101 9.51 38.67 11.80
N LYS B 102 8.99 37.50 12.17
CA LYS B 102 8.23 36.65 11.26
C LYS B 102 7.14 35.97 12.05
N LEU B 103 6.04 35.68 11.38
CA LEU B 103 4.89 35.03 12.00
C LEU B 103 4.84 33.56 11.62
N HIS B 104 4.46 32.74 12.59
CA HIS B 104 4.32 31.30 12.38
C HIS B 104 2.87 30.97 12.05
N TYR B 105 2.62 29.69 11.78
CA TYR B 105 1.30 29.20 11.43
C TYR B 105 0.99 27.94 12.24
N PRO B 106 0.13 28.03 13.24
CA PRO B 106 -0.24 26.82 13.99
C PRO B 106 -1.18 25.93 13.16
N ARG B 107 -1.27 24.67 13.57
CA ARG B 107 -1.93 23.67 12.75
C ARG B 107 -3.45 23.69 12.91
N TYR B 108 -3.93 23.49 14.13
CA TYR B 108 -5.28 22.96 14.34
C TYR B 108 -6.40 23.87 13.86
N GLU B 109 -6.32 25.17 14.06
CA GLU B 109 -7.48 26.02 13.80
C GLU B 109 -7.75 26.14 12.31
N CYS B 110 -9.01 26.35 11.98
CA CYS B 110 -9.43 26.44 10.60
C CYS B 110 -8.71 27.59 9.90
N ILE B 111 -8.04 27.28 8.79
CA ILE B 111 -7.26 28.29 8.09
C ILE B 111 -8.15 29.39 7.50
N SER B 112 -9.45 29.14 7.42
CA SER B 112 -10.37 30.18 6.97
C SER B 112 -10.37 31.36 7.93
N ALA B 113 -10.57 31.09 9.22
CA ALA B 113 -10.50 32.16 10.23
C ALA B 113 -9.10 32.76 10.30
N TYR B 114 -8.08 31.94 10.10
CA TYR B 114 -6.71 32.44 10.07
C TYR B 114 -6.55 33.50 8.99
N ASP B 115 -6.97 33.17 7.76
CA ASP B 115 -6.86 34.11 6.66
C ASP B 115 -7.71 35.35 6.92
N ASP B 116 -8.92 35.16 7.43
CA ASP B 116 -9.79 36.29 7.75
C ASP B 116 -9.10 37.26 8.70
N GLU B 117 -8.53 36.74 9.79
CA GLU B 117 -7.96 37.61 10.80
C GLU B 117 -6.63 38.21 10.37
N LEU B 118 -5.85 37.51 9.56
CA LEU B 118 -4.62 38.12 9.05
C LEU B 118 -4.96 39.20 8.02
N ALA B 119 -6.06 39.03 7.30
CA ALA B 119 -6.50 40.09 6.40
C ALA B 119 -7.07 41.28 7.17
N PHE B 120 -7.69 41.00 8.32
CA PHE B 120 -8.21 42.09 9.13
C PHE B 120 -7.12 43.02 9.61
N TYR B 121 -5.96 42.48 9.94
CA TYR B 121 -4.82 43.28 10.35
C TYR B 121 -4.00 43.78 9.17
N GLY B 122 -4.40 43.46 7.95
CA GLY B 122 -3.67 43.90 6.79
C GLY B 122 -2.31 43.28 6.61
N ILE B 123 -2.07 42.11 7.18
CA ILE B 123 -0.81 41.41 7.02
C ILE B 123 -0.97 40.37 5.93
N LEU B 124 0.12 40.09 5.20
CA LEU B 124 0.02 39.31 3.97
C LEU B 124 0.51 37.88 4.19
N PRO B 125 -0.18 36.88 3.64
CA PRO B 125 0.32 35.51 3.73
C PRO B 125 1.67 35.32 3.06
N GLU B 126 2.05 36.20 2.14
CA GLU B 126 3.37 36.10 1.53
C GLU B 126 4.48 36.22 2.57
N ILE B 127 4.29 37.07 3.57
CA ILE B 127 5.32 37.32 4.58
C ILE B 127 5.55 36.12 5.48
N ILE B 128 4.70 35.10 5.38
CA ILE B 128 4.79 33.94 6.27
C ILE B 128 6.16 33.30 6.13
N GLY B 129 6.88 33.20 7.25
CA GLY B 129 8.21 32.62 7.22
C GLY B 129 8.19 31.18 6.76
N ASP B 130 9.32 30.76 6.19
CA ASP B 130 9.44 29.39 5.71
C ASP B 130 9.48 28.38 6.84
N CYS B 131 9.50 28.83 8.10
CA CYS B 131 9.41 27.92 9.23
C CYS B 131 8.18 27.03 9.11
N CYS B 132 7.06 27.62 8.70
CA CYS B 132 5.82 26.87 8.43
C CYS B 132 5.15 27.55 7.24
N TYR B 133 5.46 27.09 6.04
CA TYR B 133 4.90 27.69 4.83
C TYR B 133 4.27 26.67 3.89
N GLU B 134 4.85 25.47 3.79
CA GLU B 134 4.38 24.51 2.80
C GLU B 134 3.04 23.90 3.20
N GLU B 135 2.85 23.61 4.48
CA GLU B 135 1.55 23.12 4.91
C GLU B 135 0.50 24.22 4.85
N TYR B 136 0.91 25.49 4.91
CA TYR B 136 -0.03 26.57 4.64
C TYR B 136 -0.59 26.46 3.24
N LYS B 137 0.28 26.36 2.23
CA LYS B 137 -0.15 26.17 0.86
C LYS B 137 -1.00 24.91 0.72
N ASP B 138 -0.59 23.83 1.40
CA ASP B 138 -1.36 22.60 1.41
C ASP B 138 -2.81 22.86 1.85
N ARG B 139 -2.97 23.47 3.02
CA ARG B 139 -4.30 23.70 3.56
C ARG B 139 -5.12 24.61 2.65
N LYS B 140 -4.51 25.67 2.12
CA LYS B 140 -5.23 26.54 1.19
C LYS B 140 -5.68 25.76 -0.05
N ARG B 141 -4.80 24.91 -0.59
CA ARG B 141 -5.15 24.12 -1.76
C ARG B 141 -6.36 23.23 -1.49
N GLU B 142 -6.30 22.45 -0.42
CA GLU B 142 -7.40 21.52 -0.17
C GLU B 142 -8.67 22.24 0.27
N ASN B 143 -8.54 23.41 0.89
CA ASN B 143 -9.72 24.22 1.19
C ASN B 143 -10.37 24.70 -0.11
N ALA B 144 -9.55 25.09 -1.09
CA ALA B 144 -10.10 25.49 -2.38
C ALA B 144 -10.77 24.32 -3.08
N GLU B 145 -10.16 23.13 -3.02
CA GLU B 145 -10.81 21.96 -3.61
C GLU B 145 -12.12 21.61 -2.90
N ARG B 146 -12.20 21.84 -1.60
CA ARG B 146 -13.46 21.63 -0.89
C ARG B 146 -14.51 22.62 -1.34
N LEU B 147 -14.23 23.92 -1.21
CA LEU B 147 -15.19 24.92 -1.63
C LEU B 147 -15.25 25.10 -3.14
N MET B 148 -14.59 24.22 -3.90
CA MET B 148 -14.65 24.25 -5.36
C MET B 148 -16.06 24.02 -5.86
N LEU B 163 -31.51 29.65 -26.40
CA LEU B 163 -31.96 28.80 -25.30
C LEU B 163 -33.35 28.26 -25.59
N SER B 164 -33.92 28.69 -26.72
CA SER B 164 -35.23 28.19 -27.13
C SER B 164 -35.11 26.78 -27.71
N PHE B 165 -34.12 26.56 -28.56
CA PHE B 165 -33.90 25.24 -29.13
C PHE B 165 -32.47 24.75 -28.99
N ARG B 166 -31.48 25.64 -29.10
CA ARG B 166 -30.09 25.22 -29.08
C ARG B 166 -29.67 24.79 -27.69
N GLN B 167 -29.77 25.69 -26.71
CA GLN B 167 -29.32 25.36 -25.37
C GLN B 167 -30.19 24.31 -24.71
N THR B 168 -31.44 24.14 -25.15
CA THR B 168 -32.22 23.01 -24.70
C THR B 168 -31.49 21.70 -25.00
N MET B 169 -31.07 21.53 -26.25
CA MET B 169 -30.33 20.33 -26.62
C MET B 169 -28.98 20.28 -25.91
N TRP B 170 -28.30 21.41 -25.80
CA TRP B 170 -26.96 21.38 -25.22
C TRP B 170 -26.97 21.17 -23.71
N ARG B 171 -28.14 21.34 -23.07
CA ARG B 171 -28.25 20.95 -21.67
C ARG B 171 -28.86 19.57 -21.51
N ALA B 172 -29.60 19.10 -22.50
CA ALA B 172 -30.09 17.72 -22.45
C ALA B 172 -28.94 16.74 -22.66
N PHE B 173 -28.01 17.08 -23.55
CA PHE B 173 -26.93 16.15 -23.89
C PHE B 173 -26.04 15.88 -22.69
N GLU B 174 -25.50 16.94 -22.08
CA GLU B 174 -24.52 16.76 -21.01
C GLU B 174 -25.13 16.11 -19.78
N ASN B 175 -26.30 16.57 -19.37
CA ASN B 175 -26.93 16.07 -18.16
C ASN B 175 -28.13 15.22 -18.56
N PRO B 176 -27.97 13.90 -18.66
CA PRO B 176 -29.10 13.07 -19.11
C PRO B 176 -30.19 12.94 -18.08
N HIS B 177 -29.88 13.02 -16.78
CA HIS B 177 -30.86 12.74 -15.76
C HIS B 177 -31.84 13.89 -15.52
N THR B 178 -31.52 15.09 -16.00
CA THR B 178 -32.42 16.23 -15.76
C THR B 178 -33.74 16.04 -16.48
N SER B 179 -33.70 15.97 -17.81
CA SER B 179 -34.91 15.73 -18.57
C SER B 179 -35.26 14.25 -18.53
N THR B 180 -36.35 13.89 -19.21
CA THR B 180 -36.64 12.48 -19.46
C THR B 180 -36.46 12.10 -20.91
N LEU B 181 -36.68 13.04 -21.84
CA LEU B 181 -36.23 12.83 -23.21
C LEU B 181 -34.72 12.65 -23.25
N ALA B 182 -34.01 13.27 -22.31
CA ALA B 182 -32.56 13.08 -22.25
C ALA B 182 -32.21 11.63 -21.98
N LEU B 183 -32.96 10.96 -21.10
CA LEU B 183 -32.70 9.54 -20.90
C LEU B 183 -33.07 8.73 -22.13
N VAL B 184 -34.21 9.03 -22.76
CA VAL B 184 -34.61 8.23 -23.90
C VAL B 184 -33.68 8.46 -25.09
N PHE B 185 -32.83 9.48 -25.03
CA PHE B 185 -31.77 9.65 -26.02
C PHE B 185 -30.48 8.97 -25.57
N TYR B 186 -30.11 9.18 -24.31
CA TYR B 186 -28.89 8.60 -23.74
C TYR B 186 -28.89 7.08 -23.84
N TYR B 187 -29.94 6.45 -23.32
CA TYR B 187 -30.00 4.99 -23.36
C TYR B 187 -30.15 4.45 -24.78
N VAL B 188 -30.90 5.12 -25.64
CA VAL B 188 -31.06 4.60 -26.99
C VAL B 188 -29.79 4.76 -27.81
N THR B 189 -28.95 5.74 -27.49
CA THR B 189 -27.69 5.86 -28.20
C THR B 189 -26.58 5.04 -27.54
N GLY B 190 -26.77 4.63 -26.30
CA GLY B 190 -25.85 3.68 -25.69
C GLY B 190 -26.18 2.25 -25.97
N PHE B 191 -27.39 1.97 -26.41
CA PHE B 191 -27.77 0.63 -26.83
C PHE B 191 -27.19 0.29 -28.19
N PHE B 192 -27.16 1.24 -29.11
CA PHE B 192 -26.65 0.94 -30.45
C PHE B 192 -25.13 0.80 -30.45
N ILE B 193 -24.45 1.46 -29.52
CA ILE B 193 -23.02 1.20 -29.35
C ILE B 193 -22.78 -0.27 -29.03
N ALA B 194 -23.54 -0.81 -28.07
CA ALA B 194 -23.41 -2.20 -27.72
C ALA B 194 -23.76 -3.09 -28.90
N VAL B 195 -24.80 -2.71 -29.65
CA VAL B 195 -25.17 -3.51 -30.81
C VAL B 195 -24.02 -3.58 -31.80
N SER B 196 -23.39 -2.44 -32.10
CA SER B 196 -22.31 -2.44 -33.08
C SER B 196 -21.10 -3.21 -32.56
N VAL B 197 -20.78 -3.07 -31.28
CA VAL B 197 -19.68 -3.84 -30.70
C VAL B 197 -19.94 -5.33 -30.87
N ILE B 198 -21.14 -5.77 -30.51
CA ILE B 198 -21.44 -7.19 -30.54
C ILE B 198 -21.43 -7.71 -31.97
N THR B 199 -21.98 -6.96 -32.91
CA THR B 199 -21.98 -7.46 -34.28
C THR B 199 -20.59 -7.47 -34.89
N ASN B 200 -19.73 -6.51 -34.53
CA ASN B 200 -18.36 -6.56 -35.01
C ASN B 200 -17.63 -7.77 -34.45
N VAL B 201 -17.86 -8.09 -33.18
CA VAL B 201 -17.24 -9.28 -32.60
C VAL B 201 -17.74 -10.54 -33.30
N VAL B 202 -19.05 -10.60 -33.55
CA VAL B 202 -19.64 -11.84 -34.02
C VAL B 202 -19.43 -12.07 -35.51
N GLU B 203 -19.22 -11.02 -36.31
CA GLU B 203 -19.05 -11.23 -37.74
C GLU B 203 -17.82 -12.04 -38.08
N THR B 204 -17.01 -12.39 -37.08
CA THR B 204 -15.81 -13.17 -37.28
C THR B 204 -15.95 -14.62 -36.83
N VAL B 205 -17.04 -14.96 -36.16
CA VAL B 205 -17.20 -16.33 -35.68
C VAL B 205 -17.45 -17.24 -36.86
N PRO B 206 -16.67 -18.29 -37.07
CA PRO B 206 -17.00 -19.24 -38.13
C PRO B 206 -18.14 -20.13 -37.69
N CYS B 207 -19.33 -19.90 -38.24
CA CYS B 207 -20.52 -20.64 -37.83
C CYS B 207 -21.31 -21.02 -39.06
N GLY B 208 -21.79 -22.26 -39.09
CA GLY B 208 -22.47 -22.79 -40.24
C GLY B 208 -21.59 -23.74 -41.00
N THR B 209 -21.81 -25.05 -40.82
CA THR B 209 -20.97 -26.03 -41.50
C THR B 209 -21.22 -26.05 -43.00
N VAL B 210 -22.46 -25.82 -43.42
CA VAL B 210 -22.88 -25.69 -44.83
C VAL B 210 -22.18 -26.73 -45.69
N PRO B 211 -22.57 -28.01 -45.59
CA PRO B 211 -21.82 -29.08 -46.29
C PRO B 211 -21.62 -28.85 -47.78
N GLY B 212 -22.51 -28.09 -48.43
CA GLY B 212 -22.40 -27.88 -49.86
C GLY B 212 -21.20 -27.04 -50.25
N SER B 213 -20.75 -26.15 -49.36
CA SER B 213 -19.64 -25.25 -49.62
C SER B 213 -18.62 -25.35 -48.49
N LYS B 214 -17.59 -24.53 -48.55
CA LYS B 214 -16.52 -24.56 -47.57
C LYS B 214 -16.97 -23.90 -46.27
N GLU B 215 -16.03 -23.78 -45.33
CA GLU B 215 -16.31 -23.21 -44.02
C GLU B 215 -16.14 -21.70 -44.09
N LEU B 216 -17.14 -20.97 -43.59
CA LEU B 216 -17.19 -19.53 -43.72
C LEU B 216 -17.49 -18.87 -42.38
N PRO B 217 -16.93 -17.70 -42.14
CA PRO B 217 -17.40 -16.89 -41.01
C PRO B 217 -18.73 -16.24 -41.34
N CYS B 218 -19.49 -15.93 -40.29
CA CYS B 218 -20.82 -15.36 -40.49
C CYS B 218 -20.76 -14.05 -41.26
N GLY B 219 -19.80 -13.19 -40.93
CA GLY B 219 -19.79 -11.85 -41.50
C GLY B 219 -19.71 -11.84 -43.01
N GLU B 220 -19.20 -12.89 -43.62
CA GLU B 220 -19.15 -12.98 -45.07
C GLU B 220 -20.13 -14.00 -45.64
N ARG B 221 -20.86 -14.71 -44.80
CA ARG B 221 -21.94 -15.57 -45.28
C ARG B 221 -23.24 -14.80 -45.39
N TYR B 222 -23.63 -14.14 -44.29
CA TYR B 222 -24.81 -13.27 -44.29
C TYR B 222 -24.32 -11.85 -44.50
N SER B 223 -23.91 -11.56 -45.72
CA SER B 223 -23.25 -10.29 -46.01
C SER B 223 -24.17 -9.11 -45.75
N VAL B 224 -25.31 -9.07 -46.42
CA VAL B 224 -26.19 -7.90 -46.33
C VAL B 224 -26.84 -7.81 -44.96
N ALA B 225 -27.11 -8.95 -44.31
CA ALA B 225 -27.72 -8.90 -42.99
C ALA B 225 -26.81 -8.21 -41.99
N PHE B 226 -25.50 -8.27 -42.18
CA PHE B 226 -24.57 -7.55 -41.34
C PHE B 226 -24.31 -6.14 -41.86
N PHE B 227 -24.35 -5.96 -43.17
CA PHE B 227 -24.21 -4.63 -43.74
C PHE B 227 -25.30 -3.70 -43.26
N CYS B 228 -26.53 -4.22 -43.14
CA CYS B 228 -27.63 -3.39 -42.68
C CYS B 228 -27.46 -2.98 -41.22
N LEU B 229 -27.03 -3.92 -40.37
CA LEU B 229 -26.76 -3.58 -38.98
C LEU B 229 -25.68 -2.50 -38.89
N ASP B 230 -24.60 -2.68 -39.64
CA ASP B 230 -23.52 -1.70 -39.59
C ASP B 230 -23.99 -0.34 -40.07
N THR B 231 -24.77 -0.31 -41.15
CA THR B 231 -25.26 0.94 -41.69
C THR B 231 -26.19 1.63 -40.71
N ALA B 232 -27.10 0.88 -40.09
CA ALA B 232 -28.02 1.48 -39.13
C ALA B 232 -27.27 2.09 -37.97
N CYS B 233 -26.35 1.34 -37.36
CA CYS B 233 -25.65 1.89 -36.22
C CYS B 233 -24.77 3.07 -36.60
N VAL B 234 -24.14 3.06 -37.77
CA VAL B 234 -23.32 4.19 -38.19
C VAL B 234 -24.17 5.40 -38.51
N MET B 235 -25.36 5.21 -39.08
CA MET B 235 -26.23 6.34 -39.35
C MET B 235 -26.72 6.98 -38.06
N ILE B 236 -27.10 6.17 -37.07
CA ILE B 236 -27.46 6.75 -35.78
C ILE B 236 -26.28 7.49 -35.17
N PHE B 237 -25.08 6.91 -35.28
CA PHE B 237 -23.90 7.59 -34.75
C PHE B 237 -23.70 8.94 -35.40
N THR B 238 -23.76 9.00 -36.73
CA THR B 238 -23.48 10.26 -37.40
C THR B 238 -24.58 11.28 -37.13
N VAL B 239 -25.83 10.85 -37.02
CA VAL B 239 -26.90 11.80 -36.74
C VAL B 239 -26.73 12.40 -35.35
N GLU B 240 -26.48 11.55 -34.35
CA GLU B 240 -26.32 12.09 -33.00
C GLU B 240 -25.06 12.94 -32.92
N TYR B 241 -24.03 12.62 -33.71
CA TYR B 241 -22.85 13.47 -33.72
C TYR B 241 -23.14 14.84 -34.32
N LEU B 242 -23.92 14.87 -35.40
CA LEU B 242 -24.28 16.16 -35.97
C LEU B 242 -25.13 16.98 -35.01
N LEU B 243 -25.97 16.31 -34.22
CA LEU B 243 -26.70 17.03 -33.20
C LEU B 243 -25.80 17.52 -32.07
N ARG B 244 -24.75 16.76 -31.74
CA ARG B 244 -23.73 17.29 -30.83
C ARG B 244 -23.13 18.56 -31.40
N LEU B 245 -22.84 18.55 -32.69
CA LEU B 245 -22.16 19.68 -33.31
C LEU B 245 -23.05 20.91 -33.35
N PHE B 246 -24.23 20.78 -33.96
CA PHE B 246 -25.11 21.91 -34.16
C PHE B 246 -25.49 22.56 -32.83
N ALA B 247 -25.53 21.78 -31.75
CA ALA B 247 -25.90 22.31 -30.44
C ALA B 247 -24.71 22.76 -29.61
N ALA B 248 -23.50 22.63 -30.12
CA ALA B 248 -22.34 23.02 -29.33
C ALA B 248 -22.15 24.53 -29.39
N PRO B 249 -22.17 25.23 -28.26
CA PRO B 249 -21.98 26.69 -28.32
C PRO B 249 -20.63 27.08 -28.88
N SER B 250 -19.56 26.48 -28.37
CA SER B 250 -18.20 26.73 -28.84
C SER B 250 -17.83 25.64 -29.85
N ARG B 251 -18.32 25.81 -31.08
CA ARG B 251 -18.15 24.78 -32.10
C ARG B 251 -16.69 24.50 -32.39
N TYR B 252 -15.78 25.41 -32.07
CA TYR B 252 -14.37 25.11 -32.26
C TYR B 252 -13.80 24.32 -31.09
N ARG B 253 -14.25 24.63 -29.87
CA ARG B 253 -13.82 23.84 -28.73
C ARG B 253 -14.32 22.40 -28.81
N PHE B 254 -15.41 22.16 -29.55
CA PHE B 254 -15.92 20.81 -29.71
C PHE B 254 -15.01 19.98 -30.61
N ILE B 255 -14.82 20.44 -31.85
CA ILE B 255 -13.99 19.71 -32.81
C ILE B 255 -12.61 19.43 -32.23
N ARG B 256 -12.11 20.33 -31.39
CA ARG B 256 -10.81 20.15 -30.77
C ARG B 256 -10.84 19.14 -29.62
N SER B 257 -12.02 18.82 -29.09
CA SER B 257 -12.11 17.94 -27.93
C SER B 257 -11.75 16.51 -28.31
N VAL B 258 -11.57 15.67 -27.29
CA VAL B 258 -11.18 14.28 -27.52
C VAL B 258 -12.39 13.45 -27.94
N MET B 259 -13.55 13.72 -27.36
CA MET B 259 -14.73 12.93 -27.69
C MET B 259 -15.11 13.07 -29.15
N SER B 260 -14.98 14.28 -29.70
CA SER B 260 -15.30 14.47 -31.11
C SER B 260 -14.31 13.70 -31.99
N ILE B 261 -13.04 13.66 -31.59
CA ILE B 261 -12.06 12.87 -32.34
C ILE B 261 -12.44 11.40 -32.31
N ILE B 262 -12.78 10.89 -31.13
CA ILE B 262 -13.17 9.49 -31.00
C ILE B 262 -14.36 9.20 -31.89
N ASP B 263 -15.36 10.08 -31.88
CA ASP B 263 -16.56 9.83 -32.66
C ASP B 263 -16.25 9.83 -34.15
N VAL B 264 -15.45 10.79 -34.61
CA VAL B 264 -15.20 10.85 -36.05
C VAL B 264 -14.31 9.69 -36.50
N VAL B 265 -13.36 9.25 -35.65
CA VAL B 265 -12.54 8.12 -36.05
C VAL B 265 -13.30 6.81 -35.89
N ALA B 266 -14.38 6.80 -35.12
CA ALA B 266 -15.22 5.61 -35.09
C ALA B 266 -16.20 5.59 -36.25
N ILE B 267 -16.50 6.74 -36.84
CA ILE B 267 -17.44 6.78 -37.94
C ILE B 267 -16.75 6.58 -39.28
N MET B 268 -15.64 7.27 -39.52
CA MET B 268 -15.03 7.27 -40.85
C MET B 268 -14.75 5.90 -41.43
N PRO B 269 -14.30 4.88 -40.67
CA PRO B 269 -14.05 3.56 -41.28
C PRO B 269 -15.24 2.96 -42.00
N TYR B 270 -16.41 3.59 -41.92
CA TYR B 270 -17.54 3.12 -42.70
C TYR B 270 -17.60 3.79 -44.07
N TYR B 271 -17.48 5.11 -44.11
CA TYR B 271 -17.52 5.81 -45.40
C TYR B 271 -16.28 5.52 -46.22
N ILE B 272 -15.11 5.55 -45.58
CA ILE B 272 -13.88 5.17 -46.29
C ILE B 272 -14.01 3.77 -46.85
N GLY B 273 -14.77 2.91 -46.17
CA GLY B 273 -15.02 1.59 -46.69
C GLY B 273 -15.86 1.63 -47.96
N LEU B 274 -16.71 2.65 -48.09
CA LEU B 274 -17.53 2.77 -49.29
C LEU B 274 -16.72 3.32 -50.46
N VAL B 275 -15.84 4.29 -50.20
CA VAL B 275 -15.06 4.85 -51.30
C VAL B 275 -14.06 3.84 -51.83
N MET B 276 -13.63 2.89 -51.00
CA MET B 276 -12.61 1.92 -51.35
C MET B 276 -13.20 0.54 -51.66
N THR B 277 -14.32 0.50 -52.39
CA THR B 277 -14.99 -0.75 -52.75
C THR B 277 -14.02 -1.78 -53.32
N ASN B 278 -14.39 -3.06 -53.22
CA ASN B 278 -13.51 -4.17 -53.55
C ASN B 278 -12.97 -4.15 -54.97
N ASN B 279 -13.47 -3.23 -55.81
CA ASN B 279 -12.92 -3.10 -57.15
C ASN B 279 -11.47 -2.62 -57.10
N GLU B 280 -11.21 -1.56 -56.35
CA GLU B 280 -9.88 -0.97 -56.21
C GLU B 280 -9.44 -1.08 -54.75
N ASP B 281 -8.83 -2.21 -54.40
CA ASP B 281 -8.34 -2.41 -53.05
C ASP B 281 -7.42 -3.62 -53.01
N VAL B 282 -6.59 -3.68 -51.97
CA VAL B 282 -5.78 -4.84 -51.66
C VAL B 282 -6.15 -5.30 -50.26
N SER B 283 -6.39 -6.60 -50.09
CA SER B 283 -6.95 -7.14 -48.86
C SER B 283 -6.05 -6.94 -47.65
N GLY B 284 -4.90 -6.31 -47.80
CA GLY B 284 -4.07 -5.97 -46.67
C GLY B 284 -4.17 -4.54 -46.21
N ALA B 285 -4.95 -3.71 -46.90
CA ALA B 285 -5.14 -2.32 -46.54
C ALA B 285 -6.52 -2.05 -45.94
N PHE B 286 -7.41 -3.04 -45.96
CA PHE B 286 -8.72 -2.89 -45.33
C PHE B 286 -8.79 -3.52 -43.96
N VAL B 287 -7.86 -4.43 -43.63
CA VAL B 287 -7.79 -4.97 -42.27
C VAL B 287 -7.65 -3.84 -41.27
N THR B 288 -6.89 -2.80 -41.62
CA THR B 288 -6.78 -1.64 -40.75
C THR B 288 -8.14 -1.01 -40.50
N LEU B 289 -9.03 -1.02 -41.50
CA LEU B 289 -10.35 -0.44 -41.31
C LEU B 289 -11.15 -1.23 -40.28
N ARG B 290 -11.19 -2.56 -40.43
CA ARG B 290 -11.92 -3.36 -39.46
C ARG B 290 -11.30 -3.27 -38.08
N VAL B 291 -9.99 -3.06 -38.00
CA VAL B 291 -9.38 -2.87 -36.69
C VAL B 291 -9.83 -1.55 -36.08
N PHE B 292 -9.79 -0.47 -36.87
CA PHE B 292 -10.24 0.82 -36.36
C PHE B 292 -11.72 0.79 -35.99
N ARG B 293 -12.47 -0.12 -36.55
CA ARG B 293 -13.87 -0.23 -36.18
C ARG B 293 -14.08 -0.71 -34.77
N VAL B 294 -13.02 -0.88 -33.97
CA VAL B 294 -13.19 -1.19 -32.55
C VAL B 294 -13.08 0.05 -31.69
N PHE B 295 -12.78 1.20 -32.30
CA PHE B 295 -12.75 2.44 -31.53
C PHE B 295 -14.15 2.91 -31.15
N ARG B 296 -15.19 2.36 -31.76
CA ARG B 296 -16.55 2.70 -31.36
C ARG B 296 -16.98 1.95 -30.12
N ILE B 297 -16.02 1.38 -29.39
CA ILE B 297 -16.27 0.92 -28.03
C ILE B 297 -15.87 1.98 -27.01
N PHE B 298 -15.11 2.99 -27.43
CA PHE B 298 -14.74 4.07 -26.51
C PHE B 298 -15.85 5.06 -26.32
N LYS B 299 -16.87 5.04 -27.17
CA LYS B 299 -18.02 5.92 -26.98
C LYS B 299 -18.73 5.66 -25.67
N PHE B 300 -18.48 4.53 -25.02
CA PHE B 300 -18.97 4.30 -23.68
C PHE B 300 -18.41 5.28 -22.67
N SER B 301 -17.46 6.13 -23.08
CA SER B 301 -16.93 7.13 -22.16
C SER B 301 -18.01 8.10 -21.72
N ARG B 302 -19.04 8.31 -22.54
CA ARG B 302 -20.13 9.18 -22.14
C ARG B 302 -21.00 8.53 -21.08
N HIS B 303 -21.22 7.22 -21.18
CA HIS B 303 -22.10 6.52 -20.26
C HIS B 303 -21.39 6.07 -18.99
N SER B 304 -20.08 5.89 -19.04
CA SER B 304 -19.33 5.44 -17.88
C SER B 304 -18.58 6.60 -17.25
N GLN B 305 -18.53 6.61 -15.92
CA GLN B 305 -17.74 7.59 -15.20
C GLN B 305 -16.34 7.07 -14.90
N GLY B 306 -16.22 5.76 -14.71
CA GLY B 306 -14.91 5.18 -14.47
C GLY B 306 -13.95 5.39 -15.61
N LEU B 307 -14.43 5.30 -16.85
CA LEU B 307 -13.55 5.50 -17.99
C LEU B 307 -13.01 6.92 -18.05
N ARG B 308 -13.87 7.90 -17.81
CA ARG B 308 -13.40 9.28 -17.82
C ARG B 308 -12.45 9.55 -16.65
N ILE B 309 -12.73 8.97 -15.49
CA ILE B 309 -11.79 9.12 -14.38
C ILE B 309 -10.46 8.48 -14.72
N LEU B 310 -10.48 7.35 -15.42
CA LEU B 310 -9.25 6.68 -15.79
C LEU B 310 -8.46 7.52 -16.80
N GLY B 311 -9.15 8.14 -17.74
CA GLY B 311 -8.46 9.04 -18.65
C GLY B 311 -7.84 10.23 -17.93
N TYR B 312 -8.59 10.81 -16.99
CA TYR B 312 -8.07 11.92 -16.20
C TYR B 312 -6.80 11.51 -15.47
N THR B 313 -6.83 10.35 -14.81
CA THR B 313 -5.68 9.94 -14.02
C THR B 313 -4.55 9.42 -14.88
N LEU B 314 -4.82 9.07 -16.14
CA LEU B 314 -3.73 8.70 -17.03
C LEU B 314 -3.02 9.92 -17.56
N LYS B 315 -3.77 10.96 -17.92
CA LYS B 315 -3.13 12.21 -18.32
C LYS B 315 -2.54 12.96 -17.15
N SER B 316 -2.98 12.67 -15.93
CA SER B 316 -2.41 13.32 -14.75
C SER B 316 -1.05 12.74 -14.38
N CYS B 317 -0.73 11.56 -14.88
CA CYS B 317 0.50 10.85 -14.53
C CYS B 317 1.35 10.61 -15.76
N ALA B 318 1.48 11.62 -16.62
CA ALA B 318 2.23 11.44 -17.86
C ALA B 318 3.72 11.30 -17.62
N SER B 319 4.27 11.96 -16.60
CA SER B 319 5.71 11.93 -16.39
C SER B 319 6.17 10.57 -15.87
N GLU B 320 5.48 10.04 -14.86
CA GLU B 320 5.81 8.70 -14.39
C GLU B 320 5.63 7.67 -15.48
N LEU B 321 4.62 7.83 -16.34
CA LEU B 321 4.42 6.88 -17.42
C LEU B 321 5.53 6.97 -18.45
N GLY B 322 5.96 8.18 -18.78
CA GLY B 322 7.09 8.33 -19.68
C GLY B 322 8.35 7.71 -19.12
N PHE B 323 8.60 7.91 -17.83
CA PHE B 323 9.77 7.30 -17.23
C PHE B 323 9.65 5.78 -17.18
N LEU B 324 8.44 5.26 -16.96
CA LEU B 324 8.25 3.82 -17.02
C LEU B 324 8.62 3.29 -18.40
N LEU B 325 8.13 3.96 -19.44
CA LEU B 325 8.45 3.52 -20.80
C LEU B 325 9.95 3.57 -21.03
N PHE B 326 10.62 4.64 -20.59
CA PHE B 326 12.04 4.77 -20.82
C PHE B 326 12.84 3.69 -20.08
N SER B 327 12.58 3.54 -18.78
CA SER B 327 13.32 2.56 -17.99
C SER B 327 13.05 1.15 -18.48
N LEU B 328 11.80 0.86 -18.85
CA LEU B 328 11.48 -0.45 -19.40
C LEU B 328 12.26 -0.69 -20.68
N THR B 329 12.34 0.33 -21.55
CA THR B 329 13.07 0.17 -22.80
C THR B 329 14.54 -0.16 -22.53
N MET B 330 15.16 0.58 -21.63
CA MET B 330 16.59 0.35 -21.42
C MET B 330 16.85 -0.97 -20.70
N ALA B 331 15.98 -1.36 -19.77
CA ALA B 331 16.13 -2.66 -19.15
C ALA B 331 15.98 -3.77 -20.18
N ILE B 332 15.02 -3.64 -21.08
CA ILE B 332 14.83 -4.63 -22.13
C ILE B 332 16.07 -4.73 -22.99
N ILE B 333 16.66 -3.59 -23.36
CA ILE B 333 17.84 -3.64 -24.22
C ILE B 333 19.00 -4.31 -23.50
N ILE B 334 19.24 -3.94 -22.24
CA ILE B 334 20.35 -4.52 -21.49
C ILE B 334 20.19 -6.03 -21.37
N PHE B 335 19.04 -6.47 -20.88
CA PHE B 335 18.87 -7.89 -20.64
C PHE B 335 18.79 -8.66 -21.95
N ALA B 336 18.32 -8.03 -23.02
CA ALA B 336 18.30 -8.71 -24.31
C ALA B 336 19.70 -8.91 -24.84
N THR B 337 20.58 -7.92 -24.69
CA THR B 337 21.95 -8.10 -25.11
C THR B 337 22.63 -9.21 -24.31
N VAL B 338 22.45 -9.20 -22.99
CA VAL B 338 23.07 -10.23 -22.17
C VAL B 338 22.56 -11.61 -22.56
N MET B 339 21.24 -11.75 -22.65
CA MET B 339 20.67 -13.06 -22.96
C MET B 339 21.01 -13.50 -24.37
N PHE B 340 21.22 -12.57 -25.30
CA PHE B 340 21.57 -12.98 -26.65
C PHE B 340 22.99 -13.49 -26.70
N TYR B 341 23.91 -12.78 -26.06
CA TYR B 341 25.29 -13.25 -26.12
C TYR B 341 25.52 -14.48 -25.26
N ALA B 342 24.67 -14.71 -24.26
CA ALA B 342 24.80 -15.94 -23.48
C ALA B 342 24.24 -17.14 -24.24
N GLU B 343 23.07 -16.98 -24.85
CA GLU B 343 22.37 -18.05 -25.53
C GLU B 343 22.61 -18.07 -27.03
N LYS B 344 23.64 -17.36 -27.49
CA LYS B 344 23.89 -17.23 -28.92
C LYS B 344 24.10 -18.58 -29.57
N GLY B 345 25.08 -19.34 -29.09
CA GLY B 345 25.38 -20.63 -29.68
C GLY B 345 24.77 -21.81 -28.95
N SER B 346 23.67 -22.35 -29.46
CA SER B 346 23.04 -23.50 -28.87
C SER B 346 22.41 -24.32 -29.99
N SER B 347 21.77 -25.43 -29.61
CA SER B 347 21.26 -26.40 -30.57
C SER B 347 20.32 -25.76 -31.56
N ALA B 348 19.17 -25.29 -31.08
CA ALA B 348 18.19 -24.59 -31.89
C ALA B 348 17.82 -23.29 -31.22
N SER B 349 18.84 -22.56 -30.77
CA SER B 349 18.66 -21.34 -30.00
C SER B 349 17.77 -20.37 -30.76
N LYS B 350 16.62 -20.07 -30.19
CA LYS B 350 15.72 -19.07 -30.76
C LYS B 350 16.15 -17.66 -30.44
N PHE B 351 17.30 -17.49 -29.79
CA PHE B 351 17.89 -16.17 -29.60
C PHE B 351 18.78 -15.87 -30.81
N THR B 352 18.13 -15.79 -31.97
CA THR B 352 18.87 -15.56 -33.21
C THR B 352 19.36 -14.12 -33.31
N SER B 353 18.79 -13.20 -32.54
CA SER B 353 19.15 -11.80 -32.65
C SER B 353 18.64 -11.07 -31.41
N ILE B 354 19.20 -9.89 -31.17
CA ILE B 354 18.82 -9.11 -29.99
C ILE B 354 17.37 -8.65 -30.14
N PRO B 355 16.95 -8.18 -31.32
CA PRO B 355 15.50 -8.01 -31.52
C PRO B 355 14.70 -9.28 -31.24
N ALA B 356 15.20 -10.44 -31.63
CA ALA B 356 14.50 -11.67 -31.31
C ALA B 356 14.56 -12.01 -29.83
N SER B 357 15.45 -11.39 -29.07
CA SER B 357 15.52 -11.59 -27.63
C SER B 357 14.66 -10.60 -26.87
N PHE B 358 14.25 -9.51 -27.51
CA PHE B 358 13.27 -8.62 -26.91
C PHE B 358 12.06 -9.38 -26.43
N TRP B 359 11.63 -10.38 -27.21
CA TRP B 359 10.44 -11.15 -26.86
C TRP B 359 10.64 -11.91 -25.55
N TYR B 360 11.74 -12.64 -25.44
CA TYR B 360 12.03 -13.35 -24.20
C TYR B 360 12.09 -12.37 -23.03
N THR B 361 12.76 -11.24 -23.22
CA THR B 361 12.95 -10.33 -22.11
C THR B 361 11.63 -9.75 -21.64
N ILE B 362 10.77 -9.33 -22.57
CA ILE B 362 9.51 -8.74 -22.16
C ILE B 362 8.56 -9.79 -21.60
N VAL B 363 8.69 -11.04 -22.02
CA VAL B 363 7.85 -12.09 -21.43
C VAL B 363 8.33 -12.43 -20.04
N THR B 364 9.63 -12.39 -19.78
CA THR B 364 10.13 -12.74 -18.46
C THR B 364 9.95 -11.62 -17.46
N MET B 365 10.19 -10.38 -17.87
CA MET B 365 10.13 -9.27 -16.92
C MET B 365 8.74 -9.10 -16.34
N THR B 366 7.70 -9.50 -17.06
CA THR B 366 6.33 -9.36 -16.59
C THR B 366 5.84 -10.58 -15.82
N THR B 367 6.72 -11.54 -15.55
CA THR B 367 6.34 -12.82 -14.94
C THR B 367 5.27 -13.52 -15.75
N LEU B 368 5.21 -13.26 -17.05
CA LEU B 368 4.28 -13.98 -17.90
C LEU B 368 4.72 -15.42 -18.08
N GLY B 369 5.90 -15.63 -18.65
CA GLY B 369 6.47 -16.95 -18.77
C GLY B 369 5.67 -17.87 -19.65
N TYR B 370 5.63 -17.59 -20.95
CA TYR B 370 4.97 -18.51 -21.87
C TYR B 370 5.70 -19.84 -21.91
N GLY B 371 7.02 -19.79 -22.08
CA GLY B 371 7.82 -20.99 -22.11
C GLY B 371 8.23 -21.44 -23.48
N ASP B 372 8.01 -20.63 -24.51
CA ASP B 372 8.45 -21.01 -25.85
C ASP B 372 9.91 -20.66 -26.08
N MET B 373 10.41 -19.62 -25.43
CA MET B 373 11.82 -19.26 -25.45
C MET B 373 12.34 -19.35 -24.03
N VAL B 374 13.19 -20.34 -23.76
CA VAL B 374 13.77 -20.50 -22.44
C VAL B 374 15.28 -20.68 -22.59
N PRO B 375 16.07 -20.20 -21.64
CA PRO B 375 17.52 -20.41 -21.74
C PRO B 375 17.88 -21.86 -21.49
N LYS B 376 19.06 -22.23 -21.96
CA LYS B 376 19.54 -23.58 -21.81
C LYS B 376 20.97 -23.68 -21.31
N THR B 377 21.68 -22.57 -21.15
CA THR B 377 23.02 -22.57 -20.59
C THR B 377 22.98 -22.06 -19.16
N ILE B 378 24.14 -22.11 -18.50
CA ILE B 378 24.19 -21.67 -17.12
C ILE B 378 24.05 -20.16 -17.04
N ALA B 379 24.77 -19.43 -17.90
CA ALA B 379 24.69 -17.97 -17.88
C ALA B 379 23.31 -17.49 -18.28
N GLY B 380 22.70 -18.13 -19.28
CA GLY B 380 21.34 -17.78 -19.64
C GLY B 380 20.38 -17.94 -18.48
N LYS B 381 20.54 -19.02 -17.71
CA LYS B 381 19.65 -19.23 -16.58
C LYS B 381 19.88 -18.19 -15.50
N ILE B 382 21.14 -17.92 -15.15
CA ILE B 382 21.42 -16.92 -14.13
C ILE B 382 20.82 -15.58 -14.50
N PHE B 383 20.98 -15.18 -15.77
CA PHE B 383 20.52 -13.86 -16.14
C PHE B 383 19.03 -13.79 -16.41
N GLY B 384 18.38 -14.89 -16.77
CA GLY B 384 16.93 -14.88 -16.82
C GLY B 384 16.36 -14.76 -15.42
N SER B 385 17.01 -15.45 -14.48
CA SER B 385 16.62 -15.30 -13.08
C SER B 385 16.71 -13.86 -12.63
N ILE B 386 17.85 -13.22 -12.89
CA ILE B 386 18.00 -11.81 -12.51
C ILE B 386 16.98 -10.94 -13.24
N CYS B 387 16.68 -11.28 -14.49
CA CYS B 387 15.79 -10.47 -15.31
C CYS B 387 14.38 -10.46 -14.75
N SER B 388 13.90 -11.60 -14.26
CA SER B 388 12.56 -11.65 -13.70
C SER B 388 12.41 -10.70 -12.53
N LEU B 389 13.35 -10.76 -11.59
CA LEU B 389 13.31 -9.89 -10.41
C LEU B 389 13.42 -8.43 -10.82
N SER B 390 14.36 -8.12 -11.72
CA SER B 390 14.54 -6.74 -12.14
C SER B 390 13.28 -6.18 -12.79
N GLY B 391 12.58 -7.01 -13.56
CA GLY B 391 11.34 -6.56 -14.16
C GLY B 391 10.26 -6.33 -13.13
N VAL B 392 10.12 -7.27 -12.18
CA VAL B 392 9.16 -7.08 -11.09
C VAL B 392 9.42 -5.76 -10.40
N LEU B 393 10.70 -5.42 -10.20
CA LEU B 393 11.02 -4.16 -9.54
C LEU B 393 10.64 -2.96 -10.40
N VAL B 394 11.09 -2.95 -11.66
CA VAL B 394 10.92 -1.76 -12.49
C VAL B 394 9.47 -1.55 -12.90
N ILE B 395 8.65 -2.58 -12.85
CA ILE B 395 7.24 -2.41 -13.21
C ILE B 395 6.42 -1.96 -12.00
N ALA B 396 6.87 -2.27 -10.79
CA ALA B 396 6.15 -1.89 -9.60
C ALA B 396 6.37 -0.44 -9.19
N LEU B 397 7.01 0.37 -10.02
CA LEU B 397 7.21 1.76 -9.68
C LEU B 397 5.99 2.63 -9.99
N PRO B 398 5.37 2.54 -11.18
CA PRO B 398 4.24 3.43 -11.48
C PRO B 398 2.94 3.00 -10.82
N VAL B 399 2.75 1.70 -10.66
CA VAL B 399 1.51 1.13 -10.14
C VAL B 399 1.03 1.82 -8.88
N PRO B 400 1.88 2.04 -7.86
CA PRO B 400 1.39 2.68 -6.63
C PRO B 400 0.77 4.04 -6.88
N VAL B 401 1.52 4.94 -7.52
CA VAL B 401 1.01 6.30 -7.71
C VAL B 401 -0.19 6.28 -8.64
N ILE B 402 -0.21 5.39 -9.62
CA ILE B 402 -1.36 5.33 -10.54
C ILE B 402 -2.62 4.96 -9.78
N VAL B 403 -2.58 3.86 -9.02
CA VAL B 403 -3.80 3.45 -8.34
C VAL B 403 -4.17 4.44 -7.24
N SER B 404 -3.18 5.09 -6.62
CA SER B 404 -3.47 6.09 -5.62
C SER B 404 -4.21 7.27 -6.24
N ASN B 405 -3.71 7.78 -7.36
CA ASN B 405 -4.37 8.87 -8.04
C ASN B 405 -5.76 8.48 -8.50
N PHE B 406 -5.93 7.25 -8.98
CA PHE B 406 -7.25 6.81 -9.43
C PHE B 406 -8.23 6.82 -8.27
N SER B 407 -7.87 6.18 -7.17
CA SER B 407 -8.76 6.16 -6.01
C SER B 407 -9.04 7.57 -5.52
N ARG B 408 -8.03 8.44 -5.57
CA ARG B 408 -8.20 9.80 -5.07
C ARG B 408 -9.20 10.57 -5.92
N ILE B 409 -9.06 10.50 -7.24
CA ILE B 409 -9.99 11.21 -8.12
C ILE B 409 -11.39 10.63 -7.98
N TYR B 410 -11.49 9.30 -7.89
CA TYR B 410 -12.77 8.64 -7.70
C TYR B 410 -13.47 9.19 -6.48
N HIS B 411 -12.83 9.10 -5.32
CA HIS B 411 -13.46 9.54 -4.08
C HIS B 411 -13.62 11.05 -4.04
N GLN B 412 -12.78 11.81 -4.74
CA GLN B 412 -12.95 13.25 -4.80
C GLN B 412 -14.24 13.60 -5.51
N ASN B 413 -14.49 12.97 -6.66
CA ASN B 413 -15.76 13.20 -7.34
C ASN B 413 -16.93 12.71 -6.49
N GLN B 414 -16.74 11.61 -5.78
CA GLN B 414 -17.78 11.11 -4.87
C GLN B 414 -18.16 12.18 -3.86
N ARG B 415 -17.20 12.59 -3.03
CA ARG B 415 -17.47 13.60 -2.00
C ARG B 415 -17.90 14.92 -2.62
N ALA B 416 -17.45 15.22 -3.84
CA ALA B 416 -17.83 16.47 -4.47
C ALA B 416 -19.32 16.50 -4.79
N ASP B 417 -19.83 15.44 -5.42
CA ASP B 417 -21.26 15.44 -5.72
C ASP B 417 -22.09 15.28 -4.46
N LYS B 418 -21.58 14.55 -3.45
CA LYS B 418 -22.24 14.52 -2.16
C LYS B 418 -22.41 15.92 -1.58
N ARG B 419 -21.31 16.67 -1.46
CA ARG B 419 -21.39 18.01 -0.89
C ARG B 419 -22.21 18.94 -1.75
N ARG B 420 -22.21 18.74 -3.07
CA ARG B 420 -23.03 19.58 -3.94
C ARG B 420 -24.51 19.35 -3.69
N ALA B 421 -24.92 18.07 -3.60
CA ALA B 421 -26.31 17.78 -3.30
C ALA B 421 -26.68 18.28 -1.91
N GLN B 422 -25.75 18.17 -0.96
CA GLN B 422 -26.02 18.65 0.40
C GLN B 422 -26.21 20.16 0.42
N LYS B 423 -25.40 20.89 -0.35
CA LYS B 423 -25.50 22.35 -0.37
C LYS B 423 -26.74 22.80 -1.13
N LYS B 424 -27.13 22.08 -2.18
CA LYS B 424 -28.35 22.44 -2.89
C LYS B 424 -29.61 22.04 -2.12
N ALA B 425 -29.50 21.09 -1.19
CA ALA B 425 -30.62 20.76 -0.33
C ALA B 425 -30.77 21.71 0.84
N ARG B 426 -29.77 22.56 1.10
CA ARG B 426 -29.81 23.50 2.21
C ARG B 426 -30.98 24.47 2.09
N GLU C 40 -22.39 49.19 25.46
CA GLU C 40 -21.49 48.91 26.59
C GLU C 40 -20.69 47.64 26.36
N LEU C 41 -19.44 47.64 26.82
CA LEU C 41 -18.55 46.50 26.66
C LEU C 41 -18.96 45.41 27.63
N ILE C 42 -19.94 44.60 27.22
CA ILE C 42 -20.41 43.52 28.08
C ILE C 42 -19.31 42.48 28.20
N VAL C 43 -18.99 42.11 29.44
CA VAL C 43 -17.88 41.22 29.75
C VAL C 43 -18.45 39.86 30.15
N LEU C 44 -17.78 38.80 29.71
CA LEU C 44 -18.19 37.43 29.92
C LEU C 44 -17.03 36.70 30.60
N ASN C 45 -17.09 36.60 31.92
CA ASN C 45 -16.12 35.77 32.66
C ASN C 45 -16.67 34.35 32.73
N VAL C 46 -16.67 33.71 31.57
CA VAL C 46 -17.13 32.33 31.46
C VAL C 46 -16.15 31.45 32.21
N SER C 47 -16.58 30.91 33.34
CA SER C 47 -15.75 30.06 34.19
C SER C 47 -14.41 30.71 34.47
N GLY C 48 -14.42 32.03 34.68
CA GLY C 48 -13.23 32.78 34.99
C GLY C 48 -12.47 33.34 33.81
N ARG C 49 -12.62 32.75 32.63
CA ARG C 49 -11.98 33.30 31.44
C ARG C 49 -12.80 34.48 30.94
N ARG C 50 -12.15 35.64 30.85
CA ARG C 50 -12.84 36.90 30.61
C ARG C 50 -12.73 37.27 29.14
N PHE C 51 -13.84 37.15 28.43
CA PHE C 51 -14.02 37.76 27.12
C PHE C 51 -14.83 39.05 27.27
N GLN C 52 -14.98 39.77 26.17
CA GLN C 52 -15.63 41.08 26.25
C GLN C 52 -16.00 41.53 24.85
N THR C 53 -17.25 41.99 24.69
CA THR C 53 -17.76 42.33 23.36
C THR C 53 -18.88 43.34 23.52
N TRP C 54 -19.14 44.10 22.46
CA TRP C 54 -20.30 44.98 22.40
C TRP C 54 -21.58 44.17 22.28
N ARG C 55 -22.64 44.63 22.93
CA ARG C 55 -23.94 43.99 22.80
C ARG C 55 -24.49 44.13 21.39
N THR C 56 -24.09 45.18 20.67
CA THR C 56 -24.57 45.35 19.29
C THR C 56 -24.31 44.10 18.46
N THR C 57 -23.10 43.56 18.53
CA THR C 57 -22.82 42.32 17.82
C THR C 57 -23.34 41.11 18.59
N LEU C 58 -23.48 41.21 19.92
CA LEU C 58 -24.04 40.10 20.70
C LEU C 58 -25.50 39.85 20.36
N GLU C 59 -26.21 40.87 19.87
CA GLU C 59 -27.60 40.74 19.49
C GLU C 59 -27.79 40.39 18.03
N ARG C 60 -26.70 40.05 17.31
CA ARG C 60 -26.79 39.77 15.89
C ARG C 60 -27.73 38.62 15.59
N TYR C 61 -27.85 37.65 16.49
CA TYR C 61 -28.69 36.48 16.28
C TYR C 61 -29.28 36.06 17.62
N PRO C 62 -30.33 36.74 18.06
CA PRO C 62 -30.86 36.50 19.42
C PRO C 62 -31.75 35.28 19.53
N ASP C 63 -31.71 34.38 18.54
CA ASP C 63 -32.50 33.17 18.59
C ASP C 63 -31.77 32.01 19.25
N THR C 64 -30.84 32.30 20.17
CA THR C 64 -30.16 31.27 20.97
C THR C 64 -30.01 31.74 22.41
N LEU C 65 -29.14 31.07 23.17
CA LEU C 65 -29.01 31.37 24.60
C LEU C 65 -28.44 32.76 24.84
N LEU C 66 -27.28 33.05 24.26
CA LEU C 66 -26.59 34.28 24.61
C LEU C 66 -27.15 35.49 23.85
N GLY C 67 -27.63 35.28 22.63
CA GLY C 67 -28.21 36.39 21.89
C GLY C 67 -29.51 36.90 22.49
N SER C 68 -30.34 36.00 22.99
CA SER C 68 -31.63 36.36 23.55
C SER C 68 -31.45 36.89 24.97
N THR C 69 -32.54 37.00 25.72
CA THR C 69 -32.51 37.57 27.06
C THR C 69 -32.81 36.54 28.14
N GLU C 70 -32.78 35.25 27.84
CA GLU C 70 -32.93 34.26 28.90
C GLU C 70 -31.60 33.91 29.57
N LYS C 71 -30.49 34.37 29.01
CA LYS C 71 -29.20 34.26 29.71
C LYS C 71 -29.17 35.11 30.97
N GLU C 72 -30.09 36.06 31.10
CA GLU C 72 -30.14 36.92 32.28
C GLU C 72 -30.34 36.15 33.57
N PHE C 73 -30.71 34.86 33.48
CA PHE C 73 -30.77 34.04 34.69
C PHE C 73 -29.40 33.92 35.33
N PHE C 74 -28.36 33.71 34.54
CA PHE C 74 -27.00 33.61 35.04
C PHE C 74 -26.34 34.99 35.20
N PHE C 75 -27.12 36.06 35.13
CA PHE C 75 -26.58 37.42 35.08
C PHE C 75 -26.63 38.02 36.49
N ASN C 76 -25.66 37.63 37.31
CA ASN C 76 -25.52 38.22 38.64
C ASN C 76 -24.91 39.60 38.51
N GLU C 77 -25.76 40.64 38.49
CA GLU C 77 -25.26 41.99 38.37
C GLU C 77 -24.46 42.45 39.58
N ASP C 78 -24.27 41.58 40.57
CA ASP C 78 -23.21 41.79 41.55
C ASP C 78 -21.88 42.03 40.86
N THR C 79 -21.72 41.52 39.64
CA THR C 79 -20.57 41.78 38.80
C THR C 79 -20.94 42.39 37.45
N LYS C 80 -22.23 42.43 37.11
CA LYS C 80 -22.73 42.91 35.81
C LYS C 80 -22.07 42.13 34.68
N GLU C 81 -21.72 40.88 34.94
CA GLU C 81 -21.10 40.01 33.96
C GLU C 81 -21.81 38.67 34.00
N TYR C 82 -22.09 38.13 32.82
CA TYR C 82 -22.84 36.88 32.72
C TYR C 82 -21.90 35.74 33.08
N PHE C 83 -21.75 35.50 34.38
CA PHE C 83 -20.84 34.48 34.89
C PHE C 83 -21.37 33.11 34.50
N PHE C 84 -20.62 32.39 33.67
CA PHE C 84 -21.04 31.12 33.11
C PHE C 84 -20.09 30.02 33.58
N ASP C 85 -20.65 28.93 34.10
CA ASP C 85 -19.86 27.76 34.49
C ASP C 85 -19.88 26.72 33.38
N ARG C 86 -19.32 27.12 32.23
CA ARG C 86 -19.13 26.22 31.11
C ARG C 86 -17.65 26.17 30.74
N ASP C 87 -17.30 25.42 29.71
CA ASP C 87 -15.91 25.34 29.31
C ASP C 87 -15.43 26.69 28.80
N PRO C 88 -14.24 27.15 29.19
CA PRO C 88 -13.74 28.44 28.71
C PRO C 88 -13.07 28.40 27.34
N GLU C 89 -13.08 27.26 26.64
CA GLU C 89 -12.44 27.19 25.34
C GLU C 89 -13.39 26.75 24.23
N VAL C 90 -14.65 26.49 24.55
CA VAL C 90 -15.66 26.30 23.51
C VAL C 90 -16.43 27.59 23.26
N PHE C 91 -16.52 28.45 24.28
CA PHE C 91 -17.12 29.77 24.11
C PHE C 91 -16.38 30.60 23.08
N ARG C 92 -15.09 30.31 22.86
CA ARG C 92 -14.31 31.03 21.87
C ARG C 92 -14.97 30.93 20.50
N CYS C 93 -15.32 29.71 20.07
CA CYS C 93 -16.00 29.55 18.79
C CYS C 93 -17.36 30.26 18.80
N VAL C 94 -17.99 30.36 19.97
CA VAL C 94 -19.28 31.02 20.05
C VAL C 94 -19.15 32.50 19.70
N LEU C 95 -18.27 33.21 20.40
CA LEU C 95 -18.18 34.63 20.11
C LEU C 95 -17.46 34.89 18.79
N ASN C 96 -16.69 33.91 18.30
CA ASN C 96 -16.18 34.04 16.95
C ASN C 96 -17.28 33.90 15.91
N PHE C 97 -18.28 33.06 16.15
CA PHE C 97 -19.47 33.07 15.32
C PHE C 97 -20.17 34.42 15.38
N TYR C 98 -20.37 34.95 16.59
CA TYR C 98 -21.03 36.24 16.72
C TYR C 98 -20.22 37.37 16.10
N ARG C 99 -18.92 37.17 15.90
CA ARG C 99 -18.11 38.14 15.17
C ARG C 99 -18.28 37.97 13.66
N THR C 100 -17.90 36.81 13.14
CA THR C 100 -17.84 36.59 11.71
C THR C 100 -19.22 36.39 11.10
N GLY C 101 -20.10 35.68 11.78
CA GLY C 101 -21.36 35.22 11.22
C GLY C 101 -21.42 33.73 11.03
N LYS C 102 -20.31 33.02 11.21
CA LYS C 102 -20.28 31.57 11.15
C LYS C 102 -19.25 31.07 12.16
N LEU C 103 -19.50 29.87 12.68
CA LEU C 103 -18.63 29.26 13.66
C LEU C 103 -17.75 28.19 13.02
N HIS C 104 -16.51 28.13 13.47
CA HIS C 104 -15.56 27.13 12.98
C HIS C 104 -15.55 25.93 13.92
N TYR C 105 -14.76 24.93 13.55
CA TYR C 105 -14.64 23.70 14.32
C TYR C 105 -13.18 23.34 14.49
N PRO C 106 -12.60 23.52 15.66
CA PRO C 106 -11.21 23.10 15.87
C PRO C 106 -11.10 21.59 15.97
N ARG C 107 -9.87 21.10 15.77
CA ARG C 107 -9.66 19.67 15.60
C ARG C 107 -9.61 18.93 16.94
N TYR C 108 -8.66 19.29 17.80
CA TYR C 108 -8.14 18.39 18.82
C TYR C 108 -9.17 17.95 19.86
N GLU C 109 -10.03 18.85 20.34
CA GLU C 109 -10.86 18.50 21.48
C GLU C 109 -11.93 17.48 21.10
N CYS C 110 -12.33 16.68 22.08
CA CYS C 110 -13.32 15.64 21.85
C CYS C 110 -14.63 16.24 21.36
N ILE C 111 -15.10 15.75 20.21
CA ILE C 111 -16.31 16.31 19.62
C ILE C 111 -17.53 16.05 20.48
N SER C 112 -17.43 15.13 21.45
CA SER C 112 -18.53 14.91 22.36
C SER C 112 -18.80 16.16 23.20
N ALA C 113 -17.76 16.69 23.84
CA ALA C 113 -17.90 17.93 24.59
C ALA C 113 -18.29 19.09 23.69
N TYR C 114 -17.78 19.10 22.46
CA TYR C 114 -18.15 20.13 21.49
C TYR C 114 -19.66 20.13 21.26
N ASP C 115 -20.21 18.95 20.95
CA ASP C 115 -21.64 18.85 20.72
C ASP C 115 -22.43 19.20 21.98
N ASP C 116 -21.96 18.74 23.14
CA ASP C 116 -22.63 19.06 24.39
C ASP C 116 -22.74 20.57 24.58
N GLU C 117 -21.63 21.28 24.39
CA GLU C 117 -21.62 22.71 24.69
C GLU C 117 -22.32 23.52 23.61
N LEU C 118 -22.30 23.07 22.35
CA LEU C 118 -23.08 23.77 21.34
C LEU C 118 -24.57 23.53 21.54
N ALA C 119 -24.95 22.38 22.09
CA ALA C 119 -26.34 22.15 22.42
C ALA C 119 -26.74 22.96 23.65
N PHE C 120 -25.80 23.18 24.56
CA PHE C 120 -26.11 23.98 25.75
C PHE C 120 -26.48 25.40 25.37
N TYR C 121 -25.82 25.97 24.36
CA TYR C 121 -26.15 27.30 23.89
C TYR C 121 -27.28 27.30 22.87
N GLY C 122 -27.84 26.15 22.55
CA GLY C 122 -28.92 26.08 21.60
C GLY C 122 -28.53 26.38 20.18
N ILE C 123 -27.27 26.24 19.82
CA ILE C 123 -26.82 26.46 18.45
C ILE C 123 -26.75 25.12 17.74
N LEU C 124 -26.99 25.14 16.42
CA LEU C 124 -27.20 23.89 15.70
C LEU C 124 -25.96 23.53 14.89
N PRO C 125 -25.57 22.24 14.87
CA PRO C 125 -24.47 21.82 14.00
C PRO C 125 -24.73 22.07 12.52
N GLU C 126 -25.99 22.19 12.12
CA GLU C 126 -26.29 22.50 10.72
C GLU C 126 -25.67 23.83 10.30
N ILE C 127 -25.68 24.82 11.20
CA ILE C 127 -25.19 26.16 10.87
C ILE C 127 -23.69 26.19 10.66
N ILE C 128 -22.99 25.08 10.95
CA ILE C 128 -21.53 25.06 10.86
C ILE C 128 -21.11 25.39 9.43
N GLY C 129 -20.30 26.43 9.29
CA GLY C 129 -19.85 26.84 7.98
C GLY C 129 -19.05 25.76 7.28
N ASP C 130 -19.09 25.81 5.95
CA ASP C 130 -18.35 24.84 5.15
C ASP C 130 -16.85 25.01 5.26
N CYS C 131 -16.37 26.04 5.95
CA CYS C 131 -14.95 26.20 6.20
C CYS C 131 -14.38 24.94 6.85
N CYS C 132 -15.11 24.37 7.80
CA CYS C 132 -14.75 23.10 8.44
C CYS C 132 -16.05 22.37 8.72
N TYR C 133 -16.47 21.54 7.78
CA TYR C 133 -17.73 20.81 7.91
C TYR C 133 -17.59 19.32 7.67
N GLU C 134 -16.73 18.91 6.72
CA GLU C 134 -16.65 17.51 6.34
C GLU C 134 -15.97 16.67 7.40
N GLU C 135 -14.91 17.20 8.02
CA GLU C 135 -14.29 16.48 9.12
C GLU C 135 -15.18 16.44 10.35
N TYR C 136 -16.09 17.40 10.47
CA TYR C 136 -17.10 17.31 11.52
C TYR C 136 -17.95 16.06 11.34
N LYS C 137 -18.50 15.88 10.14
CA LYS C 137 -19.27 14.68 9.83
C LYS C 137 -18.41 13.42 10.02
N ASP C 138 -17.15 13.48 9.60
CA ASP C 138 -16.22 12.38 9.81
C ASP C 138 -16.16 11.97 11.27
N ARG C 139 -15.86 12.94 12.15
CA ARG C 139 -15.72 12.66 13.58
C ARG C 139 -17.02 12.13 14.16
N LYS C 140 -18.16 12.73 13.80
CA LYS C 140 -19.43 12.21 14.29
C LYS C 140 -19.65 10.78 13.85
N ARG C 141 -19.35 10.47 12.60
CA ARG C 141 -19.52 9.11 12.09
C ARG C 141 -18.69 8.12 12.89
N GLU C 142 -17.40 8.39 13.04
CA GLU C 142 -16.56 7.41 13.73
C GLU C 142 -16.85 7.36 15.22
N ASN C 143 -17.32 8.46 15.80
CA ASN C 143 -17.77 8.42 17.18
C ASN C 143 -18.99 7.52 17.33
N ALA C 144 -19.90 7.58 16.36
CA ALA C 144 -21.06 6.70 16.39
C ALA C 144 -20.65 5.25 16.22
N GLU C 145 -19.68 4.97 15.34
CA GLU C 145 -19.20 3.60 15.19
C GLU C 145 -18.51 3.12 16.47
N ARG C 146 -17.82 4.02 17.18
CA ARG C 146 -17.22 3.63 18.45
C ARG C 146 -18.30 3.29 19.47
N LEU C 147 -19.18 4.24 19.75
CA LEU C 147 -20.24 3.99 20.72
C LEU C 147 -21.36 3.11 20.18
N MET C 148 -21.18 2.54 19.00
CA MET C 148 -22.16 1.62 18.41
C MET C 148 -22.33 0.37 19.28
N LEU C 163 -40.28 -17.96 25.07
CA LEU C 163 -38.94 -17.98 25.62
C LEU C 163 -38.75 -19.25 26.45
N SER C 164 -39.82 -20.03 26.58
CA SER C 164 -39.73 -21.30 27.30
C SER C 164 -39.04 -22.35 26.46
N PHE C 165 -39.40 -22.45 25.19
CA PHE C 165 -38.78 -23.41 24.29
C PHE C 165 -38.28 -22.77 23.00
N ARG C 166 -39.01 -21.80 22.45
CA ARG C 166 -38.65 -21.24 21.15
C ARG C 166 -37.41 -20.37 21.26
N GLN C 167 -37.46 -19.33 22.09
CA GLN C 167 -36.33 -18.43 22.19
C GLN C 167 -35.11 -19.09 22.82
N THR C 168 -35.30 -20.14 23.61
CA THR C 168 -34.16 -20.93 24.05
C THR C 168 -33.35 -21.42 22.85
N MET C 169 -34.02 -22.05 21.89
CA MET C 169 -33.35 -22.52 20.69
C MET C 169 -32.82 -21.35 19.87
N TRP C 170 -33.59 -20.27 19.76
CA TRP C 170 -33.15 -19.19 18.89
C TRP C 170 -32.02 -18.38 19.50
N ARG C 171 -31.75 -18.54 20.79
CA ARG C 171 -30.55 -17.95 21.36
C ARG C 171 -29.41 -18.94 21.44
N ALA C 172 -29.71 -20.25 21.46
CA ALA C 172 -28.65 -21.24 21.39
C ALA C 172 -28.02 -21.26 20.00
N PHE C 173 -28.83 -21.10 18.96
CA PHE C 173 -28.33 -21.21 17.60
C PHE C 173 -27.32 -20.11 17.29
N GLU C 174 -27.72 -18.85 17.47
CA GLU C 174 -26.86 -17.74 17.07
C GLU C 174 -25.58 -17.68 17.90
N ASN C 175 -25.69 -17.81 19.21
CA ASN C 175 -24.53 -17.71 20.08
C ASN C 175 -24.18 -19.08 20.59
N PRO C 176 -23.24 -19.79 19.95
CA PRO C 176 -22.92 -21.15 20.39
C PRO C 176 -22.17 -21.20 21.70
N HIS C 177 -21.39 -20.18 22.04
CA HIS C 177 -20.52 -20.25 23.20
C HIS C 177 -21.26 -20.03 24.51
N THR C 178 -22.48 -19.48 24.47
CA THR C 178 -23.19 -19.21 25.72
C THR C 178 -23.55 -20.51 26.43
N SER C 179 -24.36 -21.34 25.79
CA SER C 179 -24.71 -22.63 26.37
C SER C 179 -23.56 -23.62 26.15
N THR C 180 -23.75 -24.85 26.63
CA THR C 180 -22.85 -25.94 26.27
C THR C 180 -23.51 -26.95 25.34
N LEU C 181 -24.83 -27.13 25.46
CA LEU C 181 -25.55 -27.84 24.41
C LEU C 181 -25.42 -27.11 23.08
N ALA C 182 -25.26 -25.79 23.12
CA ALA C 182 -25.05 -25.04 21.89
C ALA C 182 -23.77 -25.47 21.20
N LEU C 183 -22.69 -25.71 21.96
CA LEU C 183 -21.48 -26.23 21.34
C LEU C 183 -21.68 -27.64 20.82
N VAL C 184 -22.34 -28.50 21.59
CA VAL C 184 -22.49 -29.88 21.14
C VAL C 184 -23.41 -29.96 19.94
N PHE C 185 -24.13 -28.89 19.62
CA PHE C 185 -24.87 -28.82 18.37
C PHE C 185 -24.05 -28.17 17.26
N TYR C 186 -23.38 -27.07 17.58
CA TYR C 186 -22.55 -26.36 16.61
C TYR C 186 -21.45 -27.24 16.04
N TYR C 187 -20.65 -27.86 16.89
CA TYR C 187 -19.58 -28.72 16.42
C TYR C 187 -20.10 -29.97 15.73
N VAL C 188 -21.18 -30.57 16.21
CA VAL C 188 -21.67 -31.78 15.57
C VAL C 188 -22.30 -31.48 14.22
N THR C 189 -22.82 -30.27 14.02
CA THR C 189 -23.35 -29.94 12.70
C THR C 189 -22.28 -29.36 11.79
N GLY C 190 -21.16 -28.92 12.34
CA GLY C 190 -20.04 -28.54 11.51
C GLY C 190 -19.13 -29.69 11.15
N PHE C 191 -19.23 -30.79 11.86
CA PHE C 191 -18.49 -32.00 11.51
C PHE C 191 -19.10 -32.71 10.31
N PHE C 192 -20.43 -32.74 10.22
CA PHE C 192 -21.06 -33.44 9.12
C PHE C 192 -20.93 -32.67 7.81
N ILE C 193 -20.80 -31.34 7.88
CA ILE C 193 -20.47 -30.58 6.69
C ILE C 193 -19.14 -31.06 6.12
N ALA C 194 -18.13 -31.18 6.97
CA ALA C 194 -16.83 -31.65 6.51
C ALA C 194 -16.94 -33.07 5.99
N VAL C 195 -17.74 -33.91 6.64
CA VAL C 195 -17.90 -35.28 6.16
C VAL C 195 -18.47 -35.28 4.74
N SER C 196 -19.51 -34.49 4.51
CA SER C 196 -20.13 -34.49 3.18
C SER C 196 -19.18 -33.91 2.14
N VAL C 197 -18.45 -32.86 2.48
CA VAL C 197 -17.47 -32.30 1.55
C VAL C 197 -16.45 -33.37 1.16
N ILE C 198 -15.91 -34.06 2.15
CA ILE C 198 -14.86 -35.02 1.89
C ILE C 198 -15.40 -36.19 1.07
N THR C 199 -16.60 -36.67 1.39
CA THR C 199 -17.10 -37.80 0.61
C THR C 199 -17.46 -37.39 -0.81
N ASN C 200 -17.94 -36.17 -1.02
CA ASN C 200 -18.19 -35.72 -2.39
C ASN C 200 -16.89 -35.62 -3.18
N VAL C 201 -15.82 -35.14 -2.54
CA VAL C 201 -14.53 -35.08 -3.22
C VAL C 201 -14.04 -36.48 -3.56
N VAL C 202 -14.18 -37.42 -2.61
CA VAL C 202 -13.56 -38.72 -2.77
C VAL C 202 -14.36 -39.65 -3.68
N GLU C 203 -15.66 -39.45 -3.82
CA GLU C 203 -16.45 -40.35 -4.66
C GLU C 203 -16.01 -40.32 -6.13
N THR C 204 -15.09 -39.43 -6.47
CA THR C 204 -14.60 -39.31 -7.84
C THR C 204 -13.22 -39.90 -8.03
N VAL C 205 -12.54 -40.29 -6.96
CA VAL C 205 -11.19 -40.83 -7.10
C VAL C 205 -11.28 -42.21 -7.72
N PRO C 206 -10.60 -42.47 -8.83
CA PRO C 206 -10.58 -43.83 -9.36
C PRO C 206 -9.64 -44.69 -8.55
N CYS C 207 -10.19 -45.57 -7.72
CA CYS C 207 -9.40 -46.39 -6.82
C CYS C 207 -9.93 -47.81 -6.83
N GLY C 208 -9.01 -48.77 -6.90
CA GLY C 208 -9.38 -50.16 -7.02
C GLY C 208 -9.12 -50.66 -8.42
N THR C 209 -8.03 -51.38 -8.62
CA THR C 209 -7.69 -51.87 -9.96
C THR C 209 -8.67 -52.95 -10.42
N VAL C 210 -9.15 -53.78 -9.49
CA VAL C 210 -10.16 -54.82 -9.72
C VAL C 210 -9.93 -55.53 -11.04
N PRO C 211 -8.90 -56.39 -11.13
CA PRO C 211 -8.53 -56.99 -12.42
C PRO C 211 -9.68 -57.67 -13.17
N GLY C 212 -10.68 -58.16 -12.43
CA GLY C 212 -11.78 -58.86 -13.08
C GLY C 212 -12.64 -57.97 -13.95
N SER C 213 -12.72 -56.68 -13.63
CA SER C 213 -13.56 -55.73 -14.34
C SER C 213 -12.72 -54.51 -14.72
N LYS C 214 -13.37 -53.51 -15.30
CA LYS C 214 -12.69 -52.33 -15.77
C LYS C 214 -12.35 -51.40 -14.59
N GLU C 215 -11.80 -50.23 -14.92
CA GLU C 215 -11.39 -49.27 -13.91
C GLU C 215 -12.58 -48.40 -13.55
N LEU C 216 -12.83 -48.25 -12.25
CA LEU C 216 -14.01 -47.56 -11.76
C LEU C 216 -13.64 -46.54 -10.68
N PRO C 217 -14.37 -45.43 -10.63
CA PRO C 217 -14.25 -44.55 -9.47
C PRO C 217 -14.98 -45.15 -8.28
N CYS C 218 -14.55 -44.75 -7.08
CA CYS C 218 -15.13 -45.31 -5.86
C CYS C 218 -16.63 -45.05 -5.79
N GLY C 219 -17.05 -43.82 -6.13
CA GLY C 219 -18.43 -43.45 -5.92
C GLY C 219 -19.43 -44.33 -6.64
N GLU C 220 -19.01 -45.00 -7.70
CA GLU C 220 -19.89 -45.92 -8.41
C GLU C 220 -19.51 -47.38 -8.21
N ARG C 221 -18.42 -47.65 -7.49
CA ARG C 221 -18.12 -49.02 -7.11
C ARG C 221 -18.80 -49.40 -5.81
N TYR C 222 -18.59 -48.59 -4.77
CA TYR C 222 -19.28 -48.77 -3.49
C TYR C 222 -20.48 -47.85 -3.48
N SER C 223 -21.49 -48.21 -4.26
CA SER C 223 -22.63 -47.33 -4.48
C SER C 223 -23.36 -47.03 -3.18
N VAL C 224 -23.85 -48.08 -2.51
CA VAL C 224 -24.70 -47.87 -1.34
C VAL C 224 -23.89 -47.34 -0.16
N ALA C 225 -22.61 -47.71 -0.07
CA ALA C 225 -21.80 -47.21 1.03
C ALA C 225 -21.65 -45.70 0.97
N PHE C 226 -21.70 -45.11 -0.23
CA PHE C 226 -21.68 -43.67 -0.37
C PHE C 226 -23.08 -43.09 -0.31
N PHE C 227 -24.08 -43.82 -0.80
CA PHE C 227 -25.45 -43.37 -0.69
C PHE C 227 -25.86 -43.17 0.76
N CYS C 228 -25.42 -44.06 1.64
CA CYS C 228 -25.77 -43.95 3.05
C CYS C 228 -25.13 -42.72 3.68
N LEU C 229 -23.86 -42.47 3.38
CA LEU C 229 -23.20 -41.27 3.88
C LEU C 229 -23.93 -40.02 3.41
N ASP C 230 -24.27 -39.97 2.12
CA ASP C 230 -24.96 -38.81 1.59
C ASP C 230 -26.31 -38.62 2.26
N THR C 231 -27.05 -39.72 2.43
CA THR C 231 -28.36 -39.63 3.05
C THR C 231 -28.27 -39.17 4.50
N ALA C 232 -27.30 -39.71 5.25
CA ALA C 232 -27.15 -39.31 6.64
C ALA C 232 -26.85 -37.82 6.75
N CYS C 233 -25.87 -37.34 6.00
CA CYS C 233 -25.53 -35.93 6.11
C CYS C 233 -26.65 -35.03 5.62
N VAL C 234 -27.39 -35.41 4.59
CA VAL C 234 -28.50 -34.60 4.13
C VAL C 234 -29.65 -34.61 5.12
N MET C 235 -29.89 -35.74 5.79
CA MET C 235 -30.95 -35.77 6.79
C MET C 235 -30.60 -34.90 7.99
N ILE C 236 -29.35 -34.94 8.44
CA ILE C 236 -28.96 -34.03 9.52
C ILE C 236 -29.10 -32.58 9.07
N PHE C 237 -28.71 -32.29 7.82
CA PHE C 237 -28.85 -30.93 7.31
C PHE C 237 -30.30 -30.47 7.35
N THR C 238 -31.21 -31.30 6.84
CA THR C 238 -32.60 -30.87 6.75
C THR C 238 -33.22 -30.76 8.14
N VAL C 239 -32.84 -31.63 9.07
CA VAL C 239 -33.40 -31.54 10.42
C VAL C 239 -32.94 -30.26 11.09
N GLU C 240 -31.65 -29.97 11.03
CA GLU C 240 -31.19 -28.74 11.67
C GLU C 240 -31.75 -27.51 10.97
N TYR C 241 -32.00 -27.60 9.67
CA TYR C 241 -32.62 -26.47 8.98
C TYR C 241 -34.06 -26.26 9.44
N LEU C 242 -34.80 -27.34 9.63
CA LEU C 242 -36.16 -27.20 10.12
C LEU C 242 -36.17 -26.64 11.54
N LEU C 243 -35.17 -26.99 12.34
CA LEU C 243 -35.06 -26.37 13.65
C LEU C 243 -34.67 -24.90 13.57
N ARG C 244 -33.86 -24.52 12.58
CA ARG C 244 -33.65 -23.09 12.33
C ARG C 244 -34.97 -22.41 12.03
N LEU C 245 -35.80 -23.06 11.22
CA LEU C 245 -37.04 -22.44 10.79
C LEU C 245 -38.02 -22.29 11.94
N PHE C 246 -38.34 -23.41 12.60
CA PHE C 246 -39.35 -23.40 13.65
C PHE C 246 -38.99 -22.42 14.77
N ALA C 247 -37.70 -22.21 15.01
CA ALA C 247 -37.24 -21.32 16.06
C ALA C 247 -37.02 -19.90 15.60
N ALA C 248 -37.23 -19.59 14.34
CA ALA C 248 -36.99 -18.25 13.85
C ALA C 248 -38.17 -17.35 14.20
N PRO C 249 -37.97 -16.27 14.97
CA PRO C 249 -39.11 -15.41 15.30
C PRO C 249 -39.74 -14.78 14.07
N SER C 250 -38.93 -14.20 13.21
CA SER C 250 -39.40 -13.58 11.96
C SER C 250 -39.23 -14.60 10.84
N ARG C 251 -40.16 -15.54 10.76
CA ARG C 251 -40.05 -16.64 9.80
C ARG C 251 -39.99 -16.16 8.37
N TYR C 252 -40.46 -14.95 8.08
CA TYR C 252 -40.33 -14.44 6.73
C TYR C 252 -38.96 -13.81 6.50
N ARG C 253 -38.39 -13.15 7.51
CA ARG C 253 -37.04 -12.63 7.37
C ARG C 253 -36.02 -13.76 7.23
N PHE C 254 -36.35 -14.95 7.73
CA PHE C 254 -35.44 -16.07 7.60
C PHE C 254 -35.38 -16.58 6.16
N ILE C 255 -36.53 -17.00 5.62
CA ILE C 255 -36.58 -17.51 4.26
C ILE C 255 -35.97 -16.53 3.27
N ARG C 256 -36.09 -15.23 3.54
CA ARG C 256 -35.52 -14.22 2.68
C ARG C 256 -34.01 -14.08 2.84
N SER C 257 -33.45 -14.58 3.94
CA SER C 257 -32.04 -14.40 4.21
C SER C 257 -31.19 -15.23 3.24
N VAL C 258 -29.88 -14.95 3.24
CA VAL C 258 -28.97 -15.63 2.33
C VAL C 258 -28.64 -17.02 2.84
N MET C 259 -28.48 -17.17 4.16
CA MET C 259 -28.12 -18.47 4.71
C MET C 259 -29.19 -19.50 4.44
N SER C 260 -30.47 -19.12 4.52
CA SER C 260 -31.52 -20.07 4.22
C SER C 260 -31.50 -20.48 2.76
N ILE C 261 -31.18 -19.55 1.87
CA ILE C 261 -31.05 -19.88 0.45
C ILE C 261 -29.93 -20.88 0.25
N ILE C 262 -28.78 -20.62 0.88
CA ILE C 262 -27.65 -21.53 0.75
C ILE C 262 -28.03 -22.91 1.25
N ASP C 263 -28.70 -22.99 2.40
CA ASP C 263 -29.05 -24.28 2.95
C ASP C 263 -30.01 -25.03 2.05
N VAL C 264 -31.02 -24.35 1.52
CA VAL C 264 -31.99 -25.06 0.71
C VAL C 264 -31.39 -25.46 -0.64
N VAL C 265 -30.50 -24.66 -1.19
CA VAL C 265 -29.88 -25.05 -2.46
C VAL C 265 -28.80 -26.10 -2.23
N ALA C 266 -28.31 -26.24 -1.00
CA ALA C 266 -27.40 -27.34 -0.71
C ALA C 266 -28.16 -28.62 -0.41
N ILE C 267 -29.42 -28.52 -0.01
CA ILE C 267 -30.19 -29.72 0.30
C ILE C 267 -30.89 -30.28 -0.94
N MET C 268 -31.56 -29.41 -1.71
CA MET C 268 -32.41 -29.89 -2.79
C MET C 268 -31.74 -30.85 -3.77
N PRO C 269 -30.47 -30.69 -4.18
CA PRO C 269 -29.87 -31.64 -5.11
C PRO C 269 -29.89 -33.09 -4.65
N TYR C 270 -30.35 -33.35 -3.43
CA TYR C 270 -30.52 -34.73 -3.00
C TYR C 270 -31.92 -35.24 -3.31
N TYR C 271 -32.95 -34.47 -2.96
CA TYR C 271 -34.32 -34.91 -3.24
C TYR C 271 -34.61 -34.88 -4.73
N ILE C 272 -34.19 -33.82 -5.42
CA ILE C 272 -34.35 -33.77 -6.86
C ILE C 272 -33.64 -34.95 -7.50
N GLY C 273 -32.56 -35.43 -6.88
CA GLY C 273 -31.91 -36.62 -7.37
C GLY C 273 -32.79 -37.86 -7.21
N LEU C 274 -33.66 -37.85 -6.21
CA LEU C 274 -34.54 -39.00 -6.01
C LEU C 274 -35.71 -38.96 -6.99
N VAL C 275 -36.26 -37.78 -7.26
CA VAL C 275 -37.39 -37.72 -8.19
C VAL C 275 -36.94 -38.03 -9.62
N MET C 276 -35.67 -37.79 -9.94
CA MET C 276 -35.15 -37.98 -11.28
C MET C 276 -34.32 -39.25 -11.41
N THR C 277 -34.78 -40.36 -10.82
CA THR C 277 -34.08 -41.64 -10.86
C THR C 277 -33.66 -42.01 -12.28
N ASN C 278 -32.64 -42.86 -12.39
CA ASN C 278 -31.98 -43.18 -13.66
C ASN C 278 -32.92 -43.75 -14.72
N ASN C 279 -34.17 -44.04 -14.35
CA ASN C 279 -35.14 -44.49 -15.35
C ASN C 279 -35.44 -43.37 -16.34
N GLU C 280 -35.75 -42.18 -15.85
CA GLU C 280 -36.07 -41.03 -16.70
C GLU C 280 -35.03 -39.94 -16.45
N ASP C 281 -33.94 -40.00 -17.20
CA ASP C 281 -32.89 -39.00 -17.08
C ASP C 281 -31.93 -39.11 -18.26
N VAL C 282 -31.20 -38.04 -18.51
CA VAL C 282 -30.08 -38.03 -19.46
C VAL C 282 -28.84 -37.62 -18.69
N SER C 283 -27.75 -38.37 -18.90
CA SER C 283 -26.55 -38.21 -18.08
C SER C 283 -25.89 -36.84 -18.22
N GLY C 284 -26.45 -35.94 -19.02
CA GLY C 284 -25.95 -34.59 -19.10
C GLY C 284 -26.74 -33.58 -18.29
N ALA C 285 -27.82 -34.00 -17.67
CA ALA C 285 -28.65 -33.12 -16.85
C ALA C 285 -28.49 -33.38 -15.36
N PHE C 286 -27.77 -34.42 -14.97
CA PHE C 286 -27.50 -34.69 -13.57
C PHE C 286 -26.12 -34.22 -13.14
N VAL C 287 -25.21 -34.00 -14.08
CA VAL C 287 -23.92 -33.41 -13.74
C VAL C 287 -24.12 -32.09 -13.02
N THR C 288 -25.11 -31.31 -13.44
CA THR C 288 -25.42 -30.07 -12.73
C THR C 288 -25.76 -30.34 -11.27
N LEU C 289 -26.43 -31.46 -10.98
CA LEU C 289 -26.77 -31.76 -9.60
C LEU C 289 -25.52 -32.02 -8.77
N ARG C 290 -24.61 -32.86 -9.26
CA ARG C 290 -23.39 -33.10 -8.53
C ARG C 290 -22.54 -31.85 -8.39
N VAL C 291 -22.62 -30.95 -9.37
CA VAL C 291 -21.90 -29.69 -9.24
C VAL C 291 -22.52 -28.84 -8.14
N PHE C 292 -23.84 -28.71 -8.12
CA PHE C 292 -24.50 -27.96 -7.07
C PHE C 292 -24.27 -28.57 -5.71
N ARG C 293 -23.96 -29.84 -5.65
CA ARG C 293 -23.66 -30.45 -4.37
C ARG C 293 -22.38 -29.95 -3.75
N VAL C 294 -21.70 -28.96 -4.34
CA VAL C 294 -20.55 -28.34 -3.69
C VAL C 294 -20.93 -27.08 -2.96
N PHE C 295 -22.19 -26.65 -3.06
CA PHE C 295 -22.64 -25.49 -2.31
C PHE C 295 -22.76 -25.77 -0.83
N ARG C 296 -22.76 -27.04 -0.42
CA ARG C 296 -22.78 -27.36 0.98
C ARG C 296 -21.42 -27.25 1.62
N ILE C 297 -20.50 -26.57 0.95
CA ILE C 297 -19.27 -26.12 1.58
C ILE C 297 -19.40 -24.69 2.07
N PHE C 298 -20.42 -23.96 1.62
CA PHE C 298 -20.63 -22.60 2.09
C PHE C 298 -21.29 -22.56 3.45
N LYS C 299 -21.85 -23.67 3.92
CA LYS C 299 -22.41 -23.72 5.25
C LYS C 299 -21.37 -23.45 6.33
N PHE C 300 -20.08 -23.52 6.00
CA PHE C 300 -19.05 -23.09 6.91
C PHE C 300 -19.13 -21.62 7.25
N SER C 301 -20.01 -20.87 6.58
CA SER C 301 -20.17 -19.46 6.89
C SER C 301 -20.64 -19.25 8.32
N ARG C 302 -21.35 -20.24 8.89
CA ARG C 302 -21.76 -20.12 10.27
C ARG C 302 -20.60 -20.31 11.22
N HIS C 303 -19.68 -21.21 10.90
CA HIS C 303 -18.57 -21.51 11.79
C HIS C 303 -17.38 -20.58 11.59
N SER C 304 -17.25 -19.96 10.43
CA SER C 304 -16.13 -19.08 10.15
C SER C 304 -16.59 -17.63 10.21
N GLN C 305 -15.73 -16.78 10.76
CA GLN C 305 -15.99 -15.35 10.77
C GLN C 305 -15.38 -14.66 9.56
N GLY C 306 -14.26 -15.18 9.08
CA GLY C 306 -13.64 -14.61 7.90
C GLY C 306 -14.51 -14.66 6.68
N LEU C 307 -15.26 -15.75 6.50
CA LEU C 307 -16.14 -15.87 5.34
C LEU C 307 -17.25 -14.81 5.38
N ARG C 308 -17.86 -14.61 6.54
CA ARG C 308 -18.90 -13.60 6.64
C ARG C 308 -18.32 -12.21 6.45
N ILE C 309 -17.13 -11.94 6.99
CA ILE C 309 -16.50 -10.66 6.76
C ILE C 309 -16.22 -10.46 5.27
N LEU C 310 -15.81 -11.53 4.59
CA LEU C 310 -15.53 -11.43 3.17
C LEU C 310 -16.79 -11.16 2.38
N GLY C 311 -17.90 -11.79 2.75
CA GLY C 311 -19.16 -11.47 2.09
C GLY C 311 -19.57 -10.03 2.33
N TYR C 312 -19.42 -9.55 3.56
CA TYR C 312 -19.74 -8.16 3.86
C TYR C 312 -18.92 -7.21 3.00
N THR C 313 -17.62 -7.46 2.90
CA THR C 313 -16.77 -6.54 2.14
C THR C 313 -16.92 -6.73 0.64
N LEU C 314 -17.47 -7.85 0.19
CA LEU C 314 -17.75 -7.99 -1.22
C LEU C 314 -19.01 -7.25 -1.61
N LYS C 315 -20.05 -7.33 -0.78
CA LYS C 315 -21.24 -6.54 -1.04
C LYS C 315 -21.04 -5.06 -0.75
N SER C 316 -20.02 -4.72 0.04
CA SER C 316 -19.74 -3.32 0.32
C SER C 316 -19.04 -2.64 -0.84
N CYS C 317 -18.46 -3.41 -1.75
CA CYS C 317 -17.67 -2.90 -2.86
C CYS C 317 -18.28 -3.31 -4.19
N ALA C 318 -19.60 -3.21 -4.31
CA ALA C 318 -20.25 -3.66 -5.54
C ALA C 318 -19.95 -2.75 -6.72
N SER C 319 -19.78 -1.45 -6.49
CA SER C 319 -19.59 -0.53 -7.61
C SER C 319 -18.22 -0.68 -8.24
N GLU C 320 -17.16 -0.74 -7.42
CA GLU C 320 -15.84 -0.99 -7.96
C GLU C 320 -15.78 -2.34 -8.66
N LEU C 321 -16.47 -3.35 -8.13
CA LEU C 321 -16.46 -4.66 -8.78
C LEU C 321 -17.18 -4.62 -10.12
N GLY C 322 -18.30 -3.92 -10.18
CA GLY C 322 -18.99 -3.76 -11.45
C GLY C 322 -18.12 -3.04 -12.47
N PHE C 323 -17.42 -2.00 -12.04
CA PHE C 323 -16.55 -1.30 -12.96
C PHE C 323 -15.37 -2.16 -13.38
N LEU C 324 -14.85 -2.99 -12.47
CA LEU C 324 -13.81 -3.93 -12.86
C LEU C 324 -14.30 -4.86 -13.94
N LEU C 325 -15.49 -5.43 -13.76
CA LEU C 325 -16.04 -6.31 -14.78
C LEU C 325 -16.18 -5.59 -16.10
N PHE C 326 -16.70 -4.37 -16.08
CA PHE C 326 -16.93 -3.63 -17.31
C PHE C 326 -15.61 -3.31 -18.02
N SER C 327 -14.65 -2.73 -17.29
CA SER C 327 -13.38 -2.37 -17.91
C SER C 327 -12.64 -3.59 -18.40
N LEU C 328 -12.68 -4.68 -17.63
CA LEU C 328 -12.06 -5.91 -18.08
C LEU C 328 -12.70 -6.41 -19.36
N THR C 329 -14.02 -6.35 -19.45
CA THR C 329 -14.70 -6.80 -20.66
C THR C 329 -14.26 -5.99 -21.87
N MET C 330 -14.22 -4.67 -21.73
CA MET C 330 -13.88 -3.86 -22.90
C MET C 330 -12.41 -3.99 -23.26
N ALA C 331 -11.53 -4.12 -22.28
CA ALA C 331 -10.13 -4.36 -22.59
C ALA C 331 -9.96 -5.69 -23.31
N ILE C 332 -10.67 -6.72 -22.86
CA ILE C 332 -10.59 -8.02 -23.51
C ILE C 332 -11.06 -7.91 -24.95
N ILE C 333 -12.15 -7.19 -25.20
CA ILE C 333 -12.65 -7.07 -26.57
C ILE C 333 -11.65 -6.34 -27.45
N ILE C 334 -11.10 -5.24 -26.96
CA ILE C 334 -10.16 -4.46 -27.77
C ILE C 334 -8.93 -5.30 -28.11
N PHE C 335 -8.30 -5.89 -27.10
CA PHE C 335 -7.07 -6.62 -27.36
C PHE C 335 -7.34 -7.89 -28.13
N ALA C 336 -8.53 -8.47 -27.99
CA ALA C 336 -8.85 -9.65 -28.78
C ALA C 336 -9.02 -9.31 -30.24
N THR C 337 -9.65 -8.17 -30.54
CA THR C 337 -9.76 -7.75 -31.94
C THR C 337 -8.40 -7.50 -32.54
N VAL C 338 -7.54 -6.77 -31.81
CA VAL C 338 -6.21 -6.47 -32.33
C VAL C 338 -5.43 -7.76 -32.56
N MET C 339 -5.40 -8.65 -31.57
CA MET C 339 -4.63 -9.87 -31.70
C MET C 339 -5.20 -10.79 -32.75
N PHE C 340 -6.51 -10.74 -32.99
CA PHE C 340 -7.08 -11.60 -34.02
C PHE C 340 -6.69 -11.12 -35.39
N TYR C 341 -6.80 -9.82 -35.63
CA TYR C 341 -6.45 -9.33 -36.96
C TYR C 341 -4.95 -9.35 -37.21
N ALA C 342 -4.14 -9.33 -36.15
CA ALA C 342 -2.70 -9.45 -36.34
C ALA C 342 -2.30 -10.89 -36.64
N GLU C 343 -2.85 -11.83 -35.89
CA GLU C 343 -2.49 -13.24 -35.99
C GLU C 343 -3.45 -14.04 -36.85
N LYS C 344 -4.26 -13.36 -37.65
CA LYS C 344 -5.29 -14.04 -38.43
C LYS C 344 -4.68 -15.06 -39.37
N GLY C 345 -3.77 -14.63 -40.24
CA GLY C 345 -3.18 -15.53 -41.21
C GLY C 345 -1.82 -16.05 -40.80
N SER C 346 -1.77 -17.29 -40.30
CA SER C 346 -0.52 -17.92 -39.93
C SER C 346 -0.64 -19.41 -40.19
N SER C 347 0.44 -20.14 -39.89
CA SER C 347 0.55 -21.55 -40.23
C SER C 347 -0.62 -22.35 -39.66
N ALA C 348 -0.68 -22.43 -38.33
CA ALA C 348 -1.76 -23.11 -37.63
C ALA C 348 -2.32 -22.19 -36.57
N SER C 349 -2.56 -20.93 -36.96
CA SER C 349 -2.98 -19.89 -36.04
C SER C 349 -4.22 -20.34 -35.28
N LYS C 350 -4.11 -20.47 -33.98
CA LYS C 350 -5.26 -20.77 -33.14
C LYS C 350 -6.11 -19.56 -32.86
N PHE C 351 -5.79 -18.42 -33.45
CA PHE C 351 -6.66 -17.25 -33.40
C PHE C 351 -7.66 -17.34 -34.55
N THR C 352 -8.48 -18.37 -34.50
CA THR C 352 -9.45 -18.59 -35.56
C THR C 352 -10.60 -17.60 -35.51
N SER C 353 -10.80 -16.94 -34.38
CA SER C 353 -11.93 -16.03 -34.23
C SER C 353 -11.69 -15.16 -33.01
N ILE C 354 -12.41 -14.05 -32.95
CA ILE C 354 -12.24 -13.11 -31.84
C ILE C 354 -12.72 -13.76 -30.55
N PRO C 355 -13.85 -14.48 -30.54
CA PRO C 355 -14.14 -15.32 -29.38
C PRO C 355 -13.01 -16.28 -29.03
N ALA C 356 -12.38 -16.89 -30.04
CA ALA C 356 -11.25 -17.75 -29.75
C ALA C 356 -10.03 -16.98 -29.27
N SER C 357 -9.99 -15.67 -29.46
CA SER C 357 -8.89 -14.85 -28.96
C SER C 357 -9.16 -14.32 -27.55
N PHE C 358 -10.42 -14.35 -27.12
CA PHE C 358 -10.72 -14.03 -25.73
C PHE C 358 -9.85 -14.86 -24.78
N TRP C 359 -9.60 -16.11 -25.13
CA TRP C 359 -8.82 -16.99 -24.26
C TRP C 359 -7.40 -16.48 -24.12
N TYR C 360 -6.74 -16.20 -25.25
CA TYR C 360 -5.39 -15.65 -25.19
C TYR C 360 -5.37 -14.36 -24.39
N THR C 361 -6.34 -13.49 -24.63
CA THR C 361 -6.30 -12.18 -23.98
C THR C 361 -6.46 -12.32 -22.47
N ILE C 362 -7.39 -13.15 -22.01
CA ILE C 362 -7.61 -13.28 -20.58
C ILE C 362 -6.46 -14.04 -19.93
N VAL C 363 -5.78 -14.91 -20.67
CA VAL C 363 -4.63 -15.59 -20.08
C VAL C 363 -3.44 -14.65 -19.99
N THR C 364 -3.28 -13.74 -20.94
CA THR C 364 -2.14 -12.83 -20.90
C THR C 364 -2.35 -11.70 -19.92
N MET C 365 -3.55 -11.13 -19.86
CA MET C 365 -3.78 -9.98 -19.00
C MET C 365 -3.56 -10.30 -17.53
N THR C 366 -3.74 -11.56 -17.13
CA THR C 366 -3.56 -11.95 -15.74
C THR C 366 -2.16 -12.42 -15.43
N THR C 367 -1.23 -12.28 -16.38
CA THR C 367 0.13 -12.82 -16.26
C THR C 367 0.12 -14.31 -15.97
N LEU C 368 -0.93 -15.00 -16.40
CA LEU C 368 -0.97 -16.45 -16.25
C LEU C 368 0.02 -17.10 -17.21
N GLY C 369 -0.18 -16.91 -18.50
CA GLY C 369 0.76 -17.38 -19.50
C GLY C 369 0.87 -18.88 -19.55
N TYR C 370 -0.18 -19.56 -19.99
CA TYR C 370 -0.10 -21.00 -20.16
C TYR C 370 0.89 -21.34 -21.26
N GLY C 371 0.78 -20.68 -22.40
CA GLY C 371 1.68 -20.90 -23.50
C GLY C 371 1.14 -21.77 -24.60
N ASP C 372 -0.16 -22.09 -24.59
CA ASP C 372 -0.73 -22.88 -25.67
C ASP C 372 -1.12 -22.01 -26.85
N MET C 373 -1.47 -20.76 -26.60
CA MET C 373 -1.73 -19.78 -27.66
C MET C 373 -0.72 -18.66 -27.50
N VAL C 374 0.22 -18.56 -28.44
CA VAL C 374 1.21 -17.50 -28.40
C VAL C 374 1.28 -16.84 -29.76
N PRO C 375 1.55 -15.55 -29.85
CA PRO C 375 1.68 -14.90 -31.15
C PRO C 375 2.94 -15.35 -31.85
N LYS C 376 2.94 -15.17 -33.17
CA LYS C 376 4.08 -15.55 -33.99
C LYS C 376 4.51 -14.49 -34.98
N THR C 377 3.78 -13.39 -35.10
CA THR C 377 4.16 -12.29 -35.96
C THR C 377 4.71 -11.14 -35.13
N ILE C 378 5.21 -10.11 -35.81
CA ILE C 378 5.77 -8.97 -35.10
C ILE C 378 4.67 -8.18 -34.42
N ALA C 379 3.58 -7.91 -35.12
CA ALA C 379 2.49 -7.15 -34.54
C ALA C 379 1.84 -7.91 -33.39
N GLY C 380 1.65 -9.22 -33.55
CA GLY C 380 1.13 -10.02 -32.47
C GLY C 380 1.98 -9.93 -31.22
N LYS C 381 3.30 -9.94 -31.39
CA LYS C 381 4.18 -9.86 -30.24
C LYS C 381 4.11 -8.49 -29.59
N ILE C 382 4.15 -7.42 -30.39
CA ILE C 382 4.06 -6.08 -29.82
C ILE C 382 2.79 -5.92 -29.02
N PHE C 383 1.68 -6.39 -29.55
CA PHE C 383 0.41 -6.17 -28.88
C PHE C 383 0.16 -7.13 -27.73
N GLY C 384 0.74 -8.32 -27.75
CA GLY C 384 0.68 -9.15 -26.57
C GLY C 384 1.48 -8.55 -25.43
N SER C 385 2.63 -7.97 -25.80
CA SER C 385 3.44 -7.25 -24.82
C SER C 385 2.63 -6.13 -24.18
N ILE C 386 1.99 -5.29 -25.01
CA ILE C 386 1.18 -4.20 -24.47
C ILE C 386 0.03 -4.75 -23.64
N CYS C 387 -0.54 -5.89 -24.07
CA CYS C 387 -1.70 -6.45 -23.40
C CYS C 387 -1.38 -6.88 -21.97
N SER C 388 -0.20 -7.48 -21.77
CA SER C 388 0.17 -7.92 -20.43
C SER C 388 0.22 -6.74 -19.47
N LEU C 389 0.90 -5.67 -19.86
CA LEU C 389 1.00 -4.50 -19.00
C LEU C 389 -0.37 -3.88 -18.75
N SER C 390 -1.17 -3.74 -19.81
CA SER C 390 -2.49 -3.15 -19.65
C SER C 390 -3.36 -3.95 -18.70
N GLY C 391 -3.25 -5.28 -18.76
CA GLY C 391 -4.01 -6.09 -17.83
C GLY C 391 -3.52 -5.94 -16.40
N VAL C 392 -2.20 -5.95 -16.20
CA VAL C 392 -1.66 -5.70 -14.88
C VAL C 392 -2.21 -4.40 -14.31
N LEU C 393 -2.30 -3.38 -15.15
CA LEU C 393 -2.83 -2.10 -14.70
C LEU C 393 -4.30 -2.19 -14.34
N VAL C 394 -5.12 -2.71 -15.25
CA VAL C 394 -6.57 -2.67 -15.06
C VAL C 394 -7.02 -3.62 -13.97
N ILE C 395 -6.23 -4.63 -13.62
CA ILE C 395 -6.61 -5.54 -12.55
C ILE C 395 -6.18 -5.01 -11.18
N ALA C 396 -5.16 -4.18 -11.14
CA ALA C 396 -4.68 -3.63 -9.88
C ALA C 396 -5.51 -2.46 -9.38
N LEU C 397 -6.65 -2.17 -9.99
CA LEU C 397 -7.49 -1.08 -9.50
C LEU C 397 -8.37 -1.49 -8.32
N PRO C 398 -9.09 -2.63 -8.37
CA PRO C 398 -9.97 -2.96 -7.25
C PRO C 398 -9.24 -3.51 -6.04
N VAL C 399 -8.17 -4.25 -6.27
CA VAL C 399 -7.42 -4.94 -5.22
C VAL C 399 -7.12 -4.03 -4.02
N PRO C 400 -6.61 -2.80 -4.21
CA PRO C 400 -6.31 -1.97 -3.04
C PRO C 400 -7.52 -1.73 -2.15
N VAL C 401 -8.60 -1.20 -2.73
CA VAL C 401 -9.76 -0.87 -1.92
C VAL C 401 -10.38 -2.13 -1.33
N ILE C 402 -10.34 -3.24 -2.06
CA ILE C 402 -10.91 -4.48 -1.54
C ILE C 402 -10.17 -4.93 -0.29
N VAL C 403 -8.84 -5.03 -0.37
CA VAL C 403 -8.11 -5.52 0.78
C VAL C 403 -8.15 -4.51 1.91
N SER C 404 -8.21 -3.21 1.59
CA SER C 404 -8.33 -2.21 2.63
C SER C 404 -9.63 -2.37 3.39
N ASN C 405 -10.75 -2.50 2.66
CA ASN C 405 -12.04 -2.69 3.30
C ASN C 405 -12.07 -3.98 4.11
N PHE C 406 -11.45 -5.03 3.60
CA PHE C 406 -11.44 -6.29 4.34
C PHE C 406 -10.70 -6.13 5.67
N SER C 407 -9.49 -5.58 5.63
CA SER C 407 -8.75 -5.38 6.85
C SER C 407 -9.50 -4.45 7.80
N ARG C 408 -10.17 -3.44 7.25
CA ARG C 408 -10.88 -2.49 8.09
C ARG C 408 -12.04 -3.16 8.82
N ILE C 409 -12.85 -3.94 8.10
CA ILE C 409 -13.97 -4.62 8.74
C ILE C 409 -13.47 -5.64 9.75
N TYR C 410 -12.41 -6.37 9.39
CA TYR C 410 -11.81 -7.33 10.30
C TYR C 410 -11.44 -6.66 11.63
N HIS C 411 -10.60 -5.62 11.56
CA HIS C 411 -10.15 -4.98 12.78
C HIS C 411 -11.27 -4.22 13.47
N GLN C 412 -12.27 -3.76 12.73
CA GLN C 412 -13.41 -3.11 13.35
C GLN C 412 -14.17 -4.08 14.23
N ASN C 413 -14.45 -5.28 13.72
CA ASN C 413 -15.09 -6.29 14.56
C ASN C 413 -14.19 -6.68 15.71
N GLN C 414 -12.88 -6.74 15.48
CA GLN C 414 -11.95 -7.03 16.56
C GLN C 414 -12.09 -6.03 17.70
N ARG C 415 -11.84 -4.76 17.41
CA ARG C 415 -11.94 -3.73 18.44
C ARG C 415 -13.35 -3.61 18.99
N ALA C 416 -14.37 -3.97 18.19
CA ALA C 416 -15.75 -3.88 18.68
C ALA C 416 -16.00 -4.91 19.78
N ASP C 417 -15.61 -6.16 19.55
CA ASP C 417 -15.83 -7.15 20.60
C ASP C 417 -14.90 -6.92 21.78
N LYS C 418 -13.70 -6.41 21.55
CA LYS C 418 -12.83 -5.99 22.65
C LYS C 418 -13.52 -4.96 23.53
N ARG C 419 -13.99 -3.86 22.94
CA ARG C 419 -14.63 -2.82 23.73
C ARG C 419 -15.93 -3.30 24.36
N ARG C 420 -16.63 -4.23 23.71
CA ARG C 420 -17.86 -4.77 24.30
C ARG C 420 -17.55 -5.58 25.56
N ALA C 421 -16.53 -6.45 25.49
CA ALA C 421 -16.13 -7.20 26.67
C ALA C 421 -15.62 -6.28 27.75
N GLN C 422 -14.89 -5.22 27.37
CA GLN C 422 -14.38 -4.27 28.35
C GLN C 422 -15.52 -3.55 29.05
N LYS C 423 -16.56 -3.15 28.30
CA LYS C 423 -17.67 -2.43 28.89
C LYS C 423 -18.54 -3.36 29.75
N LYS C 424 -18.68 -4.61 29.35
CA LYS C 424 -19.43 -5.55 30.18
C LYS C 424 -18.66 -6.00 31.41
N ALA C 425 -17.33 -5.88 31.39
CA ALA C 425 -16.54 -6.16 32.59
C ALA C 425 -16.51 -4.99 33.55
N ARG C 426 -16.96 -3.82 33.14
CA ARG C 426 -16.96 -2.63 33.99
C ARG C 426 -17.78 -2.83 35.26
N GLU D 40 -21.24 30.15 47.00
CA GLU D 40 -20.29 31.20 46.65
C GLU D 40 -19.45 30.81 45.44
N LEU D 41 -19.13 31.80 44.61
CA LEU D 41 -18.36 31.58 43.39
C LEU D 41 -16.90 31.36 43.77
N ILE D 42 -16.57 30.12 44.12
CA ILE D 42 -15.20 29.80 44.50
C ILE D 42 -14.30 29.92 43.28
N VAL D 43 -13.21 30.66 43.42
CA VAL D 43 -12.31 31.00 42.32
C VAL D 43 -11.04 30.19 42.49
N LEU D 44 -10.51 29.70 41.37
CA LEU D 44 -9.33 28.86 41.31
C LEU D 44 -8.32 29.54 40.40
N ASN D 45 -7.38 30.27 40.98
CA ASN D 45 -6.26 30.82 40.21
C ASN D 45 -5.15 29.78 40.19
N VAL D 46 -5.42 28.71 39.46
CA VAL D 46 -4.45 27.62 39.31
C VAL D 46 -3.27 28.16 38.51
N SER D 47 -2.13 28.33 39.17
CA SER D 47 -0.92 28.86 38.55
C SER D 47 -1.21 30.15 37.80
N GLY D 48 -2.07 30.99 38.36
CA GLY D 48 -2.41 32.26 37.78
C GLY D 48 -3.60 32.25 36.83
N ARG D 49 -3.92 31.11 36.23
CA ARG D 49 -5.09 31.03 35.38
C ARG D 49 -6.33 30.91 36.25
N ARG D 50 -7.26 31.84 36.09
CA ARG D 50 -8.39 32.00 37.00
C ARG D 50 -9.62 31.35 36.40
N PHE D 51 -10.02 30.22 36.97
CA PHE D 51 -11.34 29.63 36.76
C PHE D 51 -12.22 29.98 37.95
N GLN D 52 -13.49 29.61 37.85
CA GLN D 52 -14.45 30.00 38.88
C GLN D 52 -15.71 29.17 38.74
N THR D 53 -16.19 28.62 39.87
CA THR D 53 -17.31 27.69 39.83
C THR D 53 -17.99 27.71 41.19
N TRP D 54 -19.27 27.33 41.21
CA TRP D 54 -20.00 27.12 42.45
C TRP D 54 -19.49 25.88 43.17
N ARG D 55 -19.43 25.95 44.49
CA ARG D 55 -19.06 24.78 45.28
C ARG D 55 -20.09 23.67 45.18
N THR D 56 -21.34 24.02 44.90
CA THR D 56 -22.38 22.99 44.76
C THR D 56 -21.96 21.93 43.75
N THR D 57 -21.49 22.36 42.58
CA THR D 57 -21.00 21.40 41.60
C THR D 57 -19.59 20.92 41.94
N LEU D 58 -18.80 21.73 42.67
CA LEU D 58 -17.47 21.29 43.08
C LEU D 58 -17.52 20.13 44.05
N GLU D 59 -18.63 19.99 44.79
CA GLU D 59 -18.80 18.90 45.73
C GLU D 59 -19.49 17.69 45.12
N ARG D 60 -19.68 17.67 43.79
CA ARG D 60 -20.39 16.58 43.15
C ARG D 60 -19.73 15.24 43.38
N TYR D 61 -18.41 15.21 43.53
CA TYR D 61 -17.67 13.96 43.73
C TYR D 61 -16.49 14.24 44.65
N PRO D 62 -16.74 14.29 45.95
CA PRO D 62 -15.69 14.71 46.90
C PRO D 62 -14.71 13.61 47.25
N ASP D 63 -14.66 12.53 46.47
CA ASP D 63 -13.73 11.45 46.72
C ASP D 63 -12.40 11.64 45.99
N THR D 64 -12.01 12.90 45.72
CA THR D 64 -10.70 13.21 45.14
C THR D 64 -10.11 14.45 45.81
N LEU D 65 -9.09 15.04 45.19
CA LEU D 65 -8.39 16.17 45.81
C LEU D 65 -9.28 17.40 45.94
N LEU D 66 -9.86 17.84 44.82
CA LEU D 66 -10.55 19.12 44.84
C LEU D 66 -11.97 19.00 45.40
N GLY D 67 -12.62 17.85 45.19
CA GLY D 67 -13.95 17.67 45.74
C GLY D 67 -13.97 17.60 47.26
N SER D 68 -12.97 16.95 47.84
CA SER D 68 -12.91 16.77 49.28
C SER D 68 -12.39 18.05 49.94
N THR D 69 -12.00 17.96 51.21
CA THR D 69 -11.56 19.12 51.97
C THR D 69 -10.09 19.07 52.32
N GLU D 70 -9.29 18.19 51.72
CA GLU D 70 -7.85 18.22 51.95
C GLU D 70 -7.13 19.19 51.02
N LYS D 71 -7.82 19.73 50.02
CA LYS D 71 -7.26 20.82 49.22
C LYS D 71 -7.09 22.09 50.04
N GLU D 72 -7.75 22.17 51.19
CA GLU D 72 -7.63 23.34 52.05
C GLU D 72 -6.21 23.61 52.51
N PHE D 73 -5.30 22.65 52.32
CA PHE D 73 -3.89 22.92 52.61
C PHE D 73 -3.35 24.02 51.71
N PHE D 74 -3.69 24.00 50.43
CA PHE D 74 -3.26 25.02 49.49
C PHE D 74 -4.19 26.24 49.50
N PHE D 75 -5.07 26.34 50.49
CA PHE D 75 -6.12 27.36 50.51
C PHE D 75 -5.67 28.53 51.37
N ASN D 76 -4.82 29.38 50.79
CA ASN D 76 -4.40 30.60 51.47
C ASN D 76 -5.53 31.62 51.38
N GLU D 77 -6.33 31.70 52.45
CA GLU D 77 -7.44 32.64 52.46
C GLU D 77 -6.98 34.09 52.49
N ASP D 78 -5.68 34.34 52.46
CA ASP D 78 -5.17 35.66 52.08
C ASP D 78 -5.78 36.11 50.76
N THR D 79 -6.19 35.16 49.92
CA THR D 79 -6.91 35.43 48.69
C THR D 79 -8.26 34.71 48.62
N LYS D 80 -8.53 33.79 49.56
CA LYS D 80 -9.75 32.97 49.57
C LYS D 80 -9.88 32.21 48.26
N GLU D 81 -8.76 31.88 47.64
CA GLU D 81 -8.72 31.15 46.40
C GLU D 81 -7.69 30.05 46.52
N TYR D 82 -8.05 28.86 46.05
CA TYR D 82 -7.18 27.69 46.19
C TYR D 82 -6.07 27.82 45.16
N PHE D 83 -5.04 28.59 45.52
CA PHE D 83 -3.92 28.85 44.63
C PHE D 83 -3.13 27.56 44.42
N PHE D 84 -3.11 27.08 43.18
CA PHE D 84 -2.52 25.80 42.83
C PHE D 84 -1.36 26.02 41.87
N ASP D 85 -0.21 25.43 42.17
CA ASP D 85 0.95 25.49 41.27
C ASP D 85 1.01 24.22 40.43
N ARG D 86 -0.02 24.03 39.61
CA ARG D 86 -0.07 22.95 38.65
C ARG D 86 -0.24 23.52 37.24
N ASP D 87 -0.34 22.67 36.24
CA ASP D 87 -0.51 23.16 34.89
C ASP D 87 -1.86 23.84 34.75
N PRO D 88 -1.93 25.00 34.09
CA PRO D 88 -3.21 25.69 33.92
C PRO D 88 -4.06 25.19 32.76
N GLU D 89 -3.65 24.13 32.06
CA GLU D 89 -4.43 23.64 30.94
C GLU D 89 -4.83 22.18 31.09
N VAL D 90 -4.46 21.53 32.18
CA VAL D 90 -5.00 20.22 32.49
C VAL D 90 -6.16 20.33 33.48
N PHE D 91 -6.16 21.38 34.30
CA PHE D 91 -7.28 21.66 35.19
C PHE D 91 -8.56 21.89 34.42
N ARG D 92 -8.45 22.32 33.16
CA ARG D 92 -9.64 22.53 32.34
C ARG D 92 -10.47 21.25 32.25
N CYS D 93 -9.82 20.13 31.91
CA CYS D 93 -10.55 18.86 31.87
C CYS D 93 -11.10 18.49 33.24
N VAL D 94 -10.43 18.92 34.31
CA VAL D 94 -10.91 18.61 35.65
C VAL D 94 -12.25 19.27 35.91
N LEU D 95 -12.32 20.59 35.74
CA LEU D 95 -13.59 21.23 36.04
C LEU D 95 -14.63 20.95 34.96
N ASN D 96 -14.18 20.55 33.76
CA ASN D 96 -15.16 20.06 32.79
C ASN D 96 -15.75 18.72 33.20
N PHE D 97 -14.97 17.85 33.84
CA PHE D 97 -15.54 16.67 34.47
C PHE D 97 -16.54 17.05 35.55
N TYR D 98 -16.16 17.99 36.43
CA TYR D 98 -17.07 18.40 37.49
C TYR D 98 -18.31 19.09 36.95
N ARG D 99 -18.27 19.58 35.71
CA ARG D 99 -19.47 20.11 35.07
C ARG D 99 -20.32 18.99 34.49
N THR D 100 -19.77 18.24 33.54
CA THR D 100 -20.53 17.26 32.79
C THR D 100 -20.81 16.00 33.60
N GLY D 101 -19.83 15.55 34.37
CA GLY D 101 -19.87 14.24 35.00
C GLY D 101 -18.86 13.27 34.44
N LYS D 102 -18.19 13.62 33.35
CA LYS D 102 -17.13 12.80 32.79
C LYS D 102 -16.07 13.74 32.20
N LEU D 103 -14.83 13.27 32.21
CA LEU D 103 -13.70 14.04 31.70
C LEU D 103 -13.30 13.54 30.32
N HIS D 104 -12.94 14.48 29.46
CA HIS D 104 -12.48 14.17 28.12
C HIS D 104 -10.96 14.11 28.09
N TYR D 105 -10.42 13.77 26.92
CA TYR D 105 -8.98 13.64 26.72
C TYR D 105 -8.57 14.38 25.46
N PRO D 106 -7.94 15.53 25.55
CA PRO D 106 -7.46 16.21 24.34
C PRO D 106 -6.25 15.51 23.77
N ARG D 107 -5.98 15.81 22.49
CA ARG D 107 -5.00 15.04 21.73
C ARG D 107 -3.57 15.50 22.01
N TYR D 108 -3.27 16.76 21.73
CA TYR D 108 -1.91 17.19 21.43
C TYR D 108 -0.92 17.02 22.58
N GLU D 109 -1.30 17.33 23.82
CA GLU D 109 -0.31 17.39 24.88
C GLU D 109 0.20 15.99 25.24
N CYS D 110 1.43 15.94 25.71
CA CYS D 110 2.06 14.67 26.06
C CYS D 110 1.26 13.96 27.14
N ILE D 111 0.87 12.71 26.86
CA ILE D 111 0.04 11.97 27.80
C ILE D 111 0.78 11.68 29.10
N SER D 112 2.10 11.84 29.11
CA SER D 112 2.85 11.67 30.34
C SER D 112 2.44 12.72 31.37
N ALA D 113 2.47 13.99 30.98
CA ALA D 113 2.01 15.06 31.86
C ALA D 113 0.54 14.91 32.20
N TYR D 114 -0.26 14.44 31.24
CA TYR D 114 -1.67 14.19 31.50
C TYR D 114 -1.85 13.20 32.64
N ASP D 115 -1.17 12.05 32.55
CA ASP D 115 -1.26 11.05 33.59
C ASP D 115 -0.73 11.58 34.92
N ASP D 116 0.39 12.31 34.87
CA ASP D 116 0.94 12.90 36.09
C ASP D 116 -0.08 13.78 36.79
N GLU D 117 -0.73 14.67 36.04
CA GLU D 117 -1.62 15.64 36.67
C GLU D 117 -2.95 15.02 37.06
N LEU D 118 -3.43 14.00 36.34
CA LEU D 118 -4.63 13.32 36.79
C LEU D 118 -4.35 12.48 38.03
N ALA D 119 -3.12 11.98 38.17
CA ALA D 119 -2.76 11.28 39.39
C ALA D 119 -2.58 12.26 40.54
N PHE D 120 -2.14 13.47 40.24
CA PHE D 120 -1.97 14.47 41.29
C PHE D 120 -3.31 14.81 41.94
N TYR D 121 -4.38 14.86 41.16
CA TYR D 121 -5.71 15.11 41.70
C TYR D 121 -6.39 13.84 42.19
N GLY D 122 -5.73 12.70 42.10
CA GLY D 122 -6.32 11.47 42.56
C GLY D 122 -7.47 10.96 41.72
N ILE D 123 -7.57 11.37 40.47
CA ILE D 123 -8.62 10.89 39.58
C ILE D 123 -8.06 9.76 38.74
N LEU D 124 -8.93 8.81 38.37
CA LEU D 124 -8.46 7.56 37.78
C LEU D 124 -8.69 7.55 36.28
N PRO D 125 -7.72 7.06 35.50
CA PRO D 125 -7.95 6.91 34.05
C PRO D 125 -9.10 5.97 33.71
N GLU D 126 -9.48 5.08 34.63
CA GLU D 126 -10.62 4.22 34.38
C GLU D 126 -11.90 5.03 34.15
N ILE D 127 -12.07 6.12 34.90
CA ILE D 127 -13.29 6.92 34.82
C ILE D 127 -13.42 7.65 33.50
N ILE D 128 -12.38 7.62 32.65
CA ILE D 128 -12.39 8.37 31.40
C ILE D 128 -13.56 7.90 30.54
N GLY D 129 -14.43 8.83 30.18
CA GLY D 129 -15.59 8.50 29.38
C GLY D 129 -15.20 7.92 28.03
N ASP D 130 -16.11 7.09 27.50
CA ASP D 130 -15.88 6.48 26.20
C ASP D 130 -15.90 7.48 25.06
N CYS D 131 -16.24 8.74 25.34
CA CYS D 131 -16.16 9.79 24.32
C CYS D 131 -14.77 9.82 23.69
N CYS D 132 -13.73 9.70 24.51
CA CYS D 132 -12.35 9.60 24.04
C CYS D 132 -11.64 8.64 24.98
N TYR D 133 -11.63 7.36 24.62
CA TYR D 133 -11.01 6.35 25.47
C TYR D 133 -10.03 5.46 24.71
N GLU D 134 -10.33 5.13 23.45
CA GLU D 134 -9.51 4.17 22.72
C GLU D 134 -8.17 4.76 22.32
N GLU D 135 -8.15 6.03 21.90
CA GLU D 135 -6.87 6.66 21.61
C GLU D 135 -6.06 6.91 22.87
N TYR D 136 -6.73 7.00 24.02
CA TYR D 136 -6.00 7.03 25.28
C TYR D 136 -5.18 5.76 25.46
N LYS D 137 -5.83 4.61 25.33
CA LYS D 137 -5.13 3.33 25.40
C LYS D 137 -4.04 3.24 24.33
N ASP D 138 -4.34 3.72 23.13
CA ASP D 138 -3.35 3.77 22.06
C ASP D 138 -2.08 4.50 22.51
N ARG D 139 -2.25 5.73 22.98
CA ARG D 139 -1.10 6.55 23.39
C ARG D 139 -0.35 5.90 24.53
N LYS D 140 -1.05 5.36 25.53
CA LYS D 140 -0.36 4.67 26.61
C LYS D 140 0.44 3.49 26.10
N ARG D 141 -0.14 2.71 25.19
CA ARG D 141 0.56 1.56 24.64
C ARG D 141 1.85 1.98 23.95
N GLU D 142 1.76 2.94 23.03
CA GLU D 142 2.97 3.31 22.29
C GLU D 142 3.97 4.05 23.17
N ASN D 143 3.51 4.74 24.20
CA ASN D 143 4.43 5.33 25.16
C ASN D 143 5.19 4.25 25.92
N ALA D 144 4.49 3.17 26.27
CA ALA D 144 5.16 2.05 26.93
C ALA D 144 6.16 1.39 26.00
N GLU D 145 5.81 1.22 24.72
CA GLU D 145 6.77 0.66 23.77
C GLU D 145 7.98 1.57 23.58
N ARG D 146 7.77 2.89 23.64
CA ARG D 146 8.90 3.81 23.56
C ARG D 146 9.80 3.65 24.78
N LEU D 147 9.25 3.85 25.97
CA LEU D 147 10.05 3.73 27.18
C LEU D 147 10.34 2.28 27.56
N MET D 148 10.01 1.33 26.69
CA MET D 148 10.31 -0.08 26.92
C MET D 148 11.82 -0.32 27.00
N LEU D 163 29.19 -16.79 37.91
CA LEU D 163 29.59 -15.71 37.03
C LEU D 163 31.09 -15.77 36.79
N SER D 164 31.74 -16.72 37.45
CA SER D 164 33.18 -16.91 37.24
C SER D 164 33.45 -17.63 35.93
N PHE D 165 32.69 -18.67 35.64
CA PHE D 165 32.84 -19.41 34.40
C PHE D 165 31.53 -19.59 33.65
N ARG D 166 30.42 -19.81 34.35
CA ARG D 166 29.16 -20.11 33.69
C ARG D 166 28.59 -18.87 33.01
N GLN D 167 28.34 -17.82 33.79
CA GLN D 167 27.74 -16.62 33.22
C GLN D 167 28.67 -15.91 32.25
N THR D 168 29.98 -16.10 32.38
CA THR D 168 30.89 -15.62 31.34
C THR D 168 30.50 -16.17 29.98
N MET D 169 30.34 -17.49 29.90
CA MET D 169 29.93 -18.12 28.65
C MET D 169 28.52 -17.70 28.27
N TRP D 170 27.61 -17.60 29.23
CA TRP D 170 26.22 -17.31 28.88
C TRP D 170 26.03 -15.86 28.49
N ARG D 171 26.99 -14.99 28.77
CA ARG D 171 26.94 -13.64 28.24
C ARG D 171 27.77 -13.49 26.98
N ALA D 172 28.77 -14.36 26.78
CA ALA D 172 29.49 -14.34 25.52
C ALA D 172 28.62 -14.87 24.38
N PHE D 173 27.81 -15.89 24.66
CA PHE D 173 27.02 -16.51 23.61
C PHE D 173 26.00 -15.54 23.03
N GLU D 174 25.15 -14.96 23.88
CA GLU D 174 24.06 -14.12 23.39
C GLU D 174 24.57 -12.86 22.71
N ASN D 175 25.53 -12.18 23.33
CA ASN D 175 26.04 -10.93 22.79
C ASN D 175 27.42 -11.16 22.23
N PRO D 176 27.55 -11.42 20.92
CA PRO D 176 28.88 -11.71 20.37
C PRO D 176 29.78 -10.50 20.30
N HIS D 177 29.24 -9.30 20.16
CA HIS D 177 30.07 -8.12 19.93
C HIS D 177 30.74 -7.60 21.19
N THR D 178 30.28 -8.01 22.37
CA THR D 178 30.87 -7.49 23.60
C THR D 178 32.31 -7.95 23.75
N SER D 179 32.51 -9.26 23.85
CA SER D 179 33.86 -9.79 23.93
C SER D 179 34.49 -9.83 22.54
N THR D 180 35.72 -10.31 22.47
CA THR D 180 36.34 -10.62 21.19
C THR D 180 36.49 -12.12 20.97
N LEU D 181 36.68 -12.89 22.05
CA LEU D 181 36.53 -14.33 21.94
C LEU D 181 35.11 -14.69 21.51
N ALA D 182 34.14 -13.85 21.85
CA ALA D 182 32.77 -14.09 21.42
C ALA D 182 32.67 -14.04 19.90
N LEU D 183 33.37 -13.09 19.26
CA LEU D 183 33.38 -13.08 17.79
C LEU D 183 34.11 -14.29 17.23
N VAL D 184 35.25 -14.65 17.82
CA VAL D 184 36.00 -15.77 17.25
C VAL D 184 35.26 -17.08 17.46
N PHE D 185 34.23 -17.09 18.30
CA PHE D 185 33.35 -18.25 18.40
C PHE D 185 32.16 -18.12 17.46
N TYR D 186 31.54 -16.95 17.43
CA TYR D 186 30.38 -16.69 16.57
C TYR D 186 30.70 -16.92 15.10
N TYR D 187 31.75 -16.27 14.60
CA TYR D 187 32.11 -16.44 13.20
C TYR D 187 32.60 -17.84 12.89
N VAL D 188 33.35 -18.48 13.78
CA VAL D 188 33.85 -19.81 13.48
C VAL D 188 32.72 -20.84 13.51
N THR D 189 31.67 -20.60 14.28
CA THR D 189 30.55 -21.53 14.27
C THR D 189 29.53 -21.19 13.19
N GLY D 190 29.57 -19.97 12.66
CA GLY D 190 28.78 -19.65 11.50
C GLY D 190 29.43 -20.00 10.19
N PHE D 191 30.73 -20.21 10.19
CA PHE D 191 31.43 -20.67 9.00
C PHE D 191 31.18 -22.15 8.73
N PHE D 192 31.12 -22.97 9.78
CA PHE D 192 30.92 -24.39 9.57
C PHE D 192 29.49 -24.71 9.17
N ILE D 193 28.53 -23.87 9.56
CA ILE D 193 27.18 -24.01 9.04
C ILE D 193 27.19 -23.88 7.52
N ALA D 194 27.86 -22.85 7.01
CA ALA D 194 27.94 -22.66 5.57
C ALA D 194 28.68 -23.83 4.93
N VAL D 195 29.73 -24.32 5.58
CA VAL D 195 30.46 -25.46 5.02
C VAL D 195 29.52 -26.66 4.87
N SER D 196 28.75 -26.96 5.91
CA SER D 196 27.87 -28.13 5.85
C SER D 196 26.78 -27.94 4.81
N VAL D 197 26.21 -26.74 4.73
CA VAL D 197 25.20 -26.47 3.71
C VAL D 197 25.78 -26.72 2.32
N ILE D 198 26.95 -26.17 2.05
CA ILE D 198 27.53 -26.28 0.73
C ILE D 198 27.88 -27.72 0.40
N THR D 199 28.43 -28.46 1.37
CA THR D 199 28.77 -29.84 1.05
C THR D 199 27.53 -30.71 0.87
N ASN D 200 26.45 -30.44 1.61
CA ASN D 200 25.23 -31.19 1.37
C ASN D 200 24.66 -30.89 -0.01
N VAL D 201 24.73 -29.64 -0.45
CA VAL D 201 24.27 -29.30 -1.79
C VAL D 201 25.13 -29.99 -2.84
N VAL D 202 26.44 -30.00 -2.64
CA VAL D 202 27.34 -30.47 -3.68
C VAL D 202 27.44 -31.98 -3.75
N GLU D 203 27.17 -32.69 -2.66
CA GLU D 203 27.30 -34.15 -2.70
C GLU D 203 26.33 -34.80 -3.69
N THR D 204 25.45 -34.01 -4.28
CA THR D 204 24.47 -34.52 -5.24
C THR D 204 24.82 -34.19 -6.67
N VAL D 205 25.83 -33.35 -6.91
CA VAL D 205 26.17 -32.98 -8.28
C VAL D 205 26.81 -34.17 -8.97
N PRO D 206 26.30 -34.62 -10.10
CA PRO D 206 26.99 -35.68 -10.83
C PRO D 206 28.19 -35.12 -11.55
N CYS D 207 29.39 -35.39 -11.05
CA CYS D 207 30.60 -34.84 -11.60
C CYS D 207 31.67 -35.92 -11.68
N GLY D 208 32.37 -35.96 -12.80
CA GLY D 208 33.34 -37.01 -13.04
C GLY D 208 32.80 -38.01 -14.04
N THR D 209 33.26 -37.91 -15.29
CA THR D 209 32.76 -38.82 -16.32
C THR D 209 33.26 -40.25 -16.09
N VAL D 210 34.49 -40.39 -15.59
CA VAL D 210 35.11 -41.67 -15.22
C VAL D 210 34.79 -42.75 -16.24
N PRO D 211 35.41 -42.70 -17.43
CA PRO D 211 35.03 -43.62 -18.52
C PRO D 211 35.05 -45.10 -18.13
N GLY D 212 35.87 -45.47 -17.15
CA GLY D 212 35.97 -46.88 -16.77
C GLY D 212 34.71 -47.42 -16.12
N SER D 213 33.94 -46.55 -15.46
CA SER D 213 32.73 -46.95 -14.74
C SER D 213 31.58 -46.05 -15.17
N LYS D 214 30.43 -46.23 -14.53
CA LYS D 214 29.24 -45.50 -14.89
C LYS D 214 29.31 -44.06 -14.33
N GLU D 215 28.21 -43.32 -14.50
CA GLU D 215 28.14 -41.94 -14.07
C GLU D 215 27.70 -41.90 -12.62
N LEU D 216 28.42 -41.15 -11.79
CA LEU D 216 28.20 -41.14 -10.35
C LEU D 216 28.14 -39.70 -9.83
N PRO D 217 27.31 -39.47 -8.81
CA PRO D 217 27.40 -38.21 -8.09
C PRO D 217 28.61 -38.20 -7.19
N CYS D 218 29.10 -36.99 -6.88
CA CYS D 218 30.30 -36.87 -6.06
C CYS D 218 30.12 -37.52 -4.70
N GLY D 219 28.97 -37.30 -4.06
CA GLY D 219 28.79 -37.74 -2.70
C GLY D 219 28.98 -39.23 -2.50
N GLU D 220 28.80 -40.01 -3.54
CA GLU D 220 29.02 -41.45 -3.45
C GLU D 220 30.27 -41.92 -4.19
N ARG D 221 30.97 -41.00 -4.87
CA ARG D 221 32.26 -41.35 -5.45
C ARG D 221 33.38 -41.13 -4.45
N TYR D 222 33.45 -39.92 -3.88
CA TYR D 222 34.40 -39.60 -2.82
C TYR D 222 33.69 -39.77 -1.49
N SER D 223 33.44 -41.02 -1.12
CA SER D 223 32.60 -41.31 0.03
C SER D 223 33.20 -40.75 1.32
N VAL D 224 34.43 -41.18 1.64
CA VAL D 224 35.02 -40.82 2.92
C VAL D 224 35.40 -39.34 2.96
N ALA D 225 35.76 -38.77 1.81
CA ALA D 225 36.11 -37.36 1.79
C ALA D 225 34.93 -36.48 2.18
N PHE D 226 33.70 -36.94 1.90
CA PHE D 226 32.51 -36.23 2.34
C PHE D 226 32.07 -36.66 3.73
N PHE D 227 32.30 -37.92 4.08
CA PHE D 227 32.00 -38.38 5.43
C PHE D 227 32.79 -37.59 6.46
N CYS D 228 34.05 -37.28 6.16
CA CYS D 228 34.87 -36.55 7.11
C CYS D 228 34.36 -35.12 7.29
N LEU D 229 34.00 -34.46 6.19
CA LEU D 229 33.42 -33.13 6.29
C LEU D 229 32.16 -33.15 7.13
N ASP D 230 31.27 -34.11 6.87
CA ASP D 230 30.03 -34.19 7.62
C ASP D 230 30.30 -34.43 9.10
N THR D 231 31.23 -35.34 9.40
CA THR D 231 31.55 -35.64 10.78
C THR D 231 32.14 -34.44 11.50
N ALA D 232 33.06 -33.72 10.84
CA ALA D 232 33.66 -32.55 11.46
C ALA D 232 32.60 -31.50 11.78
N CYS D 233 31.77 -31.16 10.81
CA CYS D 233 30.77 -30.13 11.08
C CYS D 233 29.75 -30.57 12.12
N VAL D 234 29.36 -31.84 12.14
CA VAL D 234 28.42 -32.30 13.15
C VAL D 234 29.06 -32.33 14.52
N MET D 235 30.34 -32.67 14.62
CA MET D 235 31.00 -32.66 15.92
C MET D 235 31.12 -31.24 16.46
N ILE D 236 31.47 -30.28 15.61
CA ILE D 236 31.49 -28.89 16.08
C ILE D 236 30.09 -28.46 16.51
N PHE D 237 29.07 -28.86 15.75
CA PHE D 237 27.70 -28.51 16.12
C PHE D 237 27.35 -29.05 17.50
N THR D 238 27.63 -30.33 17.73
CA THR D 238 27.22 -30.93 19.00
C THR D 238 28.03 -30.36 20.16
N VAL D 239 29.30 -30.04 19.94
CA VAL D 239 30.09 -29.47 21.02
C VAL D 239 29.57 -28.09 21.39
N GLU D 240 29.33 -27.24 20.40
CA GLU D 240 28.83 -25.92 20.73
C GLU D 240 27.43 -25.99 21.32
N TYR D 241 26.64 -26.99 20.93
CA TYR D 241 25.33 -27.16 21.55
C TYR D 241 25.44 -27.56 23.00
N LEU D 242 26.38 -28.45 23.32
CA LEU D 242 26.56 -28.83 24.71
C LEU D 242 27.06 -27.65 25.53
N LEU D 243 27.87 -26.78 24.94
CA LEU D 243 28.25 -25.56 25.64
C LEU D 243 27.08 -24.59 25.80
N ARG D 244 26.17 -24.54 24.83
CA ARG D 244 24.93 -23.80 25.05
C ARG D 244 24.18 -24.36 26.25
N LEU D 245 24.13 -25.68 26.36
CA LEU D 245 23.36 -26.31 27.42
C LEU D 245 23.98 -26.06 28.78
N PHE D 246 25.25 -26.44 28.94
CA PHE D 246 25.90 -26.35 30.24
C PHE D 246 25.90 -24.92 30.77
N ALA D 247 25.92 -23.93 29.88
CA ALA D 247 25.94 -22.53 30.27
C ALA D 247 24.56 -21.92 30.40
N ALA D 248 23.50 -22.65 30.13
CA ALA D 248 22.17 -22.09 30.19
C ALA D 248 21.69 -22.04 31.63
N PRO D 249 21.37 -20.86 32.19
CA PRO D 249 20.91 -20.83 33.58
C PRO D 249 19.63 -21.60 33.79
N SER D 250 18.64 -21.36 32.95
CA SER D 250 17.35 -22.06 33.01
C SER D 250 17.39 -23.23 32.02
N ARG D 251 18.04 -24.31 32.43
CA ARG D 251 18.26 -25.44 31.52
C ARG D 251 16.96 -26.04 31.02
N TYR D 252 15.85 -25.82 31.72
CA TYR D 252 14.58 -26.31 31.20
C TYR D 252 13.98 -25.34 30.18
N ARG D 253 14.14 -24.04 30.39
CA ARG D 253 13.69 -23.08 29.39
C ARG D 253 14.47 -23.21 28.09
N PHE D 254 15.69 -23.74 28.16
CA PHE D 254 16.48 -23.92 26.95
C PHE D 254 15.94 -25.06 26.10
N ILE D 255 15.88 -26.26 26.66
CA ILE D 255 15.38 -27.42 25.93
C ILE D 255 14.00 -27.16 25.34
N ARG D 256 13.19 -26.35 26.02
CA ARG D 256 11.88 -26.02 25.53
C ARG D 256 11.90 -24.99 24.40
N SER D 257 13.00 -24.26 24.23
CA SER D 257 13.07 -23.21 23.25
C SER D 257 13.08 -23.78 21.83
N VAL D 258 12.90 -22.90 20.85
CA VAL D 258 12.83 -23.33 19.45
C VAL D 258 14.23 -23.59 18.91
N MET D 259 15.21 -22.76 19.30
CA MET D 259 16.56 -22.92 18.79
C MET D 259 17.15 -24.25 19.19
N SER D 260 16.88 -24.71 20.42
CA SER D 260 17.39 -26.01 20.82
C SER D 260 16.76 -27.12 20.02
N ILE D 261 15.47 -26.99 19.70
CA ILE D 261 14.80 -27.99 18.86
C ILE D 261 15.45 -28.02 17.49
N ILE D 262 15.69 -26.85 16.90
CA ILE D 262 16.31 -26.79 15.58
C ILE D 262 17.68 -27.45 15.63
N ASP D 263 18.48 -27.15 16.66
CA ASP D 263 19.81 -27.71 16.74
C ASP D 263 19.77 -29.22 16.87
N VAL D 264 18.89 -29.74 17.72
CA VAL D 264 18.89 -31.18 17.92
C VAL D 264 18.33 -31.90 16.69
N VAL D 265 17.37 -31.30 15.99
CA VAL D 265 16.86 -31.96 14.79
C VAL D 265 17.83 -31.78 13.62
N ALA D 266 18.74 -30.83 13.71
CA ALA D 266 19.78 -30.73 12.70
C ALA D 266 20.93 -31.67 12.99
N ILE D 267 21.09 -32.08 14.25
CA ILE D 267 22.20 -32.97 14.60
C ILE D 267 21.80 -34.43 14.44
N MET D 268 20.63 -34.82 14.97
CA MET D 268 20.28 -36.23 15.03
C MET D 268 20.38 -36.99 13.71
N PRO D 269 20.02 -36.44 12.54
CA PRO D 269 20.15 -37.20 11.30
C PRO D 269 21.54 -37.72 11.00
N TYR D 270 22.53 -37.36 11.82
CA TYR D 270 23.85 -37.94 11.67
C TYR D 270 24.01 -39.20 12.51
N TYR D 271 23.64 -39.14 13.78
CA TYR D 271 23.76 -40.32 14.64
C TYR D 271 22.76 -41.39 14.24
N ILE D 272 21.52 -41.01 13.97
CA ILE D 272 20.54 -41.97 13.49
C ILE D 272 21.04 -42.61 12.21
N GLY D 273 21.82 -41.88 11.41
CA GLY D 273 22.42 -42.48 10.24
C GLY D 273 23.45 -43.54 10.60
N LEU D 274 24.08 -43.41 11.76
CA LEU D 274 25.06 -44.41 12.17
C LEU D 274 24.38 -45.65 12.72
N VAL D 275 23.29 -45.48 13.48
CA VAL D 275 22.62 -46.66 14.03
C VAL D 275 21.94 -47.46 12.92
N MET D 276 21.57 -46.83 11.82
CA MET D 276 20.85 -47.47 10.74
C MET D 276 21.75 -47.78 9.54
N THR D 277 22.96 -48.27 9.79
CA THR D 277 23.92 -48.61 8.74
C THR D 277 23.29 -49.46 7.65
N ASN D 278 23.88 -49.41 6.45
CA ASN D 278 23.32 -50.01 5.24
C ASN D 278 23.04 -51.50 5.35
N ASN D 279 23.48 -52.14 6.44
CA ASN D 279 23.16 -53.55 6.65
C ASN D 279 21.65 -53.72 6.86
N GLU D 280 21.06 -52.94 7.75
CA GLU D 280 19.63 -53.02 8.06
C GLU D 280 18.99 -51.69 7.69
N ASP D 281 18.56 -51.58 6.44
CA ASP D 281 17.89 -50.37 5.97
C ASP D 281 17.23 -50.62 4.63
N VAL D 282 16.27 -49.78 4.29
CA VAL D 282 15.66 -49.74 2.96
C VAL D 282 15.88 -48.34 2.41
N SER D 283 16.33 -48.26 1.15
CA SER D 283 16.76 -46.99 0.57
C SER D 283 15.64 -45.97 0.45
N GLY D 284 14.43 -46.29 0.88
CA GLY D 284 13.36 -45.32 0.91
C GLY D 284 13.10 -44.71 2.27
N ALA D 285 13.81 -45.16 3.30
CA ALA D 285 13.65 -44.63 4.65
C ALA D 285 14.82 -43.76 5.07
N PHE D 286 15.88 -43.68 4.28
CA PHE D 286 17.00 -42.80 4.57
C PHE D 286 16.95 -41.50 3.79
N VAL D 287 16.19 -41.45 2.70
CA VAL D 287 15.99 -40.20 1.98
C VAL D 287 15.45 -39.14 2.93
N THR D 288 14.57 -39.54 3.84
CA THR D 288 14.08 -38.59 4.85
C THR D 288 15.23 -38.02 5.67
N LEU D 289 16.25 -38.82 5.96
CA LEU D 289 17.37 -38.32 6.74
C LEU D 289 18.13 -37.25 5.97
N ARG D 290 18.46 -37.50 4.70
CA ARG D 290 19.15 -36.49 3.92
C ARG D 290 18.30 -35.25 3.72
N VAL D 291 16.98 -35.41 3.68
CA VAL D 291 16.13 -34.24 3.59
C VAL D 291 16.18 -33.43 4.88
N PHE D 292 16.07 -34.10 6.02
CA PHE D 292 16.17 -33.40 7.30
C PHE D 292 17.53 -32.76 7.49
N ARG D 293 18.53 -33.24 6.81
CA ARG D 293 19.84 -32.61 6.90
C ARG D 293 19.88 -31.23 6.29
N VAL D 294 18.76 -30.67 5.82
CA VAL D 294 18.73 -29.29 5.37
C VAL D 294 18.24 -28.36 6.45
N PHE D 295 17.83 -28.89 7.60
CA PHE D 295 17.42 -28.04 8.70
C PHE D 295 18.60 -27.34 9.36
N ARG D 296 19.82 -27.78 9.08
CA ARG D 296 20.98 -27.10 9.60
C ARG D 296 21.34 -25.88 8.79
N ILE D 297 20.40 -25.40 7.98
CA ILE D 297 20.49 -24.08 7.39
C ILE D 297 19.72 -23.07 8.22
N PHE D 298 18.86 -23.52 9.13
CA PHE D 298 18.13 -22.60 9.99
C PHE D 298 18.97 -22.10 11.14
N LYS D 299 20.11 -22.73 11.41
CA LYS D 299 21.00 -22.24 12.44
C LYS D 299 21.51 -20.85 12.15
N PHE D 300 21.37 -20.36 10.91
CA PHE D 300 21.66 -18.98 10.60
C PHE D 300 20.76 -18.01 11.34
N SER D 301 19.74 -18.52 12.04
CA SER D 301 18.87 -17.64 12.80
C SER D 301 19.63 -16.90 13.89
N ARG D 302 20.74 -17.49 14.38
CA ARG D 302 21.54 -16.79 15.37
C ARG D 302 22.32 -15.65 14.75
N HIS D 303 22.81 -15.83 13.53
CA HIS D 303 23.64 -14.82 12.89
C HIS D 303 22.82 -13.77 12.15
N SER D 304 21.60 -14.08 11.75
CA SER D 304 20.77 -13.14 11.02
C SER D 304 19.70 -12.57 11.93
N GLN D 305 19.43 -11.28 11.77
CA GLN D 305 18.34 -10.64 12.50
C GLN D 305 17.05 -10.68 11.70
N GLY D 306 17.15 -10.63 10.38
CA GLY D 306 15.96 -10.70 9.55
C GLY D 306 15.19 -11.98 9.72
N LEU D 307 15.89 -13.11 9.88
CA LEU D 307 15.20 -14.38 10.06
C LEU D 307 14.41 -14.41 11.37
N ARG D 308 15.00 -13.92 12.45
CA ARG D 308 14.28 -13.89 13.71
C ARG D 308 13.11 -12.92 13.65
N ILE D 309 13.28 -11.77 12.99
CA ILE D 309 12.16 -10.86 12.82
C ILE D 309 11.05 -11.52 12.01
N LEU D 310 11.43 -12.31 11.00
CA LEU D 310 10.43 -12.97 10.18
C LEU D 310 9.69 -14.02 10.98
N GLY D 311 10.39 -14.76 11.83
CA GLY D 311 9.70 -15.70 12.70
C GLY D 311 8.75 -15.00 13.65
N TYR D 312 9.18 -13.89 14.23
CA TYR D 312 8.33 -13.12 15.12
C TYR D 312 7.06 -12.68 14.40
N THR D 313 7.21 -12.14 13.20
CA THR D 313 6.03 -11.64 12.49
C THR D 313 5.20 -12.76 11.89
N LEU D 314 5.75 -13.96 11.76
CA LEU D 314 4.92 -15.07 11.32
C LEU D 314 4.09 -15.62 12.45
N LYS D 315 4.67 -15.73 13.65
CA LYS D 315 3.88 -16.13 14.80
C LYS D 315 2.95 -15.02 15.29
N SER D 316 3.22 -13.77 14.91
CA SER D 316 2.35 -12.68 15.29
C SER D 316 1.09 -12.64 14.44
N CYS D 317 1.09 -13.30 13.30
CA CYS D 317 0.00 -13.27 12.34
C CYS D 317 -0.57 -14.66 12.12
N ALA D 318 -0.75 -15.42 13.19
CA ALA D 318 -1.21 -16.79 13.04
C ALA D 318 -2.67 -16.87 12.60
N SER D 319 -3.51 -15.92 13.02
CA SER D 319 -4.93 -16.00 12.70
C SER D 319 -5.19 -15.71 11.23
N GLU D 320 -4.60 -14.64 10.70
CA GLU D 320 -4.73 -14.37 9.28
C GLU D 320 -4.16 -15.51 8.44
N LEU D 321 -3.06 -16.12 8.89
CA LEU D 321 -2.49 -17.23 8.13
C LEU D 321 -3.41 -18.45 8.16
N GLY D 322 -4.01 -18.74 9.31
CA GLY D 322 -4.96 -19.82 9.38
C GLY D 322 -6.15 -19.58 8.47
N PHE D 323 -6.65 -18.35 8.45
CA PHE D 323 -7.77 -18.05 7.57
C PHE D 323 -7.37 -18.12 6.11
N LEU D 324 -6.13 -17.72 5.79
CA LEU D 324 -5.65 -17.88 4.42
C LEU D 324 -5.65 -19.34 4.02
N LEU D 325 -5.13 -20.21 4.89
CA LEU D 325 -5.13 -21.63 4.59
C LEU D 325 -6.55 -22.14 4.39
N PHE D 326 -7.46 -21.75 5.25
CA PHE D 326 -8.84 -22.24 5.16
C PHE D 326 -9.51 -21.77 3.88
N SER D 327 -9.46 -20.47 3.61
CA SER D 327 -10.11 -19.94 2.42
C SER D 327 -9.49 -20.50 1.16
N LEU D 328 -8.17 -20.64 1.14
CA LEU D 328 -7.51 -21.24 -0.01
C LEU D 328 -7.97 -22.67 -0.21
N THR D 329 -8.11 -23.42 0.87
CA THR D 329 -8.56 -24.81 0.75
C THR D 329 -9.95 -24.87 0.14
N MET D 330 -10.87 -24.04 0.63
CA MET D 330 -12.23 -24.14 0.13
C MET D 330 -12.34 -23.61 -1.29
N ALA D 331 -11.59 -22.57 -1.64
CA ALA D 331 -11.58 -22.11 -3.02
C ALA D 331 -11.04 -23.19 -3.94
N ILE D 332 -9.98 -23.87 -3.53
CA ILE D 332 -9.42 -24.95 -4.33
C ILE D 332 -10.44 -26.04 -4.54
N ILE D 333 -11.17 -26.41 -3.48
CA ILE D 333 -12.16 -27.48 -3.62
C ILE D 333 -13.27 -27.07 -4.58
N ILE D 334 -13.78 -25.85 -4.43
CA ILE D 334 -14.87 -25.41 -5.29
C ILE D 334 -14.44 -25.39 -6.75
N PHE D 335 -13.32 -24.73 -7.04
CA PHE D 335 -12.91 -24.60 -8.43
C PHE D 335 -12.46 -25.92 -8.99
N ALA D 336 -11.95 -26.83 -8.15
CA ALA D 336 -11.57 -28.14 -8.65
C ALA D 336 -12.78 -28.95 -9.03
N THR D 337 -13.85 -28.87 -8.23
CA THR D 337 -15.08 -29.58 -8.60
C THR D 337 -15.64 -29.05 -9.90
N VAL D 338 -15.70 -27.72 -10.03
CA VAL D 338 -16.24 -27.13 -11.26
C VAL D 338 -15.40 -27.54 -12.46
N MET D 339 -14.08 -27.39 -12.36
CA MET D 339 -13.22 -27.70 -13.48
C MET D 339 -13.22 -29.18 -13.80
N PHE D 340 -13.43 -30.04 -12.81
CA PHE D 340 -13.46 -31.47 -13.09
C PHE D 340 -14.71 -31.84 -13.83
N TYR D 341 -15.86 -31.34 -13.39
CA TYR D 341 -17.09 -31.70 -14.08
C TYR D 341 -17.21 -31.03 -15.44
N ALA D 342 -16.52 -29.91 -15.64
CA ALA D 342 -16.54 -29.29 -16.96
C ALA D 342 -15.62 -30.03 -17.93
N GLU D 343 -14.43 -30.39 -17.48
CA GLU D 343 -13.42 -31.01 -18.32
C GLU D 343 -13.39 -32.52 -18.18
N LYS D 344 -14.44 -33.11 -17.62
CA LYS D 344 -14.45 -34.54 -17.35
C LYS D 344 -14.27 -35.34 -18.63
N GLY D 345 -15.14 -35.14 -19.61
CA GLY D 345 -15.07 -35.89 -20.84
C GLY D 345 -14.39 -35.17 -21.97
N SER D 346 -13.13 -35.51 -22.23
CA SER D 346 -12.39 -34.92 -23.33
C SER D 346 -11.42 -35.96 -23.87
N SER D 347 -10.66 -35.56 -24.88
CA SER D 347 -9.80 -36.49 -25.62
C SER D 347 -8.85 -37.22 -24.69
N ALA D 348 -7.92 -36.48 -24.09
CA ALA D 348 -6.97 -37.01 -23.13
C ALA D 348 -6.99 -36.16 -21.88
N SER D 349 -8.20 -35.86 -21.41
CA SER D 349 -8.40 -34.96 -20.29
C SER D 349 -7.60 -35.42 -19.09
N LYS D 350 -6.64 -34.62 -18.66
CA LYS D 350 -5.89 -34.91 -17.45
C LYS D 350 -6.64 -34.55 -16.19
N PHE D 351 -7.90 -34.11 -16.31
CA PHE D 351 -8.76 -33.93 -15.16
C PHE D 351 -9.46 -35.26 -14.87
N THR D 352 -8.65 -36.25 -14.53
CA THR D 352 -9.20 -37.57 -14.27
C THR D 352 -9.94 -37.64 -12.94
N SER D 353 -9.70 -36.70 -12.05
CA SER D 353 -10.32 -36.73 -10.73
C SER D 353 -10.18 -35.37 -10.09
N ILE D 354 -11.00 -35.13 -9.07
CA ILE D 354 -10.99 -33.83 -8.40
C ILE D 354 -9.67 -33.65 -7.67
N PRO D 355 -9.13 -34.67 -6.98
CA PRO D 355 -7.74 -34.57 -6.53
C PRO D 355 -6.78 -34.24 -7.65
N ALA D 356 -6.95 -34.85 -8.83
CA ALA D 356 -6.09 -34.51 -9.95
C ALA D 356 -6.34 -33.11 -10.48
N SER D 357 -7.45 -32.48 -10.13
CA SER D 357 -7.73 -31.11 -10.53
C SER D 357 -7.23 -30.10 -9.51
N PHE D 358 -6.95 -30.54 -8.29
CA PHE D 358 -6.29 -29.68 -7.32
C PHE D 358 -5.04 -29.05 -7.91
N TRP D 359 -4.29 -29.81 -8.72
CA TRP D 359 -3.06 -29.32 -9.29
C TRP D 359 -3.32 -28.15 -10.23
N TYR D 360 -4.26 -28.33 -11.17
CA TYR D 360 -4.62 -27.23 -12.06
C TYR D 360 -5.07 -26.03 -11.28
N THR D 361 -5.91 -26.24 -10.27
CA THR D 361 -6.47 -25.10 -9.56
C THR D 361 -5.40 -24.32 -8.82
N ILE D 362 -4.49 -25.02 -8.14
CA ILE D 362 -3.46 -24.31 -7.38
C ILE D 362 -2.44 -23.69 -8.32
N VAL D 363 -2.24 -24.23 -9.51
CA VAL D 363 -1.33 -23.60 -10.44
C VAL D 363 -1.96 -22.36 -11.06
N THR D 364 -3.26 -22.36 -11.28
CA THR D 364 -3.91 -21.21 -11.89
C THR D 364 -4.13 -20.09 -10.89
N MET D 365 -4.55 -20.42 -9.67
CA MET D 365 -4.87 -19.38 -8.69
C MET D 365 -3.66 -18.52 -8.35
N THR D 366 -2.45 -19.06 -8.47
CA THR D 366 -1.25 -18.31 -8.15
C THR D 366 -0.67 -17.59 -9.35
N THR D 367 -1.37 -17.58 -10.48
CA THR D 367 -0.86 -17.04 -11.74
C THR D 367 0.46 -17.68 -12.13
N LEU D 368 0.69 -18.91 -11.70
CA LEU D 368 1.88 -19.63 -12.11
C LEU D 368 1.77 -20.02 -13.58
N GLY D 369 0.78 -20.84 -13.91
CA GLY D 369 0.51 -21.19 -15.29
C GLY D 369 1.62 -21.98 -15.93
N TYR D 370 1.83 -23.21 -15.49
CA TYR D 370 2.81 -24.06 -16.15
C TYR D 370 2.38 -24.37 -17.56
N GLY D 371 1.13 -24.79 -17.73
CA GLY D 371 0.60 -25.08 -19.04
C GLY D 371 0.54 -26.55 -19.38
N ASP D 372 0.77 -27.44 -18.41
CA ASP D 372 0.65 -28.87 -18.68
C ASP D 372 -0.78 -29.35 -18.57
N MET D 373 -1.59 -28.71 -17.73
CA MET D 373 -3.02 -28.97 -17.63
C MET D 373 -3.74 -27.70 -18.00
N VAL D 374 -4.42 -27.70 -19.15
CA VAL D 374 -5.18 -26.54 -19.59
C VAL D 374 -6.56 -26.99 -20.00
N PRO D 375 -7.59 -26.19 -19.80
CA PRO D 375 -8.93 -26.58 -20.25
C PRO D 375 -9.03 -26.55 -21.76
N LYS D 376 -10.02 -27.27 -22.27
CA LYS D 376 -10.24 -27.34 -23.70
C LYS D 376 -11.68 -27.14 -24.11
N THR D 377 -12.61 -27.02 -23.18
CA THR D 377 -14.00 -26.75 -23.48
C THR D 377 -14.32 -25.29 -23.16
N ILE D 378 -15.54 -24.88 -23.51
CA ILE D 378 -15.93 -23.50 -23.26
C ILE D 378 -16.11 -23.26 -21.78
N ALA D 379 -16.79 -24.16 -21.09
CA ALA D 379 -17.01 -24.00 -19.66
C ALA D 379 -15.69 -24.06 -18.88
N GLY D 380 -14.81 -24.98 -19.27
CA GLY D 380 -13.51 -25.04 -18.64
C GLY D 380 -12.75 -23.73 -18.77
N LYS D 381 -12.82 -23.11 -19.94
CA LYS D 381 -12.12 -21.85 -20.14
C LYS D 381 -12.74 -20.74 -19.32
N ILE D 382 -14.07 -20.63 -19.32
CA ILE D 382 -14.72 -19.59 -18.52
C ILE D 382 -14.35 -19.72 -17.06
N PHE D 383 -14.36 -20.93 -16.54
CA PHE D 383 -14.11 -21.10 -15.12
C PHE D 383 -12.64 -21.05 -14.75
N GLY D 384 -11.74 -21.39 -15.66
CA GLY D 384 -10.33 -21.14 -15.39
C GLY D 384 -10.05 -19.66 -15.35
N SER D 385 -10.70 -18.92 -16.25
CA SER D 385 -10.60 -17.47 -16.24
C SER D 385 -11.05 -16.91 -14.90
N ILE D 386 -12.23 -17.33 -14.43
CA ILE D 386 -12.72 -16.85 -13.14
C ILE D 386 -11.79 -17.28 -12.03
N CYS D 387 -11.21 -18.49 -12.13
CA CYS D 387 -10.37 -19.03 -11.09
C CYS D 387 -9.11 -18.19 -10.89
N SER D 388 -8.51 -17.74 -11.98
CA SER D 388 -7.29 -16.94 -11.86
C SER D 388 -7.56 -15.67 -11.06
N LEU D 389 -8.61 -14.95 -11.42
CA LEU D 389 -8.95 -13.71 -10.72
C LEU D 389 -9.28 -13.99 -9.25
N SER D 390 -10.09 -15.02 -9.00
CA SER D 390 -10.46 -15.34 -7.63
C SER D 390 -9.25 -15.67 -6.79
N GLY D 391 -8.27 -16.37 -7.36
CA GLY D 391 -7.06 -16.66 -6.62
C GLY D 391 -6.24 -15.42 -6.35
N VAL D 392 -6.09 -14.56 -7.36
CA VAL D 392 -5.40 -13.30 -7.14
C VAL D 392 -6.03 -12.54 -5.98
N LEU D 393 -7.35 -12.56 -5.91
CA LEU D 393 -8.04 -11.87 -4.82
C LEU D 393 -7.76 -12.52 -3.48
N VAL D 394 -7.98 -13.84 -3.38
CA VAL D 394 -7.91 -14.51 -2.09
C VAL D 394 -6.48 -14.60 -1.57
N ILE D 395 -5.48 -14.49 -2.43
CA ILE D 395 -4.10 -14.53 -1.97
C ILE D 395 -3.60 -13.16 -1.54
N ALA D 396 -4.19 -12.10 -2.08
CA ALA D 396 -3.78 -10.75 -1.73
C ALA D 396 -4.36 -10.26 -0.41
N LEU D 397 -4.99 -11.13 0.37
CA LEU D 397 -5.51 -10.69 1.66
C LEU D 397 -4.46 -10.68 2.76
N PRO D 398 -3.64 -11.73 2.93
CA PRO D 398 -2.67 -11.72 4.03
C PRO D 398 -1.46 -10.85 3.76
N VAL D 399 -1.02 -10.79 2.51
CA VAL D 399 0.19 -10.10 2.11
C VAL D 399 0.29 -8.69 2.70
N PRO D 400 -0.76 -7.85 2.63
CA PRO D 400 -0.62 -6.50 3.18
C PRO D 400 -0.25 -6.50 4.66
N VAL D 401 -1.05 -7.17 5.49
CA VAL D 401 -0.79 -7.14 6.92
C VAL D 401 0.53 -7.81 7.24
N ILE D 402 0.91 -8.85 6.50
CA ILE D 402 2.17 -9.52 6.77
C ILE D 402 3.34 -8.57 6.53
N VAL D 403 3.39 -7.93 5.36
CA VAL D 403 4.53 -7.07 5.08
C VAL D 403 4.49 -5.84 5.97
N SER D 404 3.29 -5.36 6.34
CA SER D 404 3.21 -4.23 7.24
C SER D 404 3.80 -4.58 8.60
N ASN D 405 3.40 -5.74 9.16
CA ASN D 405 3.95 -6.16 10.44
C ASN D 405 5.45 -6.38 10.36
N PHE D 406 5.93 -6.92 9.25
CA PHE D 406 7.36 -7.14 9.12
C PHE D 406 8.12 -5.81 9.15
N SER D 407 7.70 -4.86 8.32
CA SER D 407 8.36 -3.57 8.31
C SER D 407 8.25 -2.90 9.67
N ARG D 408 7.12 -3.06 10.35
CA ARG D 408 6.93 -2.42 11.64
C ARG D 408 7.89 -2.98 12.68
N ILE D 409 7.99 -4.31 12.76
CA ILE D 409 8.91 -4.91 13.73
C ILE D 409 10.35 -4.56 13.40
N TYR D 410 10.69 -4.59 12.10
CA TYR D 410 12.02 -4.21 11.66
C TYR D 410 12.38 -2.81 12.17
N HIS D 411 11.57 -1.81 11.81
CA HIS D 411 11.88 -0.45 12.20
C HIS D 411 11.73 -0.23 13.69
N GLN D 412 10.88 -1.01 14.36
CA GLN D 412 10.77 -0.90 15.81
C GLN D 412 12.07 -1.31 16.47
N ASN D 413 12.64 -2.44 16.06
CA ASN D 413 13.94 -2.83 16.60
C ASN D 413 15.01 -1.82 16.22
N GLN D 414 14.92 -1.26 15.01
CA GLN D 414 15.87 -0.23 14.61
C GLN D 414 15.84 0.94 15.58
N ARG D 415 14.69 1.60 15.70
CA ARG D 415 14.58 2.75 16.59
C ARG D 415 14.82 2.36 18.04
N ALA D 416 14.56 1.10 18.41
CA ALA D 416 14.78 0.68 19.79
C ALA D 416 16.27 0.66 20.11
N ASP D 417 17.08 0.05 19.25
CA ASP D 417 18.51 0.04 19.54
C ASP D 417 19.12 1.42 19.37
N LYS D 418 18.60 2.23 18.45
CA LYS D 418 19.02 3.64 18.36
C LYS D 418 18.79 4.36 19.69
N ARG D 419 17.57 4.32 20.20
CA ARG D 419 17.27 5.03 21.44
C ARG D 419 18.04 4.43 22.62
N ARG D 420 18.31 3.13 22.59
CA ARG D 420 19.08 2.51 23.67
C ARG D 420 20.51 3.03 23.68
N ALA D 421 21.14 3.07 22.50
CA ALA D 421 22.49 3.62 22.41
C ALA D 421 22.50 5.09 22.79
N GLN D 422 21.46 5.84 22.39
CA GLN D 422 21.39 7.25 22.74
C GLN D 422 21.27 7.44 24.24
N LYS D 423 20.47 6.61 24.91
CA LYS D 423 20.28 6.74 26.35
C LYS D 423 21.53 6.29 27.11
N LYS D 424 22.22 5.28 26.61
CA LYS D 424 23.46 4.85 27.26
C LYS D 424 24.61 5.81 27.00
N ALA D 425 24.53 6.61 25.94
CA ALA D 425 25.54 7.64 25.70
C ALA D 425 25.28 8.90 26.51
N ARG D 426 24.11 9.03 27.13
CA ARG D 426 23.76 10.21 27.91
C ARG D 426 24.73 10.43 29.07
#